data_6J0F
#
_entry.id   6J0F
#
loop_
_entity.id
_entity.type
_entity.pdbx_description
1 polymer Pvc16
2 polymer Pvc1
#
loop_
_entity_poly.entity_id
_entity_poly.type
_entity_poly.pdbx_seq_one_letter_code
_entity_poly.pdbx_strand_id
1 'polypeptide(L)'
;MLNTQTIIDVNKAMDAMLRAYLNQDIAIRFDLPELDTMQSDAMVSIFLYDIHEDLQLRSAESRGFDVYAGRLLPGWVNIK
CNYLITYWEASKPATDASSPDSQPDNQAIQVMSQVLNALINNRQLAGIPGAYTQVVPPKESLNSLGNFWQSLGNRPRLSL
NYSVTVPVSLNDGQDSATPVTAVSSTVEQTASLSQEVVSHALRELLITELGGGEDNRLVLSKVELSAVKETMTQDSPAQM
IILLSVSGITRQEYLKEIDNIFDRWVNNAEVITTIDDCGIRIESITKDNLVGI
;
A,B,C,D,E,F
2 'polypeptide(L)'
;MSTSTSQIAVEYPIPVYRFIVSVGDEKIPFNSVSGLDISYDTIEYRDGVGNWFKMPGQSQSTNITLRKGVFPGKTELFDW
INSIQLNQVEKKDITISLTNDAGTELLMTWNVSNAFPTSLTSPSFDATSNDIAVQEITLMADRVIMQAV
;
a,b,c,d,e,f
#
# COMPACT_ATOMS: atom_id res chain seq x y z
N LEU A 2 18.27 33.53 13.88
CA LEU A 2 18.71 32.35 13.16
C LEU A 2 20.07 31.86 13.66
N ASN A 3 20.45 32.30 14.85
CA ASN A 3 21.61 31.74 15.53
C ASN A 3 21.23 30.43 16.20
N THR A 4 22.22 29.78 16.80
CA THR A 4 21.97 28.49 17.40
C THR A 4 21.35 28.66 18.78
N GLN A 5 20.30 27.89 19.05
CA GLN A 5 19.40 28.15 20.16
C GLN A 5 19.52 27.11 21.26
N THR A 6 18.65 27.22 22.24
CA THR A 6 18.55 26.27 23.34
C THR A 6 17.07 26.06 23.57
N ILE A 7 16.71 24.93 24.20
CA ILE A 7 15.31 24.60 24.41
C ILE A 7 14.64 25.58 25.38
N ILE A 8 15.41 26.19 26.29
CA ILE A 8 14.83 27.23 27.13
C ILE A 8 14.60 28.50 26.31
N ASP A 9 15.45 28.77 25.32
CA ASP A 9 15.28 29.96 24.50
C ASP A 9 14.10 29.87 23.55
N VAL A 10 13.62 28.67 23.25
CA VAL A 10 12.37 28.56 22.51
C VAL A 10 11.18 28.44 23.47
N ASN A 11 11.43 28.06 24.73
CA ASN A 11 10.34 28.05 25.70
C ASN A 11 10.05 29.45 26.22
N LYS A 12 11.08 30.28 26.37
CA LYS A 12 10.87 31.67 26.76
C LYS A 12 10.26 32.47 25.63
N ALA A 13 10.46 32.03 24.39
CA ALA A 13 9.83 32.71 23.26
C ALA A 13 8.38 32.31 23.08
N MET A 14 7.90 31.30 23.81
CA MET A 14 6.46 31.04 23.85
C MET A 14 5.74 32.13 24.63
N ASP A 15 6.28 32.50 25.78
CA ASP A 15 5.60 33.41 26.68
C ASP A 15 5.59 34.83 26.13
N ALA A 16 6.69 35.24 25.50
CA ALA A 16 6.73 36.59 24.92
C ALA A 16 5.89 36.68 23.65
N MET A 17 5.70 35.56 22.96
CA MET A 17 4.81 35.56 21.81
C MET A 17 3.35 35.60 22.25
N LEU A 18 2.99 34.77 23.22
CA LEU A 18 1.58 34.53 23.50
C LEU A 18 0.99 35.59 24.41
N ARG A 19 1.79 36.22 25.27
CA ARG A 19 1.23 37.18 26.20
C ARG A 19 1.02 38.55 25.59
N ALA A 20 1.44 38.76 24.35
CA ALA A 20 1.17 40.04 23.68
C ALA A 20 -0.22 40.07 23.05
N TYR A 21 -0.85 38.90 22.90
CA TYR A 21 -2.17 38.82 22.32
C TYR A 21 -3.24 38.40 23.33
N LEU A 22 -2.83 37.80 24.44
CA LEU A 22 -3.77 37.34 25.44
C LEU A 22 -4.22 38.50 26.33
N ASN A 23 -5.14 38.20 27.24
CA ASN A 23 -5.51 39.15 28.27
C ASN A 23 -4.38 39.28 29.29
N GLN A 24 -4.47 40.31 30.12
CA GLN A 24 -3.40 40.57 31.07
C GLN A 24 -3.51 39.72 32.32
N ASP A 25 -4.69 39.15 32.60
CA ASP A 25 -4.94 38.48 33.86
C ASP A 25 -5.16 36.98 33.69
N ILE A 26 -4.64 36.40 32.61
CA ILE A 26 -4.69 34.96 32.39
C ILE A 26 -3.32 34.38 32.68
N ALA A 27 -3.23 33.56 33.73
CA ALA A 27 -1.95 32.98 34.11
C ALA A 27 -1.52 31.94 33.08
N ILE A 28 -0.23 31.87 32.83
CA ILE A 28 0.34 30.97 31.83
C ILE A 28 1.30 30.04 32.55
N ARG A 29 0.89 28.79 32.71
CA ARG A 29 1.72 27.78 33.35
C ARG A 29 2.32 26.87 32.28
N PHE A 30 3.60 26.55 32.42
CA PHE A 30 4.28 25.73 31.44
C PHE A 30 4.31 24.27 31.83
N ASP A 31 3.36 23.81 32.63
CA ASP A 31 3.23 22.41 32.97
C ASP A 31 1.75 22.08 32.99
N LEU A 32 1.43 20.86 32.63
CA LEU A 32 0.05 20.40 32.72
C LEU A 32 -0.33 20.28 34.20
N PRO A 33 -1.44 20.88 34.63
CA PRO A 33 -1.74 20.95 36.06
C PRO A 33 -2.18 19.61 36.63
N GLU A 34 -2.29 19.58 37.94
CA GLU A 34 -2.63 18.35 38.65
C GLU A 34 -4.11 18.07 38.55
N LEU A 35 -4.56 17.02 39.26
CA LEU A 35 -5.94 16.56 39.12
C LEU A 35 -6.89 17.41 39.97
N ASP A 36 -6.59 17.58 41.26
CA ASP A 36 -7.46 18.37 42.12
C ASP A 36 -7.32 19.86 41.84
N THR A 37 -6.07 20.36 41.94
CA THR A 37 -5.59 21.72 41.61
C THR A 37 -6.51 22.84 42.10
N MET A 38 -6.62 22.97 43.41
CA MET A 38 -7.12 24.21 43.99
C MET A 38 -6.13 25.31 43.63
N GLN A 39 -6.53 26.20 42.72
CA GLN A 39 -5.57 27.08 42.06
C GLN A 39 -6.25 28.39 41.69
N SER A 40 -5.43 29.32 41.20
CA SER A 40 -5.95 30.52 40.58
C SER A 40 -6.63 30.14 39.27
N ASP A 41 -7.76 30.80 38.99
CA ASP A 41 -8.59 30.43 37.85
C ASP A 41 -7.91 30.77 36.53
N ALA A 42 -8.34 30.08 35.47
CA ALA A 42 -8.08 30.40 34.08
C ALA A 42 -6.58 30.39 33.76
N MET A 43 -6.00 29.20 33.80
CA MET A 43 -4.63 29.01 33.37
C MET A 43 -4.60 28.46 31.95
N VAL A 44 -3.66 28.98 31.15
CA VAL A 44 -3.38 28.42 29.84
C VAL A 44 -2.12 27.58 29.95
N SER A 45 -2.23 26.30 29.68
CA SER A 45 -1.17 25.34 29.97
C SER A 45 -0.41 25.02 28.69
N ILE A 46 0.77 25.61 28.53
CA ILE A 46 1.61 25.37 27.37
C ILE A 46 2.47 24.15 27.72
N PHE A 47 2.07 23.00 27.21
CA PHE A 47 2.68 21.73 27.58
C PHE A 47 3.56 21.25 26.44
N LEU A 48 4.81 20.92 26.76
CA LEU A 48 5.78 20.44 25.78
C LEU A 48 5.85 18.92 25.89
N TYR A 49 5.14 18.20 25.01
CA TYR A 49 4.94 16.78 25.26
C TYR A 49 6.02 15.89 24.66
N ASP A 50 6.57 16.23 23.51
CA ASP A 50 7.63 15.39 22.97
C ASP A 50 8.55 16.26 22.14
N ILE A 51 9.85 16.08 22.33
CA ILE A 51 10.86 16.73 21.51
C ILE A 51 11.73 15.65 20.88
N HIS A 52 11.98 15.80 19.58
CA HIS A 52 12.75 14.83 18.83
C HIS A 52 13.33 15.54 17.64
N GLU A 53 14.49 15.07 17.18
CA GLU A 53 15.09 15.69 16.01
C GLU A 53 14.31 15.30 14.77
N ASP A 54 14.10 16.27 13.88
CA ASP A 54 13.34 16.04 12.67
C ASP A 54 14.32 15.67 11.56
N LEU A 55 14.09 14.51 10.96
CA LEU A 55 14.98 14.03 9.92
C LEU A 55 14.78 14.78 8.62
N GLN A 56 13.63 15.44 8.46
CA GLN A 56 13.27 16.08 7.21
C GLN A 56 14.15 17.29 6.91
N LEU A 57 14.57 18.01 7.94
CA LEU A 57 15.32 19.25 7.77
C LEU A 57 16.82 19.07 7.77
N ARG A 58 17.33 17.85 7.93
CA ARG A 58 18.76 17.69 8.10
C ARG A 58 19.46 17.75 6.74
N SER A 59 20.78 17.77 6.79
CA SER A 59 21.57 17.94 5.58
C SER A 59 22.99 17.43 5.83
N ALA A 60 23.84 17.61 4.83
CA ALA A 60 25.20 17.12 4.86
C ALA A 60 26.16 18.28 5.11
N GLU A 61 26.56 18.45 6.36
CA GLU A 61 27.31 19.63 6.78
C GLU A 61 28.69 19.23 7.28
N SER A 62 29.71 19.93 6.79
CA SER A 62 31.04 19.84 7.36
C SER A 62 31.14 20.84 8.50
N ARG A 63 31.97 20.53 9.50
CA ARG A 63 32.22 21.48 10.57
C ARG A 63 32.99 22.66 10.01
N GLY A 64 32.44 23.85 10.19
CA GLY A 64 33.06 25.05 9.68
C GLY A 64 34.35 25.38 10.40
N PHE A 65 35.17 26.19 9.75
CA PHE A 65 36.49 26.50 10.24
C PHE A 65 36.59 27.99 10.48
N ASP A 66 36.82 28.37 11.74
CA ASP A 66 37.18 29.74 12.07
C ASP A 66 38.68 29.87 11.92
N VAL A 67 39.13 30.94 11.26
CA VAL A 67 40.53 31.03 10.90
C VAL A 67 41.32 31.78 11.97
N TYR A 68 40.71 32.81 12.58
CA TYR A 68 41.43 33.72 13.46
C TYR A 68 41.69 33.11 14.83
N ALA A 69 41.16 31.92 15.08
CA ALA A 69 41.38 31.22 16.34
C ALA A 69 42.01 29.86 16.16
N GLY A 70 42.04 29.32 14.95
CA GLY A 70 42.52 27.97 14.74
C GLY A 70 41.63 26.92 15.37
N ARG A 71 40.32 27.05 15.22
CA ARG A 71 39.35 26.25 15.93
C ARG A 71 38.29 25.75 14.98
N LEU A 72 37.73 24.58 15.30
CA LEU A 72 36.64 24.00 14.52
C LEU A 72 35.31 24.29 15.20
N LEU A 73 34.30 24.55 14.40
CA LEU A 73 32.97 24.93 14.87
C LEU A 73 32.21 23.69 15.34
N PRO A 74 31.29 23.84 16.31
CA PRO A 74 30.63 22.67 16.89
C PRO A 74 29.68 21.90 15.98
N GLY A 75 28.71 22.58 15.39
CA GLY A 75 27.69 21.90 14.63
C GLY A 75 26.34 21.90 15.35
N TRP A 76 25.30 21.57 14.60
CA TRP A 76 23.93 21.67 15.08
C TRP A 76 23.18 20.36 14.90
N VAL A 77 22.06 20.23 15.60
CA VAL A 77 21.31 18.98 15.66
C VAL A 77 19.93 19.07 15.01
N ASN A 78 19.33 20.27 14.93
CA ASN A 78 17.97 20.50 14.42
C ASN A 78 16.93 19.71 15.21
N ILE A 79 16.70 20.11 16.45
CA ILE A 79 15.71 19.45 17.28
C ILE A 79 14.36 20.16 17.17
N LYS A 80 13.29 19.37 17.05
CA LYS A 80 11.93 19.85 16.88
C LYS A 80 11.16 19.71 18.19
N CYS A 81 10.47 20.78 18.59
CA CYS A 81 9.78 20.82 19.87
C CYS A 81 8.29 20.98 19.65
N ASN A 82 7.49 19.98 20.02
CA ASN A 82 6.05 20.01 19.86
C ASN A 82 5.37 20.48 21.14
N TYR A 83 4.42 21.39 21.00
CA TYR A 83 3.70 21.93 22.14
C TYR A 83 2.24 21.46 22.13
N LEU A 84 1.52 21.81 23.20
CA LEU A 84 0.10 21.51 23.32
C LEU A 84 -0.51 22.56 24.24
N ILE A 85 -1.39 23.39 23.70
CA ILE A 85 -1.89 24.55 24.40
C ILE A 85 -3.37 24.35 24.69
N THR A 86 -3.71 24.13 25.95
CA THR A 86 -5.08 23.93 26.39
C THR A 86 -5.54 25.12 27.23
N TYR A 87 -6.73 25.01 27.80
CA TYR A 87 -7.26 26.05 28.68
C TYR A 87 -8.03 25.39 29.81
N TRP A 88 -7.62 25.67 31.04
CA TRP A 88 -8.23 25.08 32.23
C TRP A 88 -8.97 26.15 33.01
N GLU A 89 -9.89 25.72 33.86
CA GLU A 89 -10.67 26.61 34.70
C GLU A 89 -10.45 26.26 36.17
N ALA A 90 -11.23 26.90 37.04
CA ALA A 90 -11.13 26.65 38.47
C ALA A 90 -11.70 25.28 38.83
N SER A 102 -21.29 27.95 28.59
CA SER A 102 -22.70 27.62 28.51
C SER A 102 -23.45 28.61 27.63
N GLN A 103 -22.71 29.30 26.77
CA GLN A 103 -23.28 30.26 25.84
C GLN A 103 -22.50 30.15 24.53
N PRO A 104 -23.04 30.70 23.45
CA PRO A 104 -22.21 30.89 22.24
C PRO A 104 -20.97 31.72 22.50
N ASP A 105 -21.10 32.78 23.31
CA ASP A 105 -19.95 33.53 23.78
C ASP A 105 -19.46 32.86 25.06
N ASN A 106 -18.74 31.77 24.88
CA ASN A 106 -18.17 31.05 26.01
C ASN A 106 -16.98 31.82 26.58
N GLN A 107 -16.61 31.49 27.81
CA GLN A 107 -15.38 32.04 28.36
C GLN A 107 -14.17 31.30 27.82
N ALA A 108 -14.29 29.98 27.68
CA ALA A 108 -13.17 29.18 27.19
C ALA A 108 -12.90 29.41 25.72
N ILE A 109 -13.91 29.83 24.96
CA ILE A 109 -13.70 30.15 23.56
C ILE A 109 -12.94 31.46 23.43
N GLN A 110 -13.25 32.44 24.28
CA GLN A 110 -12.65 33.77 24.18
C GLN A 110 -11.17 33.74 24.50
N VAL A 111 -10.73 32.80 25.33
CA VAL A 111 -9.29 32.69 25.57
C VAL A 111 -8.62 31.86 24.49
N MET A 112 -9.28 30.79 24.03
CA MET A 112 -8.68 29.98 22.97
C MET A 112 -8.68 30.70 21.64
N SER A 113 -9.63 31.60 21.42
CA SER A 113 -9.57 32.43 20.22
C SER A 113 -8.44 33.45 20.31
N GLN A 114 -8.12 33.91 21.52
CA GLN A 114 -6.99 34.83 21.67
C GLN A 114 -5.66 34.09 21.52
N VAL A 115 -5.62 32.80 21.85
CA VAL A 115 -4.42 32.02 21.59
C VAL A 115 -4.29 31.73 20.11
N LEU A 116 -5.41 31.42 19.46
CA LEU A 116 -5.40 31.04 18.05
C LEU A 116 -5.02 32.20 17.15
N ASN A 117 -5.45 33.42 17.50
CA ASN A 117 -5.03 34.58 16.75
C ASN A 117 -3.56 34.91 17.00
N ALA A 118 -2.95 34.33 18.03
CA ALA A 118 -1.52 34.51 18.23
C ALA A 118 -0.71 33.43 17.53
N LEU A 119 -1.29 32.26 17.32
CA LEU A 119 -0.54 31.18 16.67
C LEU A 119 -0.47 31.36 15.17
N ILE A 120 -1.59 31.67 14.53
CA ILE A 120 -1.58 31.79 13.08
C ILE A 120 -0.95 33.10 12.63
N ASN A 121 -0.87 34.09 13.52
CA ASN A 121 -0.22 35.34 13.15
C ASN A 121 1.29 35.21 13.23
N ASN A 122 1.80 34.44 14.18
CA ASN A 122 3.23 34.17 14.30
C ASN A 122 3.62 32.89 13.58
N ARG A 123 3.49 32.87 12.26
CA ARG A 123 3.89 31.71 11.48
C ARG A 123 5.39 31.48 11.56
N GLN A 124 6.18 32.52 11.36
CA GLN A 124 7.56 32.51 11.80
C GLN A 124 7.59 33.18 13.16
N LEU A 125 8.37 32.61 14.09
CA LEU A 125 8.27 33.05 15.47
C LEU A 125 9.03 34.36 15.64
N ALA A 126 8.36 35.34 16.25
CA ALA A 126 8.86 36.72 16.19
C ALA A 126 10.05 36.94 17.11
N GLY A 127 10.06 36.30 18.28
CA GLY A 127 11.20 36.43 19.16
C GLY A 127 12.42 35.68 18.68
N ILE A 128 12.24 34.71 17.78
CA ILE A 128 13.30 33.85 17.29
C ILE A 128 13.04 33.59 15.81
N PRO A 129 13.46 34.49 14.94
CA PRO A 129 13.16 34.33 13.52
C PRO A 129 14.05 33.28 12.88
N GLY A 130 13.58 32.73 11.77
CA GLY A 130 14.30 31.70 11.08
C GLY A 130 14.01 30.29 11.54
N ALA A 131 13.28 30.11 12.63
CA ALA A 131 12.90 28.79 13.06
C ALA A 131 11.75 28.28 12.20
N TYR A 132 11.90 27.08 11.66
CA TYR A 132 10.92 26.50 10.75
C TYR A 132 9.79 25.88 11.57
N THR A 133 8.62 26.51 11.55
CA THR A 133 7.53 26.14 12.44
C THR A 133 6.33 25.64 11.65
N GLN A 134 5.57 24.75 12.27
CA GLN A 134 4.27 24.32 11.77
C GLN A 134 3.20 24.76 12.76
N VAL A 135 2.25 25.56 12.30
CA VAL A 135 1.12 25.97 13.13
C VAL A 135 -0.02 25.00 12.87
N VAL A 136 -0.79 24.72 13.93
CA VAL A 136 -2.03 23.94 14.04
C VAL A 136 -2.23 22.84 12.99
N PRO A 137 -1.30 21.89 12.85
CA PRO A 137 -1.36 20.98 11.70
C PRO A 137 -2.40 19.89 11.93
N PRO A 138 -2.94 19.31 10.86
CA PRO A 138 -3.90 18.21 11.01
C PRO A 138 -3.25 16.88 11.40
N LYS A 139 -2.86 16.79 12.67
CA LYS A 139 -2.17 15.61 13.17
C LYS A 139 -3.10 14.62 13.85
N GLU A 140 -4.36 14.98 14.06
CA GLU A 140 -5.20 14.26 15.00
C GLU A 140 -6.38 13.56 14.34
N SER A 141 -6.96 12.64 15.11
CA SER A 141 -8.21 11.99 14.80
C SER A 141 -8.98 11.88 16.12
N LEU A 142 -10.17 11.29 16.07
CA LEU A 142 -10.89 11.07 17.31
C LEU A 142 -10.32 9.88 18.07
N ASN A 143 -9.70 8.94 17.35
CA ASN A 143 -9.06 7.81 18.02
C ASN A 143 -7.79 8.24 18.72
N SER A 144 -7.02 9.13 18.11
CA SER A 144 -5.80 9.59 18.76
C SER A 144 -6.11 10.56 19.90
N LEU A 145 -7.15 11.37 19.75
CA LEU A 145 -7.53 12.27 20.83
C LEU A 145 -8.25 11.53 21.94
N GLY A 146 -8.80 10.34 21.63
CA GLY A 146 -9.43 9.55 22.66
C GLY A 146 -8.44 9.02 23.67
N ASN A 147 -7.23 8.68 23.21
CA ASN A 147 -6.21 8.18 24.13
C ASN A 147 -5.55 9.32 24.88
N PHE A 148 -5.64 10.54 24.36
CA PHE A 148 -5.07 11.68 25.07
C PHE A 148 -6.02 12.16 26.15
N TRP A 149 -7.32 12.19 25.87
CA TRP A 149 -8.29 12.64 26.86
C TRP A 149 -8.41 11.65 28.01
N GLN A 150 -8.11 10.37 27.77
CA GLN A 150 -8.07 9.41 28.85
C GLN A 150 -6.90 9.66 29.77
N SER A 151 -5.82 10.23 29.23
CA SER A 151 -4.58 10.32 29.98
C SER A 151 -4.68 11.35 31.10
N LEU A 152 -5.31 12.49 30.84
CA LEU A 152 -5.42 13.54 31.85
C LEU A 152 -6.75 13.41 32.61
N GLY A 153 -7.00 12.18 33.08
CA GLY A 153 -8.08 11.94 34.02
C GLY A 153 -9.48 12.10 33.47
N ASN A 154 -9.71 11.68 32.22
CA ASN A 154 -11.04 11.55 31.61
C ASN A 154 -11.77 12.89 31.52
N ARG A 155 -11.07 13.93 31.11
CA ARG A 155 -11.68 15.26 30.94
C ARG A 155 -11.44 15.75 29.53
N PRO A 156 -12.37 15.63 28.61
CA PRO A 156 -12.13 16.08 27.24
C PRO A 156 -12.23 17.59 27.13
N ARG A 157 -11.37 18.15 26.29
CA ARG A 157 -11.32 19.60 26.08
C ARG A 157 -10.64 19.88 24.75
N LEU A 158 -10.55 21.16 24.42
CA LEU A 158 -9.92 21.62 23.19
C LEU A 158 -8.42 21.71 23.41
N SER A 159 -7.66 21.52 22.33
CA SER A 159 -6.21 21.59 22.42
C SER A 159 -5.64 22.04 21.09
N LEU A 160 -4.74 23.03 21.16
CA LEU A 160 -4.00 23.48 20.00
C LEU A 160 -2.55 23.05 20.14
N ASN A 161 -1.97 22.58 19.05
CA ASN A 161 -0.59 22.13 19.06
C ASN A 161 0.20 22.88 18.01
N TYR A 162 1.46 23.13 18.31
CA TYR A 162 2.27 24.10 17.58
C TYR A 162 3.73 23.73 17.77
N SER A 163 4.44 23.50 16.68
CA SER A 163 5.73 22.82 16.73
C SER A 163 6.82 23.69 16.13
N VAL A 164 7.89 23.90 16.89
CA VAL A 164 9.03 24.70 16.47
C VAL A 164 10.22 23.78 16.28
N THR A 165 11.03 24.06 15.27
CA THR A 165 12.29 23.33 15.03
C THR A 165 13.43 24.32 15.19
N VAL A 166 14.26 24.12 16.21
CA VAL A 166 15.37 25.03 16.45
C VAL A 166 16.67 24.25 16.49
N PRO A 167 17.79 24.83 16.04
CA PRO A 167 19.07 24.12 16.10
C PRO A 167 19.68 24.21 17.50
N VAL A 168 20.08 23.06 18.04
CA VAL A 168 20.78 22.97 19.31
C VAL A 168 22.24 22.64 18.99
N SER A 169 23.16 23.23 19.75
CA SER A 169 24.58 23.10 19.46
C SER A 169 25.24 22.07 20.37
N LEU A 170 26.22 21.36 19.81
CA LEU A 170 27.12 20.54 20.61
C LEU A 170 28.12 21.45 21.35
N ASN A 171 28.88 20.85 22.25
CA ASN A 171 29.83 21.61 23.07
C ASN A 171 31.20 20.95 23.04
N ASP A 172 32.10 21.53 22.25
CA ASP A 172 33.52 21.20 22.29
C ASP A 172 34.29 22.37 21.70
N GLY A 173 35.55 22.49 22.12
CA GLY A 173 36.45 23.46 21.54
C GLY A 173 37.85 22.92 21.40
N GLN A 174 38.03 21.64 21.75
CA GLN A 174 39.35 21.03 21.72
C GLN A 174 39.75 20.55 20.33
N ASP A 175 38.79 20.25 19.47
CA ASP A 175 39.10 19.88 18.10
C ASP A 175 39.61 21.10 17.35
N SER A 176 40.91 21.13 17.09
CA SER A 176 41.56 22.29 16.53
C SER A 176 42.51 21.87 15.43
N ALA A 177 42.57 22.67 14.36
CA ALA A 177 43.47 22.43 13.26
C ALA A 177 44.02 23.76 12.78
N THR A 178 45.19 23.72 12.28
CA THR A 178 45.82 24.95 11.82
C THR A 178 45.47 25.21 10.36
N PRO A 179 45.41 26.48 9.93
CA PRO A 179 45.13 26.76 8.52
C PRO A 179 46.30 26.36 7.65
N VAL A 180 46.00 26.03 6.39
CA VAL A 180 47.03 25.58 5.46
C VAL A 180 47.94 26.75 5.09
N THR A 181 49.23 26.59 5.35
CA THR A 181 50.16 27.69 5.17
C THR A 181 50.79 27.67 3.78
N ALA A 182 51.49 26.58 3.45
CA ALA A 182 52.27 26.50 2.23
C ALA A 182 51.98 25.18 1.55
N VAL A 183 51.82 25.23 0.24
CA VAL A 183 51.64 24.04 -0.58
C VAL A 183 52.92 23.80 -1.35
N SER A 184 53.59 22.68 -1.07
CA SER A 184 54.83 22.30 -1.73
C SER A 184 54.69 20.90 -2.28
N SER A 185 55.02 20.71 -3.55
CA SER A 185 54.92 19.40 -4.20
C SER A 185 56.26 19.09 -4.86
N THR A 186 56.62 17.81 -4.91
CA THR A 186 57.92 17.41 -5.43
C THR A 186 57.75 16.17 -6.32
N VAL A 187 57.66 16.40 -7.62
CA VAL A 187 57.57 15.31 -8.57
C VAL A 187 58.92 14.61 -8.68
N GLU A 188 58.89 13.32 -8.99
CA GLU A 188 60.10 12.52 -9.01
C GLU A 188 59.88 11.32 -9.93
N GLN A 189 60.99 10.76 -10.40
CA GLN A 189 60.94 9.57 -11.22
C GLN A 189 60.85 8.34 -10.34
N THR A 190 59.83 7.53 -10.56
CA THR A 190 59.69 6.27 -9.85
C THR A 190 60.55 5.22 -10.54
N ALA A 191 61.14 4.31 -9.75
CA ALA A 191 62.05 3.33 -10.29
C ALA A 191 61.30 2.29 -11.13
N SER A 192 62.07 1.47 -11.85
CA SER A 192 61.48 0.48 -12.74
C SER A 192 60.81 -0.64 -11.96
N LEU A 193 61.42 -1.06 -10.86
CA LEU A 193 60.82 -2.05 -9.97
C LEU A 193 59.90 -1.38 -8.97
N SER A 194 58.87 -2.10 -8.57
CA SER A 194 57.83 -1.59 -7.68
C SER A 194 57.83 -2.41 -6.39
N GLN A 195 56.81 -2.18 -5.56
CA GLN A 195 56.67 -2.95 -4.33
C GLN A 195 56.25 -4.38 -4.63
N GLU A 196 55.60 -4.61 -5.78
CA GLU A 196 55.14 -5.95 -6.12
C GLU A 196 56.25 -6.80 -6.69
N VAL A 197 57.14 -6.22 -7.49
CA VAL A 197 58.24 -6.97 -8.07
C VAL A 197 59.25 -7.37 -7.00
N VAL A 198 59.49 -6.48 -6.03
CA VAL A 198 60.40 -6.78 -4.94
C VAL A 198 59.87 -7.89 -4.05
N SER A 199 58.55 -7.89 -3.78
CA SER A 199 57.97 -8.85 -2.84
C SER A 199 58.00 -10.28 -3.38
N HIS A 200 58.01 -10.47 -4.69
CA HIS A 200 58.24 -11.80 -5.24
C HIS A 200 59.70 -12.21 -5.07
N ALA A 201 60.62 -11.25 -5.24
CA ALA A 201 62.04 -11.58 -5.19
C ALA A 201 62.52 -11.85 -3.78
N LEU A 202 61.83 -11.34 -2.77
CA LEU A 202 62.24 -11.61 -1.40
C LEU A 202 61.74 -12.97 -0.95
N ARG A 203 60.49 -13.32 -1.30
CA ARG A 203 59.94 -14.59 -0.85
C ARG A 203 60.57 -15.75 -1.61
N GLU A 204 60.84 -15.57 -2.91
CA GLU A 204 61.50 -16.63 -3.67
C GLU A 204 62.96 -16.77 -3.27
N LEU A 205 63.55 -15.73 -2.69
CA LEU A 205 64.83 -15.89 -2.01
C LEU A 205 64.65 -16.70 -0.73
N LEU A 206 63.59 -16.41 0.02
CA LEU A 206 63.40 -17.03 1.33
C LEU A 206 62.97 -18.48 1.18
N ILE A 207 62.27 -18.82 0.11
CA ILE A 207 62.03 -20.22 -0.23
C ILE A 207 63.35 -20.92 -0.57
N THR A 208 64.19 -20.25 -1.36
CA THR A 208 65.46 -20.82 -1.77
C THR A 208 66.48 -20.84 -0.63
N GLU A 209 66.45 -19.85 0.27
CA GLU A 209 67.35 -19.85 1.41
C GLU A 209 66.98 -20.95 2.40
N LEU A 210 65.69 -21.27 2.53
CA LEU A 210 65.29 -22.40 3.36
C LEU A 210 65.66 -23.73 2.72
N GLY A 211 65.66 -23.82 1.40
CA GLY A 211 65.96 -25.05 0.70
C GLY A 211 65.00 -25.40 -0.41
N GLY A 212 63.97 -24.58 -0.66
CA GLY A 212 63.05 -24.83 -1.74
C GLY A 212 62.09 -25.98 -1.45
N GLY A 213 61.42 -26.41 -2.51
CA GLY A 213 60.48 -27.52 -2.42
C GLY A 213 59.05 -27.05 -2.27
N GLU A 214 58.13 -28.02 -2.32
CA GLU A 214 56.72 -27.72 -2.13
C GLU A 214 56.34 -27.73 -0.66
N ASP A 215 56.92 -28.64 0.12
CA ASP A 215 56.66 -28.74 1.55
C ASP A 215 57.20 -27.56 2.34
N ASN A 216 58.15 -26.81 1.79
CA ASN A 216 58.64 -25.61 2.44
C ASN A 216 57.89 -24.37 1.98
N ARG A 217 57.22 -24.44 0.82
CA ARG A 217 56.45 -23.30 0.36
C ARG A 217 55.11 -23.20 1.06
N LEU A 218 54.50 -24.33 1.40
CA LEU A 218 53.20 -24.32 2.05
C LEU A 218 53.27 -23.86 3.50
N VAL A 219 54.38 -24.14 4.19
CA VAL A 219 54.52 -23.65 5.56
C VAL A 219 54.82 -22.15 5.57
N LEU A 220 55.38 -21.63 4.48
CA LEU A 220 55.58 -20.21 4.33
C LEU A 220 54.54 -19.56 3.43
N SER A 221 53.37 -20.19 3.28
CA SER A 221 52.37 -19.65 2.38
C SER A 221 51.63 -18.47 2.99
N LYS A 222 51.51 -18.42 4.32
CA LYS A 222 50.76 -17.38 5.00
C LYS A 222 51.65 -16.26 5.52
N VAL A 223 52.80 -16.03 4.89
CA VAL A 223 53.72 -14.97 5.28
C VAL A 223 53.90 -14.06 4.08
N GLU A 224 53.70 -12.76 4.29
CA GLU A 224 53.92 -11.76 3.25
C GLU A 224 55.11 -10.89 3.62
N LEU A 225 55.82 -10.42 2.61
CA LEU A 225 56.97 -9.54 2.78
C LEU A 225 56.68 -8.25 2.03
N SER A 226 56.54 -7.15 2.77
CA SER A 226 56.19 -5.86 2.20
C SER A 226 57.31 -4.87 2.50
N ALA A 227 57.79 -4.21 1.46
CA ALA A 227 59.00 -3.41 1.53
C ALA A 227 58.70 -1.92 1.43
N VAL A 228 59.30 -1.14 2.34
CA VAL A 228 59.37 0.31 2.24
C VAL A 228 60.83 0.66 2.00
N LYS A 229 61.13 1.30 0.87
CA LYS A 229 62.49 1.36 0.37
C LYS A 229 62.84 2.77 -0.07
N GLU A 230 64.14 3.08 -0.07
CA GLU A 230 64.68 4.31 -0.60
C GLU A 230 65.83 3.96 -1.56
N THR A 231 65.58 4.11 -2.86
CA THR A 231 66.63 3.88 -3.84
C THR A 231 67.61 5.05 -3.87
N MET A 232 68.81 4.82 -3.33
CA MET A 232 69.78 5.89 -3.20
C MET A 232 70.93 5.79 -4.21
N THR A 233 71.25 4.60 -4.70
CA THR A 233 72.19 4.50 -5.82
C THR A 233 71.44 4.64 -7.14
N GLN A 234 72.04 5.39 -8.07
CA GLN A 234 71.39 5.77 -9.32
C GLN A 234 72.11 5.19 -10.54
N ASP A 235 72.66 3.99 -10.41
CA ASP A 235 73.29 3.32 -11.55
C ASP A 235 72.60 1.99 -11.87
N MET A 240 70.12 -0.85 -4.58
CA MET A 240 69.27 0.11 -3.90
C MET A 240 68.85 -0.37 -2.51
N ILE A 241 68.76 0.55 -1.57
CA ILE A 241 68.51 0.21 -0.17
C ILE A 241 67.02 -0.09 0.02
N ILE A 242 66.74 -1.29 0.51
CA ILE A 242 65.37 -1.81 0.67
C ILE A 242 65.27 -2.45 2.05
N LEU A 243 64.21 -2.11 2.79
CA LEU A 243 63.92 -2.77 4.05
C LEU A 243 62.44 -3.14 4.08
N LEU A 244 62.11 -4.20 4.82
CA LEU A 244 60.78 -4.80 4.79
C LEU A 244 60.13 -4.87 6.17
N SER A 245 58.90 -5.37 6.17
CA SER A 245 58.12 -5.66 7.37
C SER A 245 57.39 -6.98 7.15
N VAL A 246 57.50 -7.89 8.13
CA VAL A 246 57.06 -9.27 7.98
C VAL A 246 55.86 -9.50 8.88
N SER A 247 54.84 -10.19 8.35
CA SER A 247 53.63 -10.46 9.11
C SER A 247 52.99 -11.74 8.61
N GLY A 248 52.38 -12.50 9.52
CA GLY A 248 51.62 -13.67 9.14
C GLY A 248 51.46 -14.71 10.23
N ILE A 249 51.38 -15.98 9.82
CA ILE A 249 51.45 -17.12 10.73
C ILE A 249 52.34 -18.17 10.08
N THR A 250 52.99 -18.95 10.93
CA THR A 250 53.77 -20.09 10.48
C THR A 250 53.82 -21.11 11.60
N ARG A 251 54.24 -22.33 11.26
CA ARG A 251 54.15 -23.43 12.20
C ARG A 251 55.28 -23.32 13.23
N GLN A 252 55.19 -24.19 14.24
CA GLN A 252 56.12 -24.14 15.37
C GLN A 252 57.54 -24.54 14.97
N GLU A 253 57.67 -25.40 13.95
CA GLU A 253 58.99 -25.90 13.57
C GLU A 253 59.80 -24.83 12.86
N TYR A 254 59.28 -24.30 11.75
CA TYR A 254 60.04 -23.36 10.92
C TYR A 254 60.01 -21.94 11.44
N LEU A 255 59.45 -21.69 12.62
CA LEU A 255 59.56 -20.36 13.21
C LEU A 255 60.98 -20.05 13.64
N LYS A 256 61.69 -21.05 14.18
CA LYS A 256 63.06 -20.84 14.64
C LYS A 256 64.03 -20.70 13.47
N GLU A 257 63.83 -21.46 12.40
CA GLU A 257 64.76 -21.43 11.29
C GLU A 257 64.59 -20.19 10.42
N ILE A 258 63.36 -19.73 10.22
CA ILE A 258 63.14 -18.53 9.40
C ILE A 258 63.62 -17.29 10.14
N ASP A 259 63.36 -17.24 11.47
CA ASP A 259 63.94 -16.19 12.30
C ASP A 259 65.46 -16.26 12.35
N ASN A 260 66.04 -17.44 12.11
CA ASN A 260 67.48 -17.51 11.88
C ASN A 260 67.87 -17.07 10.49
N ILE A 261 66.95 -17.19 9.52
CA ILE A 261 67.29 -16.85 8.13
C ILE A 261 67.33 -15.34 7.95
N PHE A 262 66.25 -14.63 8.31
CA PHE A 262 66.33 -13.18 8.16
C PHE A 262 67.07 -12.50 9.29
N ASP A 263 67.61 -13.25 10.25
CA ASP A 263 68.62 -12.71 11.15
C ASP A 263 69.88 -12.36 10.37
N ARG A 264 70.50 -13.37 9.74
CA ARG A 264 71.76 -13.16 9.04
C ARG A 264 71.57 -12.44 7.72
N TRP A 265 70.34 -12.42 7.20
CA TRP A 265 70.05 -11.83 5.91
C TRP A 265 70.13 -10.32 5.94
N VAL A 266 69.93 -9.70 7.11
CA VAL A 266 70.05 -8.25 7.22
C VAL A 266 71.51 -7.84 7.32
N ASN A 267 72.18 -8.26 8.40
CA ASN A 267 73.55 -7.83 8.66
C ASN A 267 74.50 -8.65 7.81
N ASN A 268 74.71 -8.23 6.57
CA ASN A 268 75.64 -8.89 5.67
C ASN A 268 76.25 -7.79 4.78
N ALA A 269 77.14 -8.17 3.86
CA ALA A 269 77.85 -7.20 3.04
C ALA A 269 77.04 -6.72 1.84
N GLU A 270 75.71 -6.89 1.86
CA GLU A 270 74.77 -6.42 0.85
C GLU A 270 75.11 -6.96 -0.54
N VAL A 271 75.20 -8.28 -0.64
CA VAL A 271 75.61 -8.92 -1.88
C VAL A 271 74.43 -9.26 -2.78
N ILE A 272 73.21 -9.29 -2.24
CA ILE A 272 72.05 -9.62 -3.05
C ILE A 272 71.49 -8.38 -3.75
N CYS A 278 70.41 -3.31 -10.17
CA CYS A 278 69.40 -3.26 -9.11
C CYS A 278 69.75 -4.27 -8.01
N GLY A 279 70.27 -3.76 -6.90
CA GLY A 279 70.74 -4.59 -5.80
C GLY A 279 69.79 -4.52 -4.61
N ILE A 280 69.85 -5.53 -3.76
CA ILE A 280 68.99 -5.63 -2.58
C ILE A 280 69.84 -5.32 -1.37
N ARG A 281 69.77 -4.09 -0.88
CA ARG A 281 70.57 -3.65 0.26
C ARG A 281 69.66 -3.58 1.47
N ILE A 282 69.75 -4.60 2.33
CA ILE A 282 68.82 -4.79 3.43
C ILE A 282 69.34 -4.07 4.66
N GLU A 283 68.45 -3.43 5.39
CA GLU A 283 68.83 -2.54 6.47
C GLU A 283 67.90 -2.74 7.65
N SER A 284 67.88 -1.76 8.55
CA SER A 284 67.55 -1.91 9.97
C SER A 284 66.17 -2.51 10.28
N ILE A 285 65.11 -1.94 9.71
CA ILE A 285 63.76 -2.34 10.09
C ILE A 285 63.44 -3.70 9.50
N THR A 286 63.17 -4.66 10.39
CA THR A 286 62.75 -6.02 10.05
C THR A 286 61.57 -6.37 10.97
N LYS A 287 60.53 -5.53 10.86
CA LYS A 287 59.36 -5.58 11.73
C LYS A 287 58.67 -6.94 11.65
N ASP A 288 58.36 -7.49 12.82
CA ASP A 288 57.72 -8.80 12.94
C ASP A 288 56.35 -8.62 13.57
N ASN A 289 55.33 -9.13 12.89
CA ASN A 289 53.98 -9.26 13.44
C ASN A 289 53.56 -10.72 13.53
N LEU A 290 54.30 -11.62 12.87
CA LEU A 290 53.96 -13.03 12.96
C LEU A 290 54.37 -13.59 14.32
N VAL A 291 53.47 -14.32 14.94
CA VAL A 291 53.82 -15.20 16.05
C VAL A 291 53.61 -16.62 15.55
N GLY A 292 54.65 -17.44 15.65
CA GLY A 292 54.55 -18.83 15.21
C GLY A 292 53.64 -19.64 16.11
N ILE A 293 53.00 -20.65 15.53
CA ILE A 293 51.99 -21.39 16.27
C ILE A 293 52.57 -22.66 16.87
N LEU B 2 34.66 -1.26 21.18
CA LEU B 2 34.06 -2.07 20.13
C LEU B 2 34.29 -3.56 20.39
N ASN B 3 34.64 -3.90 21.64
CA ASN B 3 34.66 -5.28 22.05
C ASN B 3 33.25 -5.76 22.37
N THR B 4 33.14 -7.03 22.71
CA THR B 4 31.81 -7.60 22.97
C THR B 4 31.35 -7.26 24.37
N GLN B 5 30.11 -6.82 24.49
CA GLN B 5 29.63 -6.14 25.69
C GLN B 5 28.62 -7.00 26.45
N THR B 6 28.06 -6.40 27.50
CA THR B 6 27.00 -7.01 28.29
C THR B 6 25.99 -5.90 28.55
N ILE B 7 24.76 -6.29 28.88
CA ILE B 7 23.68 -5.33 29.09
C ILE B 7 23.95 -4.47 30.32
N ILE B 8 24.69 -4.98 31.31
CA ILE B 8 25.07 -4.14 32.43
C ILE B 8 26.16 -3.15 32.00
N ASP B 9 27.02 -3.53 31.07
CA ASP B 9 28.06 -2.63 30.62
C ASP B 9 27.54 -1.49 29.75
N VAL B 10 26.36 -1.63 29.17
CA VAL B 10 25.73 -0.49 28.51
C VAL B 10 24.82 0.26 29.49
N ASN B 11 24.40 -0.38 30.57
CA ASN B 11 23.62 0.33 31.57
C ASN B 11 24.51 1.18 32.46
N LYS B 12 25.71 0.70 32.77
CA LYS B 12 26.66 1.50 33.53
C LYS B 12 27.21 2.64 32.69
N ALA B 13 27.21 2.50 31.37
CA ALA B 13 27.64 3.59 30.51
C ALA B 13 26.57 4.64 30.33
N MET B 14 25.34 4.39 30.78
CA MET B 14 24.35 5.46 30.85
C MET B 14 24.71 6.46 31.94
N ASP B 15 25.08 5.96 33.11
CA ASP B 15 25.29 6.83 34.25
C ASP B 15 26.56 7.65 34.11
N ALA B 16 27.61 7.07 33.55
CA ALA B 16 28.85 7.82 33.35
C ALA B 16 28.72 8.81 32.21
N MET B 17 27.83 8.56 31.26
CA MET B 17 27.57 9.52 30.21
C MET B 17 26.75 10.69 30.74
N LEU B 18 25.68 10.38 31.47
CA LEU B 18 24.68 11.40 31.76
C LEU B 18 25.04 12.25 32.97
N ARG B 19 25.83 11.72 33.91
CA ARG B 19 26.14 12.50 35.10
C ARG B 19 27.27 13.48 34.90
N ALA B 20 27.91 13.48 33.72
CA ALA B 20 28.94 14.47 33.45
C ALA B 20 28.34 15.78 32.94
N TYR B 21 27.07 15.75 32.52
CA TYR B 21 26.40 16.95 32.03
C TYR B 21 25.31 17.43 32.96
N LEU B 22 24.80 16.57 33.84
CA LEU B 22 23.73 16.93 34.74
C LEU B 22 24.27 17.71 35.93
N ASN B 23 23.36 18.16 36.78
CA ASN B 23 23.74 18.75 38.05
C ASN B 23 24.25 17.66 38.99
N GLN B 24 24.89 18.08 40.07
CA GLN B 24 25.50 17.12 40.99
C GLN B 24 24.49 16.54 41.97
N ASP B 25 23.35 17.21 42.16
CA ASP B 25 22.41 16.81 43.20
C ASP B 25 21.09 16.29 42.65
N ILE B 26 21.10 15.77 41.43
CA ILE B 26 19.93 15.14 40.84
C ILE B 26 20.14 13.64 40.87
N ALA B 27 19.31 12.94 41.65
CA ALA B 27 19.45 11.49 41.76
C ALA B 27 19.02 10.81 40.47
N ILE B 28 19.71 9.73 40.13
CA ILE B 28 19.47 9.00 38.89
C ILE B 28 19.07 7.59 39.28
N ARG B 29 17.80 7.27 39.11
CA ARG B 29 17.29 5.94 39.40
C ARG B 29 17.07 5.19 38.10
N PHE B 30 17.46 3.93 38.07
CA PHE B 30 17.34 3.14 36.86
C PHE B 30 16.08 2.30 36.83
N ASP B 31 15.05 2.71 37.54
CA ASP B 31 13.76 2.05 37.50
C ASP B 31 12.69 3.12 37.52
N LEU B 32 11.58 2.86 36.87
CA LEU B 32 10.45 3.77 36.93
C LEU B 32 9.86 3.73 38.34
N PRO B 33 9.67 4.88 38.99
CA PRO B 33 9.30 4.89 40.40
C PRO B 33 7.85 4.48 40.61
N GLU B 34 7.50 4.28 41.87
CA GLU B 34 6.18 3.81 42.25
C GLU B 34 5.17 4.96 42.17
N LEU B 35 3.94 4.66 42.60
CA LEU B 35 2.86 5.61 42.44
C LEU B 35 2.88 6.68 43.54
N ASP B 36 2.92 6.25 44.80
CA ASP B 36 2.93 7.21 45.89
C ASP B 36 4.29 7.89 46.02
N THR B 37 5.35 7.08 46.17
CA THR B 37 6.79 7.42 46.19
C THR B 37 7.12 8.66 47.02
N MET B 38 6.91 8.56 48.33
CA MET B 38 7.56 9.49 49.24
C MET B 38 9.06 9.28 49.13
N GLN B 39 9.76 10.24 48.52
CA GLN B 39 11.12 10.01 48.06
C GLN B 39 11.90 11.31 48.10
N SER B 40 13.20 11.19 47.84
CA SER B 40 14.02 12.35 47.59
C SER B 40 13.61 12.99 46.27
N ASP B 41 13.59 14.32 46.25
CA ASP B 41 13.06 15.06 45.11
C ASP B 41 13.97 14.92 43.89
N ALA B 42 13.37 15.14 42.72
CA ALA B 42 14.05 15.36 41.44
C ALA B 42 14.91 14.16 41.04
N MET B 43 14.23 13.07 40.72
CA MET B 43 14.89 11.90 40.17
C MET B 43 14.74 11.88 38.66
N VAL B 44 15.82 11.52 37.97
CA VAL B 44 15.76 11.26 36.53
C VAL B 44 15.74 9.75 36.35
N SER B 45 14.67 9.26 35.74
CA SER B 45 14.39 7.82 35.69
C SER B 45 14.78 7.28 34.33
N ILE B 46 15.93 6.61 34.26
CA ILE B 46 16.41 6.00 33.02
C ILE B 46 15.80 4.61 32.97
N PHE B 47 14.74 4.46 32.20
CA PHE B 47 13.95 3.24 32.17
C PHE B 47 14.25 2.47 30.90
N LEU B 48 14.58 1.20 31.02
CA LEU B 48 14.90 0.33 29.89
C LEU B 48 13.67 -0.51 29.59
N TYR B 49 12.88 -0.10 28.60
CA TYR B 49 11.55 -0.69 28.47
C TYR B 49 11.51 -1.93 27.58
N ASP B 50 12.30 -2.00 26.53
CA ASP B 50 12.29 -3.20 25.72
C ASP B 50 13.66 -3.38 25.09
N ILE B 51 14.17 -4.60 25.14
CA ILE B 51 15.41 -4.96 24.47
C ILE B 51 15.10 -6.11 23.51
N HIS B 52 15.62 -5.99 22.29
CA HIS B 52 15.38 -6.98 21.26
C HIS B 52 16.50 -6.89 20.27
N GLU B 53 16.82 -8.00 19.62
CA GLU B 53 17.88 -7.97 18.62
C GLU B 53 17.39 -7.25 17.38
N ASP B 54 18.25 -6.41 16.80
CA ASP B 54 17.88 -5.66 15.62
C ASP B 54 18.31 -6.45 14.40
N LEU B 55 17.36 -6.72 13.52
CA LEU B 55 17.63 -7.50 12.33
C LEU B 55 18.40 -6.70 11.30
N GLN B 56 18.36 -5.37 11.40
CA GLN B 56 18.93 -4.50 10.39
C GLN B 56 20.45 -4.57 10.37
N LEU B 57 21.08 -4.78 11.53
CA LEU B 57 22.52 -4.74 11.65
C LEU B 57 23.19 -6.09 11.51
N ARG B 58 22.43 -7.16 11.29
CA ARG B 58 23.03 -8.48 11.33
C ARG B 58 23.72 -8.77 9.99
N SER B 59 24.44 -9.89 9.96
CA SER B 59 25.23 -10.23 8.79
C SER B 59 25.52 -11.73 8.80
N ALA B 60 26.33 -12.15 7.84
CA ALA B 60 26.64 -13.56 7.63
C ALA B 60 28.06 -13.82 8.13
N GLU B 61 28.18 -14.32 9.36
CA GLU B 61 29.46 -14.45 10.03
C GLU B 61 29.78 -15.91 10.30
N SER B 62 30.99 -16.32 9.96
CA SER B 62 31.51 -17.59 10.40
C SER B 62 32.18 -17.40 11.76
N ARG B 63 32.17 -18.45 12.58
CA ARG B 63 32.88 -18.41 13.84
C ARG B 63 34.37 -18.34 13.58
N GLY B 64 35.02 -17.32 14.11
CA GLY B 64 36.43 -17.14 13.90
C GLY B 64 37.25 -18.20 14.60
N PHE B 65 38.49 -18.35 14.13
CA PHE B 65 39.35 -19.41 14.60
C PHE B 65 40.58 -18.79 15.24
N ASP B 66 40.78 -19.03 16.52
CA ASP B 66 42.04 -18.72 17.19
C ASP B 66 42.98 -19.89 16.98
N VAL B 67 44.21 -19.59 16.60
CA VAL B 67 45.11 -20.66 16.20
C VAL B 67 45.95 -21.15 17.38
N TYR B 68 46.35 -20.24 18.27
CA TYR B 68 47.31 -20.57 19.32
C TYR B 68 46.69 -21.37 20.45
N ALA B 69 45.38 -21.57 20.42
CA ALA B 69 44.68 -22.35 21.42
C ALA B 69 43.94 -23.54 20.84
N GLY B 70 43.73 -23.58 19.53
CA GLY B 70 42.92 -24.63 18.93
C GLY B 70 41.46 -24.53 19.31
N ARG B 71 40.90 -23.33 19.29
CA ARG B 71 39.58 -23.06 19.82
C ARG B 71 38.78 -22.24 18.84
N LEU B 72 37.47 -22.41 18.87
CA LEU B 72 36.56 -21.63 18.04
C LEU B 72 35.95 -20.50 18.86
N LEU B 73 35.78 -19.36 18.22
CA LEU B 73 35.28 -18.16 18.86
C LEU B 73 33.77 -18.23 19.03
N PRO B 74 33.21 -17.56 20.06
CA PRO B 74 31.77 -17.72 20.34
C PRO B 74 30.82 -17.12 19.32
N GLY B 75 30.97 -15.84 19.01
CA GLY B 75 30.00 -15.17 18.16
C GLY B 75 29.15 -14.18 18.94
N TRP B 76 28.46 -13.32 18.19
CA TRP B 76 27.72 -12.22 18.77
C TRP B 76 26.28 -12.21 18.29
N VAL B 77 25.43 -11.46 19.00
CA VAL B 77 23.99 -11.48 18.77
C VAL B 77 23.45 -10.14 18.26
N ASN B 78 24.13 -9.02 18.55
CA ASN B 78 23.69 -7.66 18.21
C ASN B 78 22.32 -7.34 18.82
N ILE B 79 22.30 -7.18 20.13
CA ILE B 79 21.06 -6.83 20.82
C ILE B 79 20.94 -5.33 20.99
N LYS B 80 19.74 -4.80 20.73
CA LYS B 80 19.44 -3.39 20.79
C LYS B 80 18.66 -3.06 22.05
N CYS B 81 19.09 -2.03 22.77
CA CYS B 81 18.51 -1.67 24.06
C CYS B 81 17.88 -0.29 23.98
N ASN B 82 16.56 -0.21 24.13
CA ASN B 82 15.84 1.06 24.07
C ASN B 82 15.62 1.61 25.47
N TYR B 83 15.88 2.90 25.64
CA TYR B 83 15.71 3.55 26.93
C TYR B 83 14.55 4.54 26.89
N LEU B 84 14.24 5.11 28.05
CA LEU B 84 13.22 6.14 28.19
C LEU B 84 13.57 7.00 29.40
N ILE B 85 13.88 8.27 29.16
CA ILE B 85 14.44 9.13 30.17
C ILE B 85 13.42 10.22 30.49
N THR B 86 12.81 10.14 31.67
CA THR B 86 11.83 11.11 32.12
C THR B 86 12.40 11.93 33.28
N TYR B 87 11.56 12.77 33.88
CA TYR B 87 11.96 13.55 35.04
C TYR B 87 10.79 13.64 35.99
N TRP B 88 10.99 13.20 37.23
CA TRP B 88 9.95 13.19 38.25
C TRP B 88 10.28 14.19 39.34
N GLU B 89 9.26 14.58 40.09
CA GLU B 89 9.42 15.52 41.19
C GLU B 89 8.98 14.87 42.50
N ALA B 90 8.90 15.68 43.55
CA ALA B 90 8.48 15.19 44.86
C ALA B 90 6.99 14.89 44.88
N SER B 102 6.02 26.34 36.36
CA SER B 102 5.00 27.38 36.30
C SER B 102 5.59 28.68 35.76
N GLN B 103 6.71 28.57 35.08
CA GLN B 103 7.38 29.71 34.47
C GLN B 103 7.96 29.26 33.15
N PRO B 104 8.34 30.20 32.28
CA PRO B 104 9.17 29.84 31.12
C PRO B 104 10.47 29.17 31.52
N ASP B 105 11.11 29.65 32.57
CA ASP B 105 12.25 28.96 33.17
C ASP B 105 11.71 27.96 34.19
N ASN B 106 11.24 26.83 33.66
CA ASN B 106 10.74 25.77 34.52
C ASN B 106 11.90 25.05 35.19
N GLN B 107 11.59 24.34 36.28
CA GLN B 107 12.59 23.46 36.87
C GLN B 107 12.73 22.17 36.08
N ALA B 108 11.61 21.64 35.59
CA ALA B 108 11.65 20.39 34.83
C ALA B 108 12.27 20.58 33.46
N ILE B 109 12.22 21.79 32.91
CA ILE B 109 12.87 22.04 31.63
C ILE B 109 14.38 22.10 31.81
N GLN B 110 14.85 22.68 32.91
CA GLN B 110 16.28 22.86 33.13
C GLN B 110 17.00 21.53 33.33
N VAL B 111 16.31 20.52 33.85
CA VAL B 111 16.93 19.23 33.97
C VAL B 111 16.82 18.46 32.66
N MET B 112 15.68 18.55 31.98
CA MET B 112 15.52 17.85 30.71
C MET B 112 16.38 18.48 29.62
N SER B 113 16.66 19.77 29.71
CA SER B 113 17.60 20.37 28.77
C SER B 113 19.03 19.91 29.06
N GLN B 114 19.35 19.64 30.33
CA GLN B 114 20.68 19.12 30.64
C GLN B 114 20.81 17.66 30.22
N VAL B 115 19.71 16.92 30.18
CA VAL B 115 19.77 15.56 29.65
C VAL B 115 19.88 15.61 28.13
N LEU B 116 19.15 16.53 27.49
CA LEU B 116 19.11 16.58 26.04
C LEU B 116 20.45 17.04 25.46
N ASN B 117 21.15 17.94 26.15
CA ASN B 117 22.49 18.32 25.72
C ASN B 117 23.49 17.20 25.95
N ALA B 118 23.14 16.20 26.75
CA ALA B 118 24.02 15.04 26.90
C ALA B 118 23.70 13.96 25.88
N LEU B 119 22.46 13.90 25.40
CA LEU B 119 22.10 12.85 24.45
C LEU B 119 22.58 13.17 23.04
N ILE B 120 22.36 14.40 22.58
CA ILE B 120 22.74 14.74 21.21
C ILE B 120 24.24 14.96 21.11
N ASN B 121 24.93 15.21 22.22
CA ASN B 121 26.37 15.36 22.16
C ASN B 121 27.07 14.02 22.10
N ASN B 122 26.52 13.00 22.77
CA ASN B 122 27.05 11.64 22.72
C ASN B 122 26.34 10.82 21.67
N ARG B 123 26.51 11.17 20.39
CA ARG B 123 25.92 10.41 19.30
C ARG B 123 26.52 9.01 19.23
N GLN B 124 27.84 8.91 19.26
CA GLN B 124 28.49 7.66 19.59
C GLN B 124 28.79 7.69 21.08
N LEU B 125 28.56 6.58 21.77
CA LEU B 125 28.60 6.61 23.21
C LEU B 125 30.05 6.60 23.68
N ALA B 126 30.39 7.53 24.58
CA ALA B 126 31.79 7.82 24.87
C ALA B 126 32.42 6.74 25.73
N GLY B 127 31.68 6.18 26.67
CA GLY B 127 32.22 5.12 27.49
C GLY B 127 32.37 3.80 26.75
N ILE B 128 31.64 3.66 25.64
CA ILE B 128 31.60 2.42 24.87
C ILE B 128 31.53 2.80 23.38
N PRO B 129 32.67 3.06 22.75
CA PRO B 129 32.65 3.53 21.37
C PRO B 129 32.38 2.38 20.43
N GLY B 130 31.89 2.71 19.24
CA GLY B 130 31.57 1.72 18.24
C GLY B 130 30.16 1.17 18.33
N ALA B 131 29.42 1.48 19.38
CA ALA B 131 28.04 1.05 19.46
C ALA B 131 27.18 1.93 18.56
N TYR B 132 26.38 1.30 17.71
CA TYR B 132 25.55 2.02 16.76
C TYR B 132 24.29 2.50 17.45
N THR B 133 24.18 3.80 17.68
CA THR B 133 23.11 4.35 18.50
C THR B 133 22.22 5.28 17.69
N GLN B 134 20.95 5.35 18.09
CA GLN B 134 20.00 6.33 17.58
C GLN B 134 19.59 7.25 18.71
N VAL B 135 19.82 8.54 18.55
CA VAL B 135 19.40 9.53 19.52
C VAL B 135 18.05 10.05 19.09
N VAL B 136 17.19 10.35 20.09
CA VAL B 136 15.86 10.99 20.07
C VAL B 136 15.06 10.80 18.77
N PRO B 137 14.80 9.57 18.32
CA PRO B 137 14.25 9.40 16.98
C PRO B 137 12.75 9.67 16.96
N PRO B 138 12.19 10.04 15.82
CA PRO B 138 10.73 10.28 15.74
C PRO B 138 9.92 8.98 15.70
N LYS B 139 9.81 8.36 16.88
CA LYS B 139 9.12 7.09 16.99
C LYS B 139 7.68 7.24 17.44
N GLU B 140 7.26 8.44 17.82
CA GLU B 140 6.03 8.60 18.59
C GLU B 140 4.95 9.36 17.84
N SER B 141 3.74 9.23 18.37
CA SER B 141 2.59 10.03 17.98
C SER B 141 1.83 10.36 19.27
N LEU B 142 0.71 11.08 19.14
CA LEU B 142 -0.09 11.33 20.32
C LEU B 142 -0.91 10.10 20.68
N ASN B 143 -1.21 9.25 19.71
CA ASN B 143 -1.93 8.01 20.00
C ASN B 143 -1.02 7.02 20.71
N SER B 144 0.24 6.94 20.31
CA SER B 144 1.15 6.01 20.98
C SER B 144 1.55 6.52 22.35
N LEU B 145 1.69 7.84 22.50
CA LEU B 145 2.02 8.40 23.80
C LEU B 145 0.80 8.42 24.72
N GLY B 146 -0.39 8.35 24.14
CA GLY B 146 -1.59 8.27 24.96
C GLY B 146 -1.70 6.97 25.72
N ASN B 147 -1.24 5.88 25.11
CA ASN B 147 -1.27 4.59 25.79
C ASN B 147 -0.13 4.45 26.78
N PHE B 148 0.92 5.24 26.60
CA PHE B 148 2.02 5.21 27.56
C PHE B 148 1.71 6.02 28.79
N TRP B 149 1.08 7.19 28.61
CA TRP B 149 0.74 8.04 29.75
C TRP B 149 -0.36 7.41 30.60
N GLN B 150 -1.20 6.58 30.00
CA GLN B 150 -2.19 5.84 30.78
C GLN B 150 -1.52 4.79 31.65
N SER B 151 -0.38 4.27 31.22
CA SER B 151 0.23 3.13 31.88
C SER B 151 0.79 3.51 33.24
N LEU B 152 1.44 4.67 33.33
CA LEU B 152 2.05 5.10 34.59
C LEU B 152 1.08 5.99 35.38
N GLY B 153 -0.14 5.50 35.52
CA GLY B 153 -1.11 6.10 36.42
C GLY B 153 -1.62 7.47 36.03
N ASN B 154 -1.85 7.69 34.73
CA ASN B 154 -2.55 8.87 34.19
C ASN B 154 -1.83 10.18 34.52
N ARG B 155 -0.51 10.20 34.36
CA ARG B 155 0.29 11.40 34.59
C ARG B 155 1.09 11.72 33.36
N PRO B 156 0.66 12.64 32.50
CA PRO B 156 1.43 12.93 31.28
C PRO B 156 2.64 13.80 31.59
N ARG B 157 3.73 13.52 30.88
CA ARG B 157 4.98 14.24 31.06
C ARG B 157 5.83 14.08 29.81
N LEU B 158 7.00 14.71 29.83
CA LEU B 158 7.96 14.65 28.74
C LEU B 158 8.80 13.40 28.87
N SER B 159 9.26 12.86 27.74
CA SER B 159 10.06 11.66 27.75
C SER B 159 11.01 11.67 26.57
N LEU B 160 12.28 11.40 26.83
CA LEU B 160 13.28 11.23 25.79
C LEU B 160 13.68 9.77 25.71
N ASN B 161 13.81 9.25 24.50
CA ASN B 161 14.18 7.87 24.30
C ASN B 161 15.42 7.80 23.45
N TYR B 162 16.25 6.80 23.72
CA TYR B 162 17.61 6.74 23.23
C TYR B 162 18.06 5.30 23.22
N SER B 163 18.47 4.79 22.06
CA SER B 163 18.59 3.36 21.84
C SER B 163 20.00 2.99 21.43
N VAL B 164 20.60 2.05 22.15
CA VAL B 164 21.95 1.57 21.89
C VAL B 164 21.87 0.15 21.38
N THR B 165 22.72 -0.21 20.43
CA THR B 165 22.85 -1.57 19.92
C THR B 165 24.24 -2.07 20.27
N VAL B 166 24.33 -3.07 21.14
CA VAL B 166 25.63 -3.59 21.55
C VAL B 166 25.68 -5.09 21.29
N PRO B 167 26.83 -5.65 20.94
CA PRO B 167 26.93 -7.09 20.73
C PRO B 167 27.06 -7.84 22.05
N VAL B 168 26.22 -8.85 22.23
CA VAL B 168 26.28 -9.75 23.38
C VAL B 168 26.85 -11.07 22.90
N SER B 169 27.66 -11.71 23.73
CA SER B 169 28.38 -12.90 23.32
C SER B 169 27.72 -14.16 23.87
N LEU B 170 27.77 -15.23 23.08
CA LEU B 170 27.43 -16.55 23.58
C LEU B 170 28.56 -17.08 24.47
N ASN B 171 28.30 -18.21 25.12
CA ASN B 171 29.28 -18.79 26.05
C ASN B 171 29.48 -20.27 25.75
N ASP B 172 30.60 -20.58 25.09
CA ASP B 172 31.07 -21.94 24.95
C ASP B 172 32.56 -21.89 24.65
N GLY B 173 33.24 -22.97 25.00
CA GLY B 173 34.64 -23.13 24.65
C GLY B 173 34.98 -24.56 24.27
N GLN B 174 33.96 -25.42 24.26
CA GLN B 174 34.17 -26.83 23.98
C GLN B 174 34.26 -27.13 22.49
N ASP B 175 33.66 -26.30 21.64
CA ASP B 175 33.79 -26.48 20.20
C ASP B 175 35.21 -26.15 19.79
N SER B 176 35.99 -27.18 19.46
CA SER B 176 37.40 -27.02 19.18
C SER B 176 37.78 -27.82 17.95
N ALA B 177 38.66 -27.25 17.14
CA ALA B 177 39.17 -27.92 15.96
C ALA B 177 40.64 -27.62 15.82
N THR B 178 41.35 -28.52 15.25
CA THR B 178 42.77 -28.35 15.10
C THR B 178 43.09 -27.63 13.79
N PRO B 179 44.17 -26.86 13.72
CA PRO B 179 44.54 -26.21 12.46
C PRO B 179 45.00 -27.22 11.44
N VAL B 180 44.81 -26.88 10.16
CA VAL B 180 45.17 -27.80 9.08
C VAL B 180 46.69 -27.89 8.98
N THR B 181 47.20 -29.12 9.10
CA THR B 181 48.65 -29.30 9.16
C THR B 181 49.23 -29.59 7.79
N ALA B 182 48.79 -30.65 7.13
CA ALA B 182 49.37 -31.11 5.88
C ALA B 182 48.25 -31.39 4.89
N VAL B 183 48.46 -30.97 3.66
CA VAL B 183 47.54 -31.25 2.56
C VAL B 183 48.19 -32.31 1.68
N SER B 184 47.57 -33.49 1.60
CA SER B 184 48.06 -34.58 0.78
C SER B 184 46.93 -35.06 -0.11
N SER B 185 47.20 -35.19 -1.41
CA SER B 185 46.20 -35.64 -2.37
C SER B 185 46.79 -36.78 -3.18
N THR B 186 45.94 -37.71 -3.60
CA THR B 186 46.41 -38.92 -4.29
C THR B 186 45.48 -39.22 -5.46
N VAL B 187 45.87 -38.76 -6.65
CA VAL B 187 45.10 -39.06 -7.85
C VAL B 187 45.28 -40.52 -8.23
N GLU B 188 44.26 -41.08 -8.87
CA GLU B 188 44.26 -42.50 -9.18
C GLU B 188 43.33 -42.73 -10.37
N GLN B 189 43.56 -43.86 -11.05
CA GLN B 189 42.72 -44.26 -12.17
C GLN B 189 41.49 -44.98 -11.63
N THR B 190 40.31 -44.48 -11.99
CA THR B 190 39.06 -45.14 -11.64
C THR B 190 38.80 -46.25 -12.65
N ALA B 191 38.22 -47.35 -12.18
CA ALA B 191 38.00 -48.52 -13.02
C ALA B 191 36.91 -48.24 -14.05
N SER B 192 36.79 -49.16 -15.01
CA SER B 192 35.83 -48.98 -16.10
C SER B 192 34.40 -49.13 -15.61
N LEU B 193 34.16 -50.07 -14.70
CA LEU B 193 32.86 -50.25 -14.07
C LEU B 193 32.72 -49.33 -12.87
N SER B 194 31.50 -48.90 -12.60
CA SER B 194 31.19 -47.95 -11.56
C SER B 194 30.27 -48.61 -10.54
N GLN B 195 29.75 -47.80 -9.61
CA GLN B 195 28.80 -48.31 -8.63
C GLN B 195 27.45 -48.62 -9.28
N GLU B 196 27.14 -47.96 -10.39
CA GLU B 196 25.86 -48.17 -11.05
C GLU B 196 25.86 -49.43 -11.91
N VAL B 197 26.98 -49.72 -12.58
CA VAL B 197 27.07 -50.91 -13.41
C VAL B 197 27.07 -52.17 -12.55
N VAL B 198 27.74 -52.12 -11.40
CA VAL B 198 27.78 -53.26 -10.49
C VAL B 198 26.40 -53.53 -9.89
N SER B 199 25.64 -52.49 -9.54
CA SER B 199 24.35 -52.68 -8.87
C SER B 199 23.30 -53.31 -9.77
N HIS B 200 23.42 -53.15 -11.08
CA HIS B 200 22.55 -53.91 -11.99
C HIS B 200 22.97 -55.36 -12.02
N ALA B 201 24.27 -55.63 -11.99
CA ALA B 201 24.75 -57.00 -12.13
C ALA B 201 24.52 -57.82 -10.87
N LEU B 202 24.37 -57.17 -9.71
CA LEU B 202 24.10 -57.93 -8.50
C LEU B 202 22.62 -58.29 -8.41
N ARG B 203 21.75 -57.34 -8.75
CA ARG B 203 20.31 -57.60 -8.63
C ARG B 203 19.85 -58.57 -9.71
N GLU B 204 20.39 -58.45 -10.93
CA GLU B 204 20.03 -59.38 -11.99
C GLU B 204 20.62 -60.77 -11.74
N LEU B 205 21.67 -60.85 -10.93
CA LEU B 205 22.09 -62.14 -10.40
C LEU B 205 21.08 -62.64 -9.38
N LEU B 206 20.60 -61.76 -8.51
CA LEU B 206 19.74 -62.17 -7.42
C LEU B 206 18.34 -62.52 -7.92
N ILE B 207 17.90 -61.87 -8.99
CA ILE B 207 16.69 -62.31 -9.67
C ILE B 207 16.89 -63.70 -10.27
N THR B 208 18.04 -63.92 -10.91
CA THR B 208 18.34 -65.20 -11.54
C THR B 208 18.64 -66.29 -10.52
N GLU B 209 19.26 -65.94 -9.38
CA GLU B 209 19.52 -66.94 -8.35
C GLU B 209 18.23 -67.37 -7.65
N LEU B 210 17.26 -66.47 -7.55
CA LEU B 210 15.96 -66.86 -7.03
C LEU B 210 15.18 -67.72 -8.02
N GLY B 211 15.36 -67.49 -9.31
CA GLY B 211 14.65 -68.23 -10.34
C GLY B 211 14.06 -67.38 -11.44
N GLY B 212 14.23 -66.06 -11.39
CA GLY B 212 13.73 -65.19 -12.44
C GLY B 212 12.23 -65.03 -12.40
N GLY B 213 11.71 -64.47 -13.50
CA GLY B 213 10.29 -64.25 -13.64
C GLY B 213 9.87 -62.84 -13.28
N GLU B 214 8.60 -62.54 -13.53
CA GLU B 214 8.04 -61.24 -13.18
C GLU B 214 7.54 -61.22 -11.74
N ASP B 215 6.96 -62.31 -11.28
CA ASP B 215 6.47 -62.42 -9.91
C ASP B 215 7.57 -62.45 -8.87
N ASN B 216 8.80 -62.76 -9.26
CA ASN B 216 9.93 -62.69 -8.34
C ASN B 216 10.63 -61.35 -8.41
N ARG B 217 10.43 -60.60 -9.49
CA ARG B 217 11.05 -59.29 -9.58
C ARG B 217 10.29 -58.24 -8.80
N LEU B 218 8.96 -58.37 -8.73
CA LEU B 218 8.14 -57.39 -8.02
C LEU B 218 8.28 -57.51 -6.51
N VAL B 219 8.51 -58.71 -5.99
CA VAL B 219 8.72 -58.85 -4.55
C VAL B 219 10.11 -58.37 -4.16
N LEU B 220 11.06 -58.36 -5.10
CA LEU B 220 12.37 -57.79 -4.87
C LEU B 220 12.51 -56.40 -5.49
N SER B 221 11.39 -55.71 -5.74
CA SER B 221 11.47 -54.41 -6.39
C SER B 221 11.93 -53.31 -5.44
N LYS B 222 11.64 -53.46 -4.14
CA LYS B 222 11.96 -52.43 -3.16
C LYS B 222 13.26 -52.72 -2.41
N VAL B 223 14.19 -53.45 -3.03
CA VAL B 223 15.48 -53.77 -2.43
C VAL B 223 16.57 -53.23 -3.35
N GLU B 224 17.48 -52.45 -2.79
CA GLU B 224 18.61 -51.93 -3.54
C GLU B 224 19.90 -52.56 -3.01
N LEU B 225 20.87 -52.73 -3.92
CA LEU B 225 22.17 -53.28 -3.59
C LEU B 225 23.22 -52.25 -3.94
N SER B 226 23.91 -51.73 -2.92
CA SER B 226 24.88 -50.66 -3.11
C SER B 226 26.24 -51.16 -2.63
N ALA B 227 27.25 -51.03 -3.48
CA ALA B 227 28.55 -51.66 -3.27
C ALA B 227 29.63 -50.64 -2.94
N VAL B 228 30.40 -50.93 -1.91
CA VAL B 228 31.65 -50.25 -1.62
C VAL B 228 32.78 -51.25 -1.83
N LYS B 229 33.67 -50.95 -2.77
CA LYS B 229 34.55 -51.97 -3.32
C LYS B 229 35.98 -51.48 -3.39
N GLU B 230 36.93 -52.42 -3.39
CA GLU B 230 38.34 -52.15 -3.61
C GLU B 230 38.85 -53.10 -4.69
N THR B 231 39.09 -52.56 -5.89
CA THR B 231 39.65 -53.37 -6.97
C THR B 231 41.14 -53.59 -6.74
N MET B 232 41.50 -54.83 -6.37
CA MET B 232 42.88 -55.13 -6.02
C MET B 232 43.60 -55.95 -7.08
N THR B 233 42.89 -56.72 -7.90
CA THR B 233 43.53 -57.33 -9.05
C THR B 233 43.50 -56.37 -10.24
N GLN B 234 44.62 -56.33 -10.98
CA GLN B 234 44.81 -55.34 -12.03
C GLN B 234 44.97 -55.99 -13.41
N ASP B 235 44.25 -57.08 -13.65
CA ASP B 235 44.27 -57.72 -14.96
C ASP B 235 42.87 -57.75 -15.57
N MET B 240 37.78 -58.52 -9.17
CA MET B 240 37.99 -57.46 -8.20
C MET B 240 37.10 -57.64 -6.98
N ILE B 241 37.63 -57.28 -5.81
CA ILE B 241 36.94 -57.50 -4.54
C ILE B 241 35.86 -56.45 -4.35
N ILE B 242 34.62 -56.91 -4.18
CA ILE B 242 33.43 -56.05 -4.08
C ILE B 242 32.59 -56.55 -2.92
N LEU B 243 32.15 -55.64 -2.05
CA LEU B 243 31.20 -55.97 -1.00
C LEU B 243 30.11 -54.92 -0.96
N LEU B 244 28.92 -55.33 -0.52
CA LEU B 244 27.72 -54.50 -0.63
C LEU B 244 27.05 -54.27 0.73
N SER B 245 25.97 -53.48 0.68
CA SER B 245 25.08 -53.21 1.79
C SER B 245 23.65 -53.22 1.29
N VAL B 246 22.78 -53.95 1.97
CA VAL B 246 21.43 -54.25 1.47
C VAL B 246 20.43 -53.53 2.35
N SER B 247 19.42 -52.92 1.73
CA SER B 247 18.40 -52.19 2.47
C SER B 247 17.10 -52.19 1.68
N GLY B 248 15.97 -52.24 2.40
CA GLY B 248 14.68 -52.11 1.76
C GLY B 248 13.53 -52.71 2.54
N ILE B 249 12.51 -53.19 1.82
CA ILE B 249 11.45 -54.01 2.37
C ILE B 249 11.19 -55.16 1.41
N THR B 250 10.72 -56.27 1.97
CA THR B 250 10.30 -57.41 1.18
C THR B 250 9.26 -58.18 1.98
N ARG B 251 8.56 -59.08 1.30
CA ARG B 251 7.43 -59.75 1.91
C ARG B 251 7.91 -60.84 2.86
N GLN B 252 6.96 -61.41 3.61
CA GLN B 252 7.27 -62.39 4.64
C GLN B 252 7.78 -63.71 4.06
N GLU B 253 7.35 -64.04 2.84
CA GLU B 253 7.72 -65.34 2.25
C GLU B 253 9.17 -65.34 1.80
N TYR B 254 9.55 -64.42 0.92
CA TYR B 254 10.87 -64.41 0.32
C TYR B 254 11.93 -63.78 1.21
N LEU B 255 11.61 -63.42 2.44
CA LEU B 255 12.64 -62.95 3.36
C LEU B 255 13.57 -64.09 3.76
N LYS B 256 13.03 -65.29 3.96
CA LYS B 256 13.85 -66.42 4.37
C LYS B 256 14.72 -66.94 3.23
N GLU B 257 14.18 -66.94 2.01
CA GLU B 257 14.91 -67.49 0.88
C GLU B 257 16.02 -66.56 0.40
N ILE B 258 15.77 -65.24 0.41
CA ILE B 258 16.81 -64.30 -0.04
C ILE B 258 17.93 -64.22 0.97
N ASP B 259 17.58 -64.25 2.27
CA ASP B 259 18.59 -64.37 3.32
C ASP B 259 19.34 -65.70 3.26
N ASN B 260 18.74 -66.73 2.66
CA ASN B 260 19.49 -67.93 2.33
C ASN B 260 20.33 -67.76 1.09
N ILE B 261 19.92 -66.85 0.19
CA ILE B 261 20.66 -66.71 -1.08
C ILE B 261 21.95 -65.93 -0.85
N PHE B 262 21.89 -64.75 -0.24
CA PHE B 262 23.15 -64.04 0.00
C PHE B 262 23.89 -64.56 1.22
N ASP B 263 23.37 -65.57 1.91
CA ASP B 263 24.18 -66.33 2.85
C ASP B 263 25.30 -67.07 2.11
N ARG B 264 24.93 -67.97 1.20
CA ARG B 264 25.90 -68.79 0.50
C ARG B 264 26.65 -68.00 -0.57
N TRP B 265 26.10 -66.86 -0.97
CA TRP B 265 26.69 -66.05 -2.04
C TRP B 265 27.98 -65.37 -1.61
N VAL B 266 28.14 -65.13 -0.31
CA VAL B 266 29.38 -64.51 0.17
C VAL B 266 30.48 -65.56 0.29
N ASN B 267 30.28 -66.55 1.17
CA ASN B 267 31.32 -67.54 1.45
C ASN B 267 31.32 -68.59 0.35
N ASN B 268 32.02 -68.30 -0.74
CA ASN B 268 32.15 -69.24 -1.85
C ASN B 268 33.55 -69.03 -2.44
N ALA B 269 33.88 -69.79 -3.49
CA ALA B 269 35.22 -69.73 -4.06
C ALA B 269 35.43 -68.57 -5.02
N GLU B 270 34.56 -67.55 -4.97
CA GLU B 270 34.65 -66.31 -5.76
C GLU B 270 34.67 -66.59 -7.25
N VAL B 271 33.64 -67.32 -7.70
CA VAL B 271 33.56 -67.74 -9.10
C VAL B 271 32.83 -66.74 -9.99
N ILE B 272 32.06 -65.83 -9.40
CA ILE B 272 31.32 -64.86 -10.19
C ILE B 272 32.16 -63.63 -10.49
N CYS B 278 37.00 -58.90 -15.22
CA CYS B 278 36.29 -58.25 -14.12
C CYS B 278 35.44 -59.26 -13.37
N GLY B 279 35.92 -59.66 -12.19
CA GLY B 279 35.28 -60.68 -11.38
C GLY B 279 34.60 -60.08 -10.17
N ILE B 280 33.64 -60.81 -9.63
CA ILE B 280 32.86 -60.37 -8.47
C ILE B 280 33.34 -61.17 -7.27
N ARG B 281 34.22 -60.59 -6.47
CA ARG B 281 34.79 -61.28 -5.30
C ARG B 281 34.11 -60.71 -4.05
N ILE B 282 33.17 -61.47 -3.52
CA ILE B 282 32.30 -61.00 -2.46
C ILE B 282 32.93 -61.31 -1.11
N GLU B 283 32.83 -60.38 -0.17
CA GLU B 283 33.57 -60.48 1.09
C GLU B 283 32.66 -60.02 2.22
N SER B 284 33.29 -59.69 3.35
CA SER B 284 32.72 -59.78 4.70
C SER B 284 31.42 -58.97 4.91
N ILE B 285 31.43 -57.68 4.59
CA ILE B 285 30.31 -56.81 4.94
C ILE B 285 29.13 -57.11 4.02
N THR B 286 28.03 -57.54 4.64
CA THR B 286 26.76 -57.82 3.97
C THR B 286 25.66 -57.17 4.84
N LYS B 287 25.80 -55.85 5.02
CA LYS B 287 24.97 -55.08 5.93
C LYS B 287 23.50 -55.15 5.53
N ASP B 288 22.64 -55.40 6.53
CA ASP B 288 21.21 -55.54 6.32
C ASP B 288 20.49 -54.43 7.08
N ASN B 289 19.66 -53.68 6.35
CA ASN B 289 18.73 -52.73 6.92
C ASN B 289 17.29 -53.13 6.64
N LEU B 290 17.07 -54.07 5.72
CA LEU B 290 15.71 -54.51 5.45
C LEU B 290 15.21 -55.40 6.58
N VAL B 291 14.01 -55.14 7.04
CA VAL B 291 13.26 -56.10 7.84
C VAL B 291 12.08 -56.53 7.00
N GLY B 292 11.93 -57.84 6.81
CA GLY B 292 10.83 -58.36 6.02
C GLY B 292 9.51 -58.19 6.73
N ILE B 293 8.44 -58.03 5.94
CA ILE B 293 7.15 -57.70 6.52
C ILE B 293 6.30 -58.94 6.71
N LEU C 2 13.43 -33.99 17.76
CA LEU C 2 12.64 -33.68 16.58
C LEU C 2 11.50 -34.68 16.42
N ASN C 3 11.17 -35.38 17.50
CA ASN C 3 9.96 -36.18 17.53
C ASN C 3 8.75 -35.30 17.80
N THR C 4 7.56 -35.91 17.78
CA THR C 4 6.35 -35.13 17.96
C THR C 4 6.12 -34.85 19.44
N GLN C 5 5.79 -33.61 19.75
CA GLN C 5 5.85 -33.09 21.12
C GLN C 5 4.46 -32.83 21.68
N THR C 6 4.45 -32.26 22.88
CA THR C 6 3.23 -31.84 23.54
C THR C 6 3.54 -30.48 24.16
N ILE C 7 2.50 -29.70 24.45
CA ILE C 7 2.68 -28.35 24.98
C ILE C 7 3.29 -28.38 26.39
N ILE C 8 3.06 -29.46 27.15
CA ILE C 8 3.75 -29.59 28.42
C ILE C 8 5.22 -29.91 28.21
N ASP C 9 5.56 -30.65 27.16
CA ASP C 9 6.95 -30.98 26.89
C ASP C 9 7.76 -29.80 26.41
N VAL C 10 7.13 -28.76 25.89
CA VAL C 10 7.86 -27.53 25.60
C VAL C 10 7.80 -26.58 26.79
N ASN C 11 6.83 -26.76 27.69
CA ASN C 11 6.81 -25.95 28.90
C ASN C 11 7.81 -26.44 29.92
N LYS C 12 8.00 -27.76 30.01
CA LYS C 12 9.02 -28.31 30.89
C LYS C 12 10.42 -28.02 30.37
N ALA C 13 10.56 -27.83 29.06
CA ALA C 13 11.84 -27.49 28.49
C ALA C 13 12.17 -26.01 28.67
N MET C 14 11.22 -25.19 29.12
CA MET C 14 11.55 -23.83 29.53
C MET C 14 12.35 -23.85 30.82
N ASP C 15 11.92 -24.64 31.79
CA ASP C 15 12.52 -24.61 33.12
C ASP C 15 13.91 -25.23 33.12
N ALA C 16 14.09 -26.31 32.35
CA ALA C 16 15.41 -26.93 32.28
C ALA C 16 16.38 -26.09 31.46
N MET C 17 15.88 -25.29 30.53
CA MET C 17 16.74 -24.37 29.80
C MET C 17 17.15 -23.20 30.68
N LEU C 18 16.18 -22.60 31.36
CA LEU C 18 16.43 -21.30 31.99
C LEU C 18 17.08 -21.42 33.35
N ARG C 19 16.89 -22.53 34.05
CA ARG C 19 17.46 -22.64 35.39
C ARG C 19 18.93 -23.05 35.38
N ALA C 20 19.50 -23.36 34.22
CA ALA C 20 20.92 -23.68 34.16
C ALA C 20 21.76 -22.41 34.06
N TYR C 21 21.15 -21.28 33.73
CA TYR C 21 21.86 -20.03 33.63
C TYR C 21 21.49 -19.04 34.72
N LEU C 22 20.35 -19.22 35.36
CA LEU C 22 19.90 -18.31 36.39
C LEU C 22 20.59 -18.61 37.71
N ASN C 23 20.31 -17.79 38.72
CA ASN C 23 20.74 -18.07 40.07
C ASN C 23 19.94 -19.23 40.64
N GLN C 24 20.42 -19.76 41.75
CA GLN C 24 19.79 -20.94 42.33
C GLN C 24 18.58 -20.57 43.20
N ASP C 25 18.47 -19.32 43.62
CA ASP C 25 17.44 -18.92 44.58
C ASP C 25 16.42 -17.97 43.99
N ILE C 26 16.23 -18.00 42.67
CA ILE C 26 15.20 -17.22 42.01
C ILE C 26 14.07 -18.16 41.63
N ALA C 27 12.90 -17.97 42.25
CA ALA C 27 11.76 -18.82 41.96
C ALA C 27 11.23 -18.56 40.56
N ILE C 28 10.78 -19.61 39.90
CA ILE C 28 10.29 -19.53 38.53
C ILE C 28 8.84 -19.99 38.54
N ARG C 29 7.93 -19.04 38.37
CA ARG C 29 6.51 -19.34 38.33
C ARG C 29 6.02 -19.27 36.90
N PHE C 30 5.21 -20.24 36.50
CA PHE C 30 4.72 -20.29 35.13
C PHE C 30 3.37 -19.65 34.96
N ASP C 31 3.01 -18.71 35.83
CA ASP C 31 1.79 -17.95 35.69
C ASP C 31 2.09 -16.51 36.07
N LEU C 32 1.40 -15.58 35.44
CA LEU C 32 1.53 -14.19 35.82
C LEU C 32 0.91 -13.98 37.19
N PRO C 33 1.64 -13.38 38.14
CA PRO C 33 1.16 -13.34 39.53
C PRO C 33 0.00 -12.36 39.71
N GLU C 34 -0.58 -12.42 40.90
CA GLU C 34 -1.75 -11.62 41.21
C GLU C 34 -1.35 -10.18 41.51
N LEU C 35 -2.33 -9.38 41.93
CA LEU C 35 -2.09 -7.95 42.10
C LEU C 35 -1.42 -7.65 43.43
N ASP C 36 -1.99 -8.15 44.53
CA ASP C 36 -1.41 -7.89 45.85
C ASP C 36 -0.15 -8.72 46.06
N THR C 37 -0.27 -10.05 45.91
CA THR C 37 0.76 -11.09 45.94
C THR C 37 1.81 -10.92 47.04
N MET C 38 1.36 -11.04 48.29
CA MET C 38 2.30 -11.31 49.37
C MET C 38 2.95 -12.65 49.11
N GLN C 39 4.23 -12.63 48.73
CA GLN C 39 4.85 -13.81 48.16
C GLN C 39 6.33 -13.82 48.49
N SER C 40 6.98 -14.92 48.11
CA SER C 40 8.44 -14.97 48.14
C SER C 40 8.99 -14.04 47.07
N ASP C 41 10.08 -13.36 47.41
CA ASP C 41 10.62 -12.31 46.54
C ASP C 41 11.23 -12.91 45.28
N ALA C 42 11.31 -12.06 44.24
CA ALA C 42 12.12 -12.27 43.03
C ALA C 42 11.66 -13.52 42.26
N MET C 43 10.46 -13.44 41.71
CA MET C 43 9.96 -14.47 40.83
C MET C 43 10.16 -14.05 39.37
N VAL C 44 10.56 -15.00 38.55
CA VAL C 44 10.60 -14.82 37.11
C VAL C 44 9.39 -15.51 36.52
N SER C 45 8.53 -14.74 35.88
CA SER C 45 7.21 -15.22 35.46
C SER C 45 7.24 -15.55 33.98
N ILE C 46 7.32 -16.85 33.66
CA ILE C 46 7.32 -17.31 32.28
C ILE C 46 5.85 -17.49 31.89
N PHE C 47 5.31 -16.52 31.18
CA PHE C 47 3.89 -16.47 30.88
C PHE C 47 3.67 -16.84 29.42
N LEU C 48 2.78 -17.79 29.18
CA LEU C 48 2.45 -18.27 27.85
C LEU C 48 1.16 -17.60 27.40
N TYR C 49 1.27 -16.54 26.61
CA TYR C 49 0.09 -15.69 26.41
C TYR C 49 -0.78 -16.10 25.24
N ASP C 50 -0.20 -16.60 24.15
CA ASP C 50 -1.03 -17.03 23.05
C ASP C 50 -0.33 -18.15 22.31
N ILE C 51 -1.07 -19.21 22.00
CA ILE C 51 -0.58 -20.29 21.18
C ILE C 51 -1.49 -20.43 19.96
N HIS C 52 -0.88 -20.56 18.80
CA HIS C 52 -1.63 -20.65 17.56
C HIS C 52 -0.75 -21.35 16.55
N GLU C 53 -1.37 -22.06 15.60
CA GLU C 53 -0.58 -22.74 14.59
C GLU C 53 -0.02 -21.72 13.61
N ASP C 54 1.25 -21.90 13.24
CA ASP C 54 1.90 -20.98 12.32
C ASP C 54 1.72 -21.50 10.91
N LEU C 55 1.15 -20.65 10.06
CA LEU C 55 0.89 -21.06 8.68
C LEU C 55 2.16 -21.09 7.85
N GLN C 56 3.21 -20.40 8.31
CA GLN C 56 4.43 -20.26 7.54
C GLN C 56 5.19 -21.57 7.40
N LEU C 57 5.13 -22.41 8.42
CA LEU C 57 5.91 -23.64 8.47
C LEU C 57 5.19 -24.85 7.91
N ARG C 58 3.94 -24.71 7.48
CA ARG C 58 3.17 -25.89 7.10
C ARG C 58 3.56 -26.35 5.71
N SER C 59 3.04 -27.51 5.32
CA SER C 59 3.40 -28.12 4.05
C SER C 59 2.33 -29.12 3.65
N ALA C 60 2.61 -29.82 2.55
CA ALA C 60 1.65 -30.76 1.96
C ALA C 60 2.10 -32.17 2.28
N GLU C 61 1.52 -32.77 3.31
CA GLU C 61 1.97 -34.05 3.85
C GLU C 61 0.89 -35.10 3.69
N SER C 62 1.27 -36.26 3.17
CA SER C 62 0.41 -37.43 3.23
C SER C 62 0.66 -38.16 4.54
N ARG C 63 -0.36 -38.84 5.03
CA ARG C 63 -0.19 -39.66 6.23
C ARG C 63 0.71 -40.83 5.90
N GLY C 64 1.80 -40.97 6.64
CA GLY C 64 2.75 -42.03 6.39
C GLY C 64 2.18 -43.39 6.72
N PHE C 65 2.81 -44.41 6.16
CA PHE C 65 2.31 -45.78 6.27
C PHE C 65 3.36 -46.61 6.97
N ASP C 66 3.02 -47.16 8.13
CA ASP C 66 3.82 -48.18 8.76
C ASP C 66 3.40 -49.53 8.19
N VAL C 67 4.38 -50.35 7.83
CA VAL C 67 4.06 -51.56 7.09
C VAL C 67 3.88 -52.74 8.04
N TYR C 68 4.67 -52.80 9.12
CA TYR C 68 4.72 -53.98 9.97
C TYR C 68 3.51 -54.08 10.89
N ALA C 69 2.64 -53.07 10.89
CA ALA C 69 1.44 -53.06 11.68
C ALA C 69 0.17 -52.92 10.86
N GLY C 70 0.27 -52.52 9.60
CA GLY C 70 -0.91 -52.25 8.80
C GLY C 70 -1.67 -51.04 9.28
N ARG C 71 -0.98 -49.97 9.62
CA ARG C 71 -1.58 -48.83 10.29
C ARG C 71 -1.14 -47.54 9.62
N LEU C 72 -1.99 -46.53 9.68
CA LEU C 72 -1.67 -45.21 9.15
C LEU C 72 -1.24 -44.28 10.28
N LEU C 73 -0.26 -43.44 9.99
CA LEU C 73 0.33 -42.55 10.96
C LEU C 73 -0.57 -41.34 11.20
N PRO C 74 -0.52 -40.74 12.41
CA PRO C 74 -1.47 -39.67 12.72
C PRO C 74 -1.29 -38.36 11.97
N GLY C 75 -0.10 -37.78 12.00
CA GLY C 75 0.10 -36.47 11.42
C GLY C 75 0.31 -35.41 12.49
N TRP C 76 0.77 -34.24 12.06
CA TRP C 76 1.18 -33.18 12.96
C TRP C 76 0.50 -31.87 12.59
N VAL C 77 0.53 -30.92 13.53
CA VAL C 77 -0.21 -29.67 13.40
C VAL C 77 0.70 -28.44 13.29
N ASN C 78 1.92 -28.51 13.84
CA ASN C 78 2.87 -27.39 13.90
C ASN C 78 2.28 -26.20 14.66
N ILE C 79 2.14 -26.36 15.97
CA ILE C 79 1.62 -25.28 16.81
C ILE C 79 2.76 -24.45 17.38
N LYS C 80 2.61 -23.12 17.34
CA LYS C 80 3.60 -22.17 17.80
C LYS C 80 3.20 -21.60 19.15
N CYS C 81 4.15 -21.59 20.10
CA CYS C 81 3.87 -21.16 21.47
C CYS C 81 4.69 -19.93 21.80
N ASN C 82 4.02 -18.81 22.05
CA ASN C 82 4.69 -17.55 22.39
C ASN C 82 4.75 -17.36 23.89
N TYR C 83 5.91 -16.97 24.39
CA TYR C 83 6.11 -16.76 25.82
C TYR C 83 6.31 -15.28 26.11
N LEU C 84 6.39 -14.95 27.40
CA LEU C 84 6.65 -13.60 27.88
C LEU C 84 7.31 -13.70 29.24
N ILE C 85 8.57 -13.28 29.33
CA ILE C 85 9.38 -13.52 30.51
C ILE C 85 9.67 -12.18 31.18
N THR C 86 9.05 -11.93 32.33
CA THR C 86 9.23 -10.71 33.09
C THR C 86 9.99 -11.01 34.37
N TYR C 87 10.10 -9.99 35.23
CA TYR C 87 10.74 -10.16 36.53
C TYR C 87 10.01 -9.32 37.56
N TRP C 88 9.51 -9.96 38.60
CA TRP C 88 8.75 -9.29 39.65
C TRP C 88 9.53 -9.28 40.94
N GLU C 89 9.16 -8.38 41.84
CA GLU C 89 9.81 -8.25 43.14
C GLU C 89 8.78 -8.45 44.24
N ALA C 90 9.20 -8.21 45.47
CA ALA C 90 8.32 -8.35 46.63
C ALA C 90 7.28 -7.24 46.67
N SER C 102 17.80 1.01 41.63
CA SER C 102 18.12 2.40 41.90
C SER C 102 19.61 2.67 41.70
N GLN C 103 20.26 1.80 40.94
CA GLN C 103 21.67 1.93 40.62
C GLN C 103 21.87 1.48 39.19
N PRO C 104 23.02 1.81 38.58
CA PRO C 104 23.39 1.14 37.32
C PRO C 104 23.46 -0.36 37.44
N ASP C 105 23.98 -0.86 38.55
CA ASP C 105 23.92 -2.29 38.85
C ASP C 105 22.61 -2.54 39.59
N ASN C 106 21.53 -2.61 38.83
CA ASN C 106 20.23 -2.89 39.40
C ASN C 106 20.12 -4.36 39.78
N GLN C 107 19.16 -4.67 40.64
CA GLN C 107 18.87 -6.07 40.92
C GLN C 107 18.05 -6.68 39.79
N ALA C 108 17.09 -5.91 39.25
CA ALA C 108 16.23 -6.42 38.19
C ALA C 108 16.98 -6.58 36.87
N ILE C 109 18.06 -5.82 36.68
CA ILE C 109 18.87 -5.99 35.48
C ILE C 109 19.68 -7.27 35.57
N GLN C 110 20.20 -7.59 36.76
CA GLN C 110 21.08 -8.75 36.92
C GLN C 110 20.32 -10.06 36.71
N VAL C 111 19.03 -10.08 36.98
CA VAL C 111 18.28 -11.29 36.71
C VAL C 111 17.83 -11.32 35.25
N MET C 112 17.44 -10.18 34.69
CA MET C 112 17.02 -10.15 33.29
C MET C 112 18.21 -10.34 32.36
N SER C 113 19.41 -9.94 32.78
CA SER C 113 20.59 -10.25 31.98
C SER C 113 20.92 -11.73 32.04
N GLN C 114 20.63 -12.39 33.16
CA GLN C 114 20.84 -13.83 33.24
C GLN C 114 19.80 -14.60 32.43
N VAL C 115 18.60 -14.04 32.27
CA VAL C 115 17.62 -14.66 31.39
C VAL C 115 18.01 -14.43 29.94
N LEU C 116 18.51 -13.24 29.62
CA LEU C 116 18.81 -12.89 28.24
C LEU C 116 20.01 -13.67 27.72
N ASN C 117 21.00 -13.94 28.58
CA ASN C 117 22.10 -14.79 28.18
C ASN C 117 21.68 -16.25 28.04
N ALA C 118 20.52 -16.61 28.56
CA ALA C 118 20.00 -17.96 28.33
C ALA C 118 19.15 -18.03 27.08
N LEU C 119 18.52 -16.92 26.68
CA LEU C 119 17.66 -16.97 25.51
C LEU C 119 18.45 -16.92 24.21
N ILE C 120 19.43 -16.04 24.11
CA ILE C 120 20.18 -15.92 22.87
C ILE C 120 21.20 -17.05 22.72
N ASN C 121 21.54 -17.71 23.82
CA ASN C 121 22.45 -18.84 23.71
C ASN C 121 21.73 -20.10 23.25
N ASN C 122 20.48 -20.27 23.66
CA ASN C 122 19.65 -21.39 23.21
C ASN C 122 18.80 -21.01 22.02
N ARG C 123 19.44 -20.72 20.88
CA ARG C 123 18.70 -20.40 19.67
C ARG C 123 17.89 -21.58 19.18
N GLN C 124 18.50 -22.76 19.10
CA GLN C 124 17.75 -24.00 19.04
C GLN C 124 17.66 -24.52 20.46
N LEU C 125 16.48 -25.02 20.83
CA LEU C 125 16.25 -25.33 22.23
C LEU C 125 16.93 -26.65 22.59
N ALA C 126 17.70 -26.64 23.68
CA ALA C 126 18.64 -27.72 23.94
C ALA C 126 17.92 -28.98 24.43
N GLY C 127 16.88 -28.82 25.24
CA GLY C 127 16.13 -29.98 25.70
C GLY C 127 15.28 -30.61 24.62
N ILE C 128 14.99 -29.86 23.57
CA ILE C 128 14.10 -30.29 22.49
C ILE C 128 14.66 -29.75 21.18
N PRO C 129 15.61 -30.45 20.57
CA PRO C 129 16.25 -29.93 19.37
C PRO C 129 15.34 -30.10 18.16
N GLY C 130 15.59 -29.27 17.14
CA GLY C 130 14.79 -29.30 15.94
C GLY C 130 13.57 -28.42 15.97
N ALA C 131 13.22 -27.84 17.11
CA ALA C 131 12.11 -26.91 17.16
C ALA C 131 12.55 -25.57 16.59
N TYR C 132 11.77 -25.05 15.66
CA TYR C 132 12.11 -23.80 14.98
C TYR C 132 11.68 -22.63 15.86
N THR C 133 12.65 -21.93 16.44
CA THR C 133 12.37 -20.91 17.45
C THR C 133 12.80 -19.54 16.96
N GLN C 134 12.10 -18.51 17.46
CA GLN C 134 12.50 -17.13 17.29
C GLN C 134 12.82 -16.55 18.66
N VAL C 135 14.04 -16.05 18.83
CA VAL C 135 14.43 -15.39 20.06
C VAL C 135 14.21 -13.90 19.88
N VAL C 136 13.82 -13.23 20.96
CA VAL C 136 13.64 -11.79 21.20
C VAL C 136 13.30 -10.96 19.96
N PRO C 137 12.23 -11.26 19.21
CA PRO C 137 12.06 -10.62 17.91
C PRO C 137 11.48 -9.23 18.07
N PRO C 138 11.72 -8.33 17.10
CA PRO C 138 11.13 -6.98 17.18
C PRO C 138 9.65 -6.94 16.85
N LYS C 139 8.84 -7.38 17.82
CA LYS C 139 7.40 -7.47 17.63
C LYS C 139 6.67 -6.27 18.19
N GLU C 140 7.35 -5.39 18.91
CA GLU C 140 6.68 -4.43 19.77
C GLU C 140 6.87 -2.98 19.33
N SER C 141 6.02 -2.13 19.88
CA SER C 141 6.13 -0.68 19.81
C SER C 141 5.75 -0.13 21.17
N LEU C 142 5.76 1.19 21.31
CA LEU C 142 5.31 1.77 22.56
C LEU C 142 3.79 1.77 22.64
N ASN C 143 3.11 1.78 21.49
CA ASN C 143 1.66 1.70 21.48
C ASN C 143 1.19 0.30 21.84
N SER C 144 1.87 -0.73 21.36
CA SER C 144 1.48 -2.08 21.69
C SER C 144 1.85 -2.44 23.13
N LEU C 145 2.97 -1.91 23.61
CA LEU C 145 3.36 -2.18 24.99
C LEU C 145 2.54 -1.32 25.95
N GLY C 146 1.95 -0.23 25.45
CA GLY C 146 1.10 0.58 26.30
C GLY C 146 -0.18 -0.15 26.68
N ASN C 147 -0.71 -0.97 25.77
CA ASN C 147 -1.92 -1.71 26.09
C ASN C 147 -1.61 -2.94 26.92
N PHE C 148 -0.36 -3.39 26.90
CA PHE C 148 0.01 -4.52 27.74
C PHE C 148 0.27 -4.09 29.16
N TRP C 149 0.92 -2.94 29.34
CA TRP C 149 1.22 -2.44 30.69
C TRP C 149 -0.04 -2.01 31.41
N GLN C 150 -1.07 -1.60 30.66
CA GLN C 150 -2.35 -1.29 31.27
C GLN C 150 -3.03 -2.55 31.79
N SER C 151 -2.75 -3.70 31.16
CA SER C 151 -3.50 -4.91 31.45
C SER C 151 -3.14 -5.47 32.83
N LEU C 152 -1.86 -5.45 33.18
CA LEU C 152 -1.43 -5.99 34.47
C LEU C 152 -1.36 -4.88 35.53
N GLY C 153 -2.46 -4.12 35.61
CA GLY C 153 -2.65 -3.18 36.70
C GLY C 153 -1.73 -1.98 36.72
N ASN C 154 -1.42 -1.43 35.55
CA ASN C 154 -0.72 -0.15 35.39
C ASN C 154 0.68 -0.15 36.01
N ARG C 155 1.43 -1.22 35.78
CA ARG C 155 2.80 -1.33 36.28
C ARG C 155 3.74 -1.61 35.12
N PRO C 156 4.42 -0.61 34.57
CA PRO C 156 5.31 -0.88 33.44
C PRO C 156 6.62 -1.52 33.88
N ARG C 157 7.11 -2.43 33.06
CA ARG C 157 8.34 -3.15 33.34
C ARG C 157 8.90 -3.72 32.04
N LEU C 158 10.04 -4.39 32.17
CA LEU C 158 10.73 -5.00 31.03
C LEU C 158 10.11 -6.36 30.77
N SER C 159 10.15 -6.79 29.51
CA SER C 159 9.58 -8.08 29.14
C SER C 159 10.33 -8.64 27.94
N LEU C 160 10.74 -9.90 28.04
CA LEU C 160 11.33 -10.62 26.94
C LEU C 160 10.36 -11.68 26.45
N ASN C 161 10.25 -11.80 25.13
CA ASN C 161 9.34 -12.77 24.55
C ASN C 161 10.12 -13.69 23.62
N TYR C 162 9.68 -14.94 23.56
CA TYR C 162 10.47 -16.02 22.99
C TYR C 162 9.52 -17.12 22.56
N SER C 163 9.55 -17.48 21.28
CA SER C 163 8.48 -18.26 20.67
C SER C 163 9.02 -19.56 20.09
N VAL C 164 8.42 -20.68 20.50
CA VAL C 164 8.81 -22.00 20.03
C VAL C 164 7.69 -22.55 19.17
N THR C 165 8.05 -23.27 18.10
CA THR C 165 7.08 -23.95 17.24
C THR C 165 7.35 -25.44 17.35
N VAL C 166 6.41 -26.19 17.92
CA VAL C 166 6.60 -27.63 18.08
C VAL C 166 5.45 -28.38 17.42
N PRO C 167 5.68 -29.56 16.87
CA PRO C 167 4.58 -30.32 16.27
C PRO C 167 3.78 -31.07 17.33
N VAL C 168 2.47 -30.91 17.28
CA VAL C 168 1.54 -31.63 18.14
C VAL C 168 0.85 -32.68 17.29
N SER C 169 0.60 -33.86 17.86
CA SER C 169 0.08 -34.98 17.10
C SER C 169 -1.41 -35.17 17.34
N LEU C 170 -2.11 -35.59 16.29
CA LEU C 170 -3.48 -36.07 16.43
C LEU C 170 -3.47 -37.45 17.06
N ASN C 171 -4.67 -37.94 17.41
CA ASN C 171 -4.80 -39.23 18.09
C ASN C 171 -5.84 -40.09 17.38
N ASP C 172 -5.37 -41.06 16.60
CA ASP C 172 -6.22 -42.11 16.06
C ASP C 172 -5.31 -43.27 15.69
N GLY C 173 -5.90 -44.47 15.70
CA GLY C 173 -5.21 -45.65 15.23
C GLY C 173 -6.13 -46.57 14.46
N GLN C 174 -7.39 -46.15 14.29
CA GLN C 174 -8.37 -46.99 13.62
C GLN C 174 -8.29 -46.92 12.10
N ASP C 175 -7.76 -45.83 11.55
CA ASP C 175 -7.57 -45.74 10.11
C ASP C 175 -6.44 -46.69 9.70
N SER C 176 -6.81 -47.80 9.07
CA SER C 176 -5.88 -48.85 8.75
C SER C 176 -6.09 -49.33 7.33
N ALA C 177 -4.99 -49.63 6.65
CA ALA C 177 -5.03 -50.15 5.29
C ALA C 177 -3.98 -51.23 5.15
N THR C 178 -4.23 -52.16 4.32
CA THR C 178 -3.29 -53.24 4.12
C THR C 178 -2.27 -52.88 3.04
N PRO C 179 -1.05 -53.40 3.11
CA PRO C 179 -0.08 -53.13 2.05
C PRO C 179 -0.46 -53.83 0.76
N VAL C 180 -0.04 -53.25 -0.36
CA VAL C 180 -0.39 -53.80 -1.66
C VAL C 180 0.36 -55.10 -1.88
N THR C 181 -0.38 -56.17 -2.14
CA THR C 181 0.22 -57.49 -2.22
C THR C 181 0.58 -57.86 -3.65
N ALA C 182 -0.41 -57.88 -4.54
CA ALA C 182 -0.23 -58.36 -5.90
C ALA C 182 -0.88 -57.37 -6.86
N VAL C 183 -0.18 -57.09 -7.95
CA VAL C 183 -0.69 -56.24 -9.02
C VAL C 183 -1.04 -57.14 -10.19
N SER C 184 -2.32 -57.20 -10.54
CA SER C 184 -2.80 -58.01 -11.65
C SER C 184 -3.64 -57.12 -12.57
N SER C 185 -3.34 -57.15 -13.87
CA SER C 185 -4.05 -56.35 -14.84
C SER C 185 -4.52 -57.26 -15.97
N THR C 186 -5.68 -56.94 -16.57
CA THR C 186 -6.27 -57.79 -17.58
C THR C 186 -6.79 -56.94 -18.73
N VAL C 187 -5.97 -56.80 -19.77
CA VAL C 187 -6.39 -56.06 -20.96
C VAL C 187 -7.43 -56.87 -21.73
N GLU C 188 -8.32 -56.17 -22.43
CA GLU C 188 -9.42 -56.82 -23.11
C GLU C 188 -9.88 -55.93 -24.26
N GLN C 189 -10.54 -56.55 -25.23
CA GLN C 189 -11.11 -55.83 -26.35
C GLN C 189 -12.47 -55.25 -25.95
N THR C 190 -12.61 -53.94 -26.08
CA THR C 190 -13.90 -53.28 -25.85
C THR C 190 -14.75 -53.43 -27.10
N ALA C 191 -16.06 -53.59 -26.90
CA ALA C 191 -16.97 -53.82 -28.01
C ALA C 191 -17.13 -52.56 -28.86
N SER C 192 -17.77 -52.73 -30.02
CA SER C 192 -17.92 -51.62 -30.96
C SER C 192 -18.91 -50.59 -30.43
N LEU C 193 -19.98 -51.04 -29.79
CA LEU C 193 -20.94 -50.16 -29.16
C LEU C 193 -20.50 -49.82 -27.75
N SER C 194 -20.85 -48.63 -27.30
CA SER C 194 -20.44 -48.09 -26.01
C SER C 194 -21.68 -47.86 -25.15
N GLN C 195 -21.48 -47.20 -24.01
CA GLN C 195 -22.58 -46.84 -23.14
C GLN C 195 -23.43 -45.74 -23.75
N GLU C 196 -22.85 -44.93 -24.64
CA GLU C 196 -23.58 -43.83 -25.25
C GLU C 196 -24.45 -44.29 -26.41
N VAL C 197 -23.97 -45.24 -27.20
CA VAL C 197 -24.73 -45.75 -28.33
C VAL C 197 -25.93 -46.55 -27.84
N VAL C 198 -25.75 -47.32 -26.77
CA VAL C 198 -26.84 -48.11 -26.19
C VAL C 198 -27.92 -47.21 -25.61
N SER C 199 -27.54 -46.11 -24.95
CA SER C 199 -28.51 -45.25 -24.26
C SER C 199 -29.42 -44.50 -25.23
N HIS C 200 -28.97 -44.26 -26.46
CA HIS C 200 -29.88 -43.74 -27.46
C HIS C 200 -30.85 -44.82 -27.92
N ALA C 201 -30.37 -46.05 -28.06
CA ALA C 201 -31.21 -47.12 -28.59
C ALA C 201 -32.26 -47.58 -27.58
N LEU C 202 -32.03 -47.37 -26.29
CA LEU C 202 -33.04 -47.75 -25.30
C LEU C 202 -34.14 -46.71 -25.21
N ARG C 203 -33.77 -45.42 -25.23
CA ARG C 203 -34.77 -44.37 -25.10
C ARG C 203 -35.61 -44.26 -26.36
N GLU C 204 -34.98 -44.41 -27.53
CA GLU C 204 -35.73 -44.37 -28.78
C GLU C 204 -36.60 -45.61 -28.95
N LEU C 205 -36.27 -46.69 -28.27
CA LEU C 205 -37.21 -47.80 -28.14
C LEU C 205 -38.36 -47.41 -27.22
N LEU C 206 -38.05 -46.73 -26.12
CA LEU C 206 -39.07 -46.43 -25.12
C LEU C 206 -40.00 -45.33 -25.60
N ILE C 207 -39.51 -44.42 -26.44
CA ILE C 207 -40.38 -43.48 -27.14
C ILE C 207 -41.30 -44.24 -28.10
N THR C 208 -40.74 -45.19 -28.84
CA THR C 208 -41.51 -45.96 -29.80
C THR C 208 -42.44 -46.97 -29.14
N GLU C 209 -42.04 -47.54 -27.99
CA GLU C 209 -42.92 -48.46 -27.27
C GLU C 209 -44.10 -47.73 -26.65
N LEU C 210 -43.90 -46.48 -26.24
CA LEU C 210 -45.02 -45.67 -25.77
C LEU C 210 -45.96 -45.26 -26.89
N GLY C 211 -45.42 -45.04 -28.09
CA GLY C 211 -46.21 -44.62 -29.23
C GLY C 211 -45.60 -43.47 -30.02
N GLY C 212 -44.44 -42.97 -29.63
CA GLY C 212 -43.79 -41.91 -30.37
C GLY C 212 -44.48 -40.55 -30.20
N GLY C 213 -44.08 -39.62 -31.06
CA GLY C 213 -44.63 -38.29 -31.05
C GLY C 213 -43.77 -37.30 -30.30
N GLU C 214 -44.17 -36.03 -30.38
CA GLU C 214 -43.46 -34.99 -29.66
C GLU C 214 -43.98 -34.84 -28.23
N ASP C 215 -45.29 -34.99 -28.04
CA ASP C 215 -45.90 -34.89 -26.73
C ASP C 215 -45.54 -36.03 -25.81
N ASN C 216 -45.06 -37.15 -26.35
CA ASN C 216 -44.58 -38.25 -25.52
C ASN C 216 -43.08 -38.16 -25.26
N ARG C 217 -42.36 -37.39 -26.09
CA ARG C 217 -40.93 -37.24 -25.87
C ARG C 217 -40.65 -36.22 -24.78
N LEU C 218 -41.47 -35.18 -24.67
CA LEU C 218 -41.24 -34.14 -23.66
C LEU C 218 -41.55 -34.62 -22.26
N VAL C 219 -42.53 -35.52 -22.10
CA VAL C 219 -42.80 -36.05 -20.77
C VAL C 219 -41.74 -37.05 -20.35
N LEU C 220 -41.04 -37.65 -21.31
CA LEU C 220 -39.91 -38.51 -21.03
C LEU C 220 -38.58 -37.81 -21.25
N SER C 221 -38.56 -36.48 -21.23
CA SER C 221 -37.32 -35.77 -21.51
C SER C 221 -36.36 -35.79 -20.34
N LYS C 222 -36.88 -35.88 -19.11
CA LYS C 222 -36.05 -35.82 -17.91
C LYS C 222 -35.75 -37.21 -17.36
N VAL C 223 -35.73 -38.24 -18.21
CA VAL C 223 -35.41 -39.60 -17.80
C VAL C 223 -34.22 -40.05 -18.60
N GLU C 224 -33.19 -40.55 -17.92
CA GLU C 224 -32.00 -41.10 -18.56
C GLU C 224 -31.94 -42.60 -18.32
N LEU C 225 -31.38 -43.31 -19.28
CA LEU C 225 -31.20 -44.75 -19.21
C LEU C 225 -29.72 -45.05 -19.34
N SER C 226 -29.12 -45.57 -18.26
CA SER C 226 -27.69 -45.82 -18.22
C SER C 226 -27.46 -47.30 -17.98
N ALA C 227 -26.64 -47.92 -18.83
CA ALA C 227 -26.52 -49.37 -18.88
C ALA C 227 -25.15 -49.84 -18.37
N VAL C 228 -25.19 -50.83 -17.49
CA VAL C 228 -24.01 -51.60 -17.11
C VAL C 228 -24.18 -53.01 -17.66
N LYS C 229 -23.28 -53.42 -18.54
CA LYS C 229 -23.53 -54.57 -19.40
C LYS C 229 -22.35 -55.52 -19.42
N GLU C 230 -22.62 -56.78 -19.74
CA GLU C 230 -21.59 -57.79 -19.97
C GLU C 230 -21.89 -58.48 -21.30
N THR C 231 -21.09 -58.18 -22.32
CA THR C 231 -21.24 -58.84 -23.60
C THR C 231 -20.68 -60.27 -23.54
N MET C 232 -21.58 -61.25 -23.54
CA MET C 232 -21.15 -62.64 -23.38
C MET C 232 -21.22 -63.45 -24.66
N THR C 233 -22.07 -63.07 -25.61
CA THR C 233 -22.02 -63.69 -26.92
C THR C 233 -21.01 -62.96 -27.81
N GLN C 234 -20.24 -63.73 -28.58
CA GLN C 234 -19.12 -63.19 -29.33
C GLN C 234 -19.30 -63.37 -30.84
N ASP C 235 -20.53 -63.27 -31.32
CA ASP C 235 -20.80 -63.35 -32.75
C ASP C 235 -21.45 -62.06 -33.26
N MET C 240 -26.06 -59.43 -26.99
CA MET C 240 -25.26 -59.26 -25.78
C MET C 240 -26.12 -58.84 -24.60
N ILE C 241 -25.76 -59.34 -23.41
CA ILE C 241 -26.56 -59.13 -22.22
C ILE C 241 -26.32 -57.72 -21.68
N ILE C 242 -27.39 -56.94 -21.56
CA ILE C 242 -27.34 -55.53 -21.15
C ILE C 242 -28.44 -55.31 -20.11
N LEU C 243 -28.08 -54.65 -19.01
CA LEU C 243 -29.07 -54.23 -18.02
C LEU C 243 -28.80 -52.77 -17.64
N LEU C 244 -29.86 -52.06 -17.24
CA LEU C 244 -29.80 -50.63 -17.05
C LEU C 244 -30.23 -50.20 -15.64
N SER C 245 -30.16 -48.89 -15.42
CA SER C 245 -30.63 -48.23 -14.20
C SER C 245 -31.30 -46.93 -14.61
N VAL C 246 -32.51 -46.69 -14.09
CA VAL C 246 -33.38 -45.62 -14.55
C VAL C 246 -33.50 -44.57 -13.45
N SER C 247 -33.41 -43.31 -13.82
CA SER C 247 -33.50 -42.22 -12.85
C SER C 247 -34.04 -40.98 -13.53
N GLY C 248 -34.84 -40.20 -12.78
CA GLY C 248 -35.29 -38.92 -13.27
C GLY C 248 -36.56 -38.40 -12.61
N ILE C 249 -37.35 -37.65 -13.37
CA ILE C 249 -38.71 -37.27 -12.99
C ILE C 249 -39.60 -37.44 -14.20
N THR C 250 -40.87 -37.72 -13.93
CA THR C 250 -41.89 -37.78 -14.97
C THR C 250 -43.23 -37.46 -14.34
N ARG C 251 -44.21 -37.19 -15.19
CA ARG C 251 -45.49 -36.68 -14.71
C ARG C 251 -46.31 -37.83 -14.13
N GLN C 252 -47.43 -37.46 -13.50
CA GLN C 252 -48.27 -38.42 -12.78
C GLN C 252 -48.96 -39.39 -13.73
N GLU C 253 -49.23 -38.96 -14.97
CA GLU C 253 -49.98 -39.81 -15.91
C GLU C 253 -49.12 -40.94 -16.43
N TYR C 254 -47.99 -40.62 -17.05
CA TYR C 254 -47.17 -41.62 -17.72
C TYR C 254 -46.25 -42.37 -16.77
N LEU C 255 -46.37 -42.15 -15.45
CA LEU C 255 -45.60 -42.97 -14.52
C LEU C 255 -46.12 -44.40 -14.50
N LYS C 256 -47.43 -44.59 -14.59
CA LYS C 256 -48.01 -45.93 -14.55
C LYS C 256 -47.75 -46.70 -15.84
N GLU C 257 -47.80 -46.00 -16.98
CA GLU C 257 -47.63 -46.68 -18.26
C GLU C 257 -46.17 -47.05 -18.55
N ILE C 258 -45.23 -46.18 -18.17
CA ILE C 258 -43.82 -46.48 -18.42
C ILE C 258 -43.35 -47.59 -17.49
N ASP C 259 -43.80 -47.57 -16.23
CA ASP C 259 -43.57 -48.68 -15.32
C ASP C 259 -44.24 -49.96 -15.78
N ASN C 260 -45.30 -49.86 -16.59
CA ASN C 260 -45.83 -51.04 -17.28
C ASN C 260 -44.99 -51.40 -18.49
N ILE C 261 -44.29 -50.44 -19.09
CA ILE C 261 -43.53 -50.73 -20.30
C ILE C 261 -42.25 -51.48 -19.97
N PHE C 262 -41.42 -50.95 -19.05
CA PHE C 262 -40.22 -51.70 -18.72
C PHE C 262 -40.48 -52.83 -17.72
N ASP C 263 -41.72 -53.03 -17.30
CA ASP C 263 -42.10 -54.29 -16.66
C ASP C 263 -41.96 -55.45 -17.63
N ARG C 264 -42.72 -55.40 -18.73
CA ARG C 264 -42.73 -56.50 -19.69
C ARG C 264 -41.48 -56.53 -20.55
N TRP C 265 -40.75 -55.42 -20.60
CA TRP C 265 -39.58 -55.29 -21.45
C TRP C 265 -38.41 -56.12 -20.93
N VAL C 266 -38.36 -56.38 -19.62
CA VAL C 266 -37.30 -57.21 -19.07
C VAL C 266 -37.59 -58.69 -19.31
N ASN C 267 -38.67 -59.20 -18.73
CA ASN C 267 -38.99 -60.62 -18.78
C ASN C 267 -39.64 -60.93 -20.13
N ASN C 268 -38.81 -61.16 -21.15
CA ASN C 268 -39.30 -61.52 -22.46
C ASN C 268 -38.26 -62.47 -23.07
N ALA C 269 -38.50 -62.94 -24.30
CA ALA C 269 -37.62 -63.93 -24.92
C ALA C 269 -36.37 -63.32 -25.56
N GLU C 270 -36.01 -62.08 -25.17
CA GLU C 270 -34.79 -61.39 -25.60
C GLU C 270 -34.73 -61.25 -27.12
N VAL C 271 -35.79 -60.66 -27.68
CA VAL C 271 -35.90 -60.53 -29.13
C VAL C 271 -35.31 -59.23 -29.66
N ILE C 272 -35.09 -58.25 -28.80
CA ILE C 272 -34.53 -56.98 -29.25
C ILE C 272 -33.01 -57.02 -29.27
N CYS C 278 -25.62 -57.77 -32.86
CA CYS C 278 -25.67 -57.07 -31.58
C CYS C 278 -27.10 -57.00 -31.06
N GLY C 279 -27.40 -57.84 -30.08
CA GLY C 279 -28.75 -57.98 -29.54
C GLY C 279 -28.85 -57.34 -28.16
N ILE C 280 -30.07 -57.01 -27.77
CA ILE C 280 -30.35 -56.36 -26.49
C ILE C 280 -30.99 -57.41 -25.59
N ARG C 281 -30.19 -58.01 -24.72
CA ARG C 281 -30.67 -59.05 -23.82
C ARG C 281 -30.81 -58.46 -22.43
N ILE C 282 -32.04 -58.14 -22.06
CA ILE C 282 -32.33 -57.38 -20.84
C ILE C 282 -32.51 -58.34 -19.68
N GLU C 283 -31.99 -57.97 -18.52
CA GLU C 283 -31.90 -58.89 -17.39
C GLU C 283 -32.25 -58.12 -16.11
N SER C 284 -31.85 -58.71 -14.97
CA SER C 284 -32.49 -58.53 -13.68
C SER C 284 -32.56 -57.09 -13.17
N ILE C 285 -31.43 -56.38 -13.13
CA ILE C 285 -31.39 -55.06 -12.49
C ILE C 285 -32.09 -54.03 -13.37
N THR C 286 -33.16 -53.45 -12.82
CA THR C 286 -33.93 -52.39 -13.45
C THR C 286 -34.17 -51.31 -12.38
N LYS C 287 -33.04 -50.81 -11.86
CA LYS C 287 -33.02 -49.89 -10.73
C LYS C 287 -33.80 -48.61 -11.03
N ASP C 288 -34.65 -48.22 -10.09
CA ASP C 288 -35.50 -47.04 -10.22
C ASP C 288 -35.11 -46.02 -9.16
N ASN C 289 -34.80 -44.81 -9.61
CA ASN C 289 -34.64 -43.66 -8.74
C ASN C 289 -35.68 -42.59 -9.02
N LEU C 290 -36.39 -42.70 -10.14
CA LEU C 290 -37.42 -41.72 -10.44
C LEU C 290 -38.65 -41.98 -9.56
N VAL C 291 -39.17 -40.91 -8.97
CA VAL C 291 -40.50 -40.93 -8.40
C VAL C 291 -41.34 -39.98 -9.26
N GLY C 292 -42.45 -40.48 -9.79
CA GLY C 292 -43.32 -39.66 -10.61
C GLY C 292 -44.02 -38.60 -9.80
N ILE C 293 -44.32 -37.48 -10.45
CA ILE C 293 -44.85 -36.32 -9.72
C ILE C 293 -46.36 -36.28 -9.81
N LEU D 2 -24.16 -31.90 7.07
CA LEU D 2 -24.10 -30.85 6.06
C LEU D 2 -25.51 -30.35 5.71
N ASN D 3 -26.47 -30.64 6.58
CA ASN D 3 -27.78 -30.03 6.48
C ASN D 3 -27.75 -28.63 7.05
N THR D 4 -28.88 -27.94 6.96
CA THR D 4 -28.93 -26.56 7.41
C THR D 4 -29.12 -26.50 8.91
N GLN D 5 -28.33 -25.66 9.58
CA GLN D 5 -28.14 -25.73 11.01
C GLN D 5 -28.77 -24.54 11.72
N THR D 6 -28.55 -24.47 13.03
CA THR D 6 -28.98 -23.38 13.86
C THR D 6 -27.82 -23.08 14.79
N ILE D 7 -27.80 -21.86 15.36
CA ILE D 7 -26.70 -21.44 16.22
C ILE D 7 -26.67 -22.25 17.51
N ILE D 8 -27.81 -22.75 17.96
CA ILE D 8 -27.81 -23.64 19.12
C ILE D 8 -27.24 -25.00 18.74
N ASP D 9 -27.46 -25.45 17.49
CA ASP D 9 -26.94 -26.74 17.07
C ASP D 9 -25.43 -26.73 16.86
N VAL D 10 -24.81 -25.56 16.68
CA VAL D 10 -23.36 -25.51 16.70
C VAL D 10 -22.84 -25.21 18.10
N ASN D 11 -23.68 -24.67 18.98
CA ASN D 11 -23.26 -24.47 20.35
C ASN D 11 -23.33 -25.77 21.14
N LYS D 12 -24.33 -26.62 20.86
CA LYS D 12 -24.40 -27.92 21.50
C LYS D 12 -23.32 -28.85 20.98
N ALA D 13 -22.83 -28.60 19.76
CA ALA D 13 -21.75 -29.41 19.23
C ALA D 13 -20.39 -28.98 19.78
N MET D 14 -20.32 -27.86 20.48
CA MET D 14 -19.10 -27.53 21.22
C MET D 14 -18.93 -28.47 22.41
N ASP D 15 -20.01 -28.69 23.16
CA ASP D 15 -19.91 -29.45 24.40
C ASP D 15 -19.68 -30.92 24.14
N ALA D 16 -20.32 -31.47 23.11
CA ALA D 16 -20.10 -32.88 22.80
C ALA D 16 -18.75 -33.11 22.16
N MET D 17 -18.17 -32.10 21.52
CA MET D 17 -16.81 -32.23 21.00
C MET D 17 -15.80 -32.15 22.14
N LEU D 18 -15.96 -31.17 23.02
CA LEU D 18 -14.88 -30.85 23.94
C LEU D 18 -14.90 -31.73 25.18
N ARG D 19 -16.05 -32.27 25.58
CA ARG D 19 -16.09 -33.07 26.80
C ARG D 19 -15.64 -34.50 26.59
N ALA D 20 -15.37 -34.90 25.35
CA ALA D 20 -14.85 -36.24 25.11
C ALA D 20 -13.34 -36.31 25.29
N TYR D 21 -12.67 -35.15 25.32
CA TYR D 21 -11.23 -35.10 25.52
C TYR D 21 -10.84 -34.50 26.85
N LEU D 22 -11.73 -33.76 27.50
CA LEU D 22 -11.42 -33.13 28.77
C LEU D 22 -11.55 -34.13 29.91
N ASN D 23 -11.21 -33.67 31.11
CA ASN D 23 -11.48 -34.44 32.31
C ASN D 23 -12.97 -34.46 32.59
N GLN D 24 -13.37 -35.36 33.50
CA GLN D 24 -14.79 -35.53 33.78
C GLN D 24 -15.30 -34.50 34.77
N ASP D 25 -14.41 -33.86 35.54
CA ASP D 25 -14.82 -32.99 36.62
C ASP D 25 -14.48 -31.53 36.38
N ILE D 26 -14.35 -31.12 35.12
CA ILE D 26 -14.13 -29.73 34.76
C ILE D 26 -15.44 -29.18 34.22
N ALA D 27 -16.02 -28.23 34.93
CA ALA D 27 -17.28 -27.64 34.51
C ALA D 27 -17.07 -26.79 33.27
N ILE D 28 -18.06 -26.80 32.38
CA ILE D 28 -17.99 -26.08 31.12
C ILE D 28 -19.14 -25.09 31.09
N ARG D 29 -18.83 -23.81 31.25
CA ARG D 29 -19.83 -22.76 31.22
C ARG D 29 -19.75 -22.04 29.88
N PHE D 30 -20.90 -21.75 29.30
CA PHE D 30 -20.95 -21.11 28.00
C PHE D 30 -21.11 -19.60 28.10
N ASP D 31 -20.70 -19.01 29.20
CA ASP D 31 -20.70 -17.57 29.35
C ASP D 31 -19.44 -17.18 30.10
N LEU D 32 -18.92 -16.00 29.78
CA LEU D 32 -17.78 -15.49 30.51
C LEU D 32 -18.20 -15.14 31.93
N PRO D 33 -17.51 -15.62 32.95
CA PRO D 33 -18.00 -15.48 34.32
C PRO D 33 -17.85 -14.06 34.84
N GLU D 34 -18.44 -13.82 36.01
CA GLU D 34 -18.47 -12.50 36.60
C GLU D 34 -17.13 -12.18 37.25
N LEU D 35 -17.08 -11.02 37.92
CA LEU D 35 -15.82 -10.54 38.46
C LEU D 35 -15.47 -11.22 39.77
N ASP D 36 -16.40 -11.21 40.73
CA ASP D 36 -16.12 -11.82 42.03
C ASP D 36 -16.16 -13.34 41.93
N THR D 37 -17.29 -13.88 41.44
CA THR D 37 -17.60 -15.28 41.12
C THR D 37 -17.11 -16.30 42.16
N MET D 38 -17.70 -16.22 43.35
CA MET D 38 -17.62 -17.36 44.26
C MET D 38 -18.32 -18.54 43.60
N GLN D 39 -17.54 -19.52 43.17
CA GLN D 39 -18.07 -20.52 42.26
C GLN D 39 -17.35 -21.85 42.47
N SER D 40 -17.83 -22.86 41.78
CA SER D 40 -17.10 -24.12 41.69
C SER D 40 -15.84 -23.92 40.87
N ASP D 41 -14.75 -24.55 41.31
CA ASP D 41 -13.44 -24.31 40.73
C ASP D 41 -13.36 -24.87 39.31
N ALA D 42 -12.41 -24.31 38.54
CA ALA D 42 -11.93 -24.85 37.27
C ALA D 42 -13.04 -24.95 36.23
N MET D 43 -13.51 -23.79 35.80
CA MET D 43 -14.45 -23.72 34.70
C MET D 43 -13.73 -23.38 33.40
N VAL D 44 -14.13 -24.05 32.33
CA VAL D 44 -13.67 -23.70 30.99
C VAL D 44 -14.78 -22.90 30.32
N SER D 45 -14.49 -21.67 29.97
CA SER D 45 -15.50 -20.72 29.51
C SER D 45 -15.48 -20.62 28.00
N ILE D 46 -16.43 -21.27 27.35
CA ILE D 46 -16.55 -21.22 25.89
C ILE D 46 -17.41 -20.01 25.56
N PHE D 47 -16.75 -18.93 25.18
CA PHE D 47 -17.42 -17.65 25.00
C PHE D 47 -17.57 -17.37 23.51
N LEU D 48 -18.78 -17.05 23.08
CA LEU D 48 -19.09 -16.74 21.69
C LEU D 48 -19.15 -15.23 21.53
N TYR D 49 -18.06 -14.62 21.05
CA TYR D 49 -17.96 -13.17 21.16
C TYR D 49 -18.54 -12.42 19.98
N ASP D 50 -18.43 -12.94 18.76
CA ASP D 50 -19.01 -12.24 17.64
C ASP D 50 -19.41 -13.26 16.58
N ILE D 51 -20.62 -13.10 16.06
CA ILE D 51 -21.08 -13.90 14.94
C ILE D 51 -21.45 -12.96 13.79
N HIS D 52 -21.00 -13.30 12.59
CA HIS D 52 -21.25 -12.48 11.43
C HIS D 52 -21.15 -13.37 10.21
N GLU D 53 -21.87 -13.02 9.16
CA GLU D 53 -21.82 -13.82 7.94
C GLU D 53 -20.49 -13.59 7.25
N ASP D 54 -19.89 -14.67 6.76
CA ASP D 54 -18.60 -14.58 6.08
C ASP D 54 -18.86 -14.41 4.59
N LEU D 55 -18.30 -13.34 4.04
CA LEU D 55 -18.50 -13.05 2.63
C LEU D 55 -17.69 -13.97 1.74
N GLN D 56 -16.65 -14.60 2.30
CA GLN D 56 -15.72 -15.40 1.52
C GLN D 56 -16.37 -16.67 0.98
N LEU D 57 -17.29 -17.25 1.74
CA LEU D 57 -17.89 -18.53 1.39
C LEU D 57 -19.17 -18.42 0.59
N ARG D 58 -19.64 -17.22 0.28
CA ARG D 58 -20.94 -17.08 -0.34
C ARG D 58 -20.84 -17.37 -1.83
N SER D 59 -22.01 -17.43 -2.48
CA SER D 59 -22.06 -17.81 -3.88
C SER D 59 -23.38 -17.32 -4.48
N ALA D 60 -23.60 -17.69 -5.73
CA ALA D 60 -24.75 -17.24 -6.49
C ALA D 60 -25.75 -18.40 -6.59
N GLU D 61 -26.75 -18.40 -5.73
CA GLU D 61 -27.65 -19.53 -5.59
C GLU D 61 -29.08 -19.13 -5.95
N SER D 62 -29.72 -19.93 -6.78
CA SER D 62 -31.15 -19.81 -7.00
C SER D 62 -31.87 -20.65 -5.94
N ARG D 63 -33.08 -20.22 -5.58
CA ARG D 63 -33.89 -21.02 -4.67
C ARG D 63 -34.30 -22.30 -5.36
N GLY D 64 -33.98 -23.43 -4.75
CA GLY D 64 -34.29 -24.71 -5.34
C GLY D 64 -35.78 -24.99 -5.34
N PHE D 65 -36.17 -25.91 -6.21
CA PHE D 65 -37.57 -26.20 -6.43
C PHE D 65 -37.84 -27.64 -6.05
N ASP D 66 -38.70 -27.86 -5.07
CA ASP D 66 -39.23 -29.18 -4.78
C ASP D 66 -40.45 -29.38 -5.66
N VAL D 67 -40.53 -30.55 -6.29
CA VAL D 67 -41.55 -30.75 -7.31
C VAL D 67 -42.80 -31.37 -6.70
N TYR D 68 -42.63 -32.28 -5.72
CA TYR D 68 -43.75 -33.08 -5.23
C TYR D 68 -44.65 -32.30 -4.30
N ALA D 69 -44.28 -31.06 -3.98
CA ALA D 69 -45.09 -30.20 -3.13
C ALA D 69 -45.49 -28.90 -3.81
N GLY D 70 -44.86 -28.54 -4.92
CA GLY D 70 -45.10 -27.25 -5.54
C GLY D 70 -44.63 -26.09 -4.69
N ARG D 71 -43.44 -26.20 -4.13
CA ARG D 71 -42.95 -25.26 -3.13
C ARG D 71 -41.52 -24.85 -3.46
N LEU D 72 -41.17 -23.63 -3.08
CA LEU D 72 -39.81 -23.13 -3.25
C LEU D 72 -39.03 -23.25 -1.95
N LEU D 73 -37.77 -23.60 -2.06
CA LEU D 73 -36.89 -23.84 -0.93
C LEU D 73 -36.44 -22.53 -0.32
N PRO D 74 -36.15 -22.50 1.00
CA PRO D 74 -35.84 -21.22 1.66
C PRO D 74 -34.53 -20.57 1.27
N GLY D 75 -33.42 -21.28 1.39
CA GLY D 75 -32.12 -20.67 1.17
C GLY D 75 -31.34 -20.52 2.47
N TRP D 76 -30.04 -20.25 2.33
CA TRP D 76 -29.13 -20.24 3.46
C TRP D 76 -28.35 -18.93 3.50
N VAL D 77 -27.74 -18.67 4.66
CA VAL D 77 -27.09 -17.38 4.92
C VAL D 77 -25.57 -17.51 5.08
N ASN D 78 -25.08 -18.68 5.50
CA ASN D 78 -23.65 -18.92 5.82
C ASN D 78 -23.14 -17.99 6.90
N ILE D 79 -23.60 -18.21 8.13
CA ILE D 79 -23.15 -17.39 9.25
C ILE D 79 -21.97 -18.06 9.96
N LYS D 80 -20.96 -17.24 10.28
CA LYS D 80 -19.72 -17.69 10.91
C LYS D 80 -19.73 -17.34 12.39
N CYS D 81 -19.41 -18.30 13.25
CA CYS D 81 -19.46 -18.13 14.69
C CYS D 81 -18.08 -18.27 15.29
N ASN D 82 -17.57 -17.18 15.87
CA ASN D 82 -16.25 -17.18 16.49
C ASN D 82 -16.34 -17.44 17.99
N TYR D 83 -15.49 -18.32 18.50
CA TYR D 83 -15.49 -18.66 19.91
C TYR D 83 -14.23 -18.14 20.58
N LEU D 84 -14.17 -18.30 21.90
CA LEU D 84 -13.01 -17.94 22.71
C LEU D 84 -13.00 -18.82 23.95
N ILE D 85 -12.00 -19.68 24.06
CA ILE D 85 -11.98 -20.71 25.09
C ILE D 85 -10.85 -20.40 26.06
N THR D 86 -11.21 -19.99 27.27
CA THR D 86 -10.26 -19.68 28.32
C THR D 86 -10.35 -20.72 29.43
N TYR D 87 -9.62 -20.48 30.52
CA TYR D 87 -9.66 -21.36 31.68
C TYR D 87 -9.56 -20.51 32.94
N TRP D 88 -10.56 -20.62 33.81
CA TRP D 88 -10.63 -19.85 35.04
C TRP D 88 -10.44 -20.77 36.24
N GLU D 89 -10.07 -20.17 37.36
CA GLU D 89 -9.87 -20.91 38.60
C GLU D 89 -10.81 -20.36 39.67
N ALA D 90 -10.62 -20.83 40.90
CA ALA D 90 -11.43 -20.39 42.03
C ALA D 90 -11.09 -18.97 42.44
N SER D 102 2.32 -22.69 39.13
CA SER D 102 3.57 -22.31 39.74
C SER D 102 4.62 -23.39 39.53
N GLN D 103 4.41 -24.22 38.52
CA GLN D 103 5.34 -25.27 38.15
C GLN D 103 5.35 -25.39 36.65
N PRO D 104 6.35 -26.07 36.07
CA PRO D 104 6.25 -26.46 34.66
C PRO D 104 5.03 -27.30 34.36
N ASP D 105 4.68 -28.21 35.25
CA ASP D 105 3.42 -28.95 35.17
C ASP D 105 2.37 -28.11 35.91
N ASN D 106 1.88 -27.09 35.22
CA ASN D 106 0.84 -26.24 35.78
C ASN D 106 -0.49 -26.98 35.75
N GLN D 107 -1.43 -26.48 36.56
CA GLN D 107 -2.80 -27.00 36.47
C GLN D 107 -3.52 -26.39 35.28
N ALA D 108 -3.29 -25.10 35.02
CA ALA D 108 -3.96 -24.42 33.92
C ALA D 108 -3.44 -24.88 32.57
N ILE D 109 -2.20 -25.35 32.52
CA ILE D 109 -1.68 -25.88 31.27
C ILE D 109 -2.30 -27.24 30.95
N GLN D 110 -2.52 -28.07 31.98
CA GLN D 110 -3.03 -29.41 31.77
C GLN D 110 -4.47 -29.41 31.26
N VAL D 111 -5.24 -28.38 31.60
CA VAL D 111 -6.58 -28.30 31.06
C VAL D 111 -6.57 -27.65 29.68
N MET D 112 -5.73 -26.63 29.47
CA MET D 112 -5.66 -25.99 28.16
C MET D 112 -5.00 -26.91 27.14
N SER D 113 -4.11 -27.79 27.57
CA SER D 113 -3.58 -28.78 26.65
C SER D 113 -4.63 -29.81 26.28
N GLN D 114 -5.54 -30.13 27.20
CA GLN D 114 -6.62 -31.04 26.87
C GLN D 114 -7.65 -30.40 25.97
N VAL D 115 -7.80 -29.08 26.04
CA VAL D 115 -8.67 -28.39 25.09
C VAL D 115 -8.00 -28.32 23.73
N LEU D 116 -6.69 -28.07 23.70
CA LEU D 116 -5.97 -27.89 22.45
C LEU D 116 -5.87 -29.18 21.66
N ASN D 117 -5.72 -30.32 22.37
CA ASN D 117 -5.75 -31.59 21.67
C ASN D 117 -7.14 -31.95 21.17
N ALA D 118 -8.17 -31.25 21.65
CA ALA D 118 -9.51 -31.45 21.11
C ALA D 118 -9.79 -30.52 19.94
N LEU D 119 -9.14 -29.36 19.89
CA LEU D 119 -9.42 -28.42 18.81
C LEU D 119 -8.70 -28.82 17.52
N ILE D 120 -7.42 -29.17 17.61
CA ILE D 120 -6.68 -29.50 16.39
C ILE D 120 -7.05 -30.89 15.88
N ASN D 121 -7.62 -31.74 16.74
CA ASN D 121 -8.03 -33.05 16.27
C ASN D 121 -9.36 -32.97 15.52
N ASN D 122 -10.26 -32.10 15.96
CA ASN D 122 -11.52 -31.87 15.28
C ASN D 122 -11.44 -30.72 14.30
N ARG D 123 -10.64 -30.89 13.24
CA ARG D 123 -10.54 -29.87 12.20
C ARG D 123 -11.85 -29.69 11.47
N GLN D 124 -12.47 -30.78 11.05
CA GLN D 124 -13.88 -30.77 10.70
C GLN D 124 -14.64 -31.23 11.93
N LEU D 125 -15.75 -30.56 12.22
CA LEU D 125 -16.40 -30.80 13.50
C LEU D 125 -17.19 -32.10 13.45
N ALA D 126 -16.97 -32.96 14.45
CA ALA D 126 -17.42 -34.34 14.34
C ALA D 126 -18.92 -34.48 14.54
N GLY D 127 -19.51 -33.67 15.41
CA GLY D 127 -20.94 -33.72 15.60
C GLY D 127 -21.71 -33.11 14.45
N ILE D 128 -21.05 -32.27 13.65
CA ILE D 128 -21.67 -31.53 12.57
C ILE D 128 -20.68 -31.47 11.41
N PRO D 129 -20.63 -32.51 10.58
CA PRO D 129 -19.62 -32.53 9.52
C PRO D 129 -20.01 -31.63 8.37
N GLY D 130 -19.01 -31.22 7.60
CA GLY D 130 -19.23 -30.33 6.48
C GLY D 130 -19.16 -28.86 6.82
N ALA D 131 -19.10 -28.50 8.11
CA ALA D 131 -18.94 -27.11 8.48
C ALA D 131 -17.49 -26.69 8.26
N TYR D 132 -17.30 -25.58 7.56
CA TYR D 132 -15.97 -25.11 7.22
C TYR D 132 -15.40 -24.34 8.40
N THR D 133 -14.41 -24.91 9.09
CA THR D 133 -13.93 -24.36 10.34
C THR D 133 -12.47 -23.94 10.22
N GLN D 134 -12.10 -22.94 11.01
CA GLN D 134 -10.71 -22.54 11.20
C GLN D 134 -10.33 -22.78 12.65
N VAL D 135 -9.31 -23.60 12.87
CA VAL D 135 -8.79 -23.85 14.21
C VAL D 135 -7.65 -22.87 14.45
N VAL D 136 -7.53 -22.41 15.70
CA VAL D 136 -6.48 -21.58 16.32
C VAL D 136 -5.74 -20.63 15.37
N PRO D 137 -6.41 -19.74 14.64
CA PRO D 137 -5.73 -19.02 13.58
C PRO D 137 -4.92 -17.86 14.15
N PRO D 138 -3.88 -17.42 13.43
CA PRO D 138 -3.09 -16.27 13.91
C PRO D 138 -3.79 -14.93 13.70
N LYS D 139 -4.78 -14.67 14.56
CA LYS D 139 -5.58 -13.46 14.45
C LYS D 139 -5.09 -12.35 15.37
N GLU D 140 -4.14 -12.62 16.25
CA GLU D 140 -3.88 -11.75 17.38
C GLU D 140 -2.51 -11.09 17.33
N SER D 141 -2.37 -10.05 18.14
CA SER D 141 -1.12 -9.40 18.45
C SER D 141 -1.13 -9.08 19.93
N LEU D 142 -0.06 -8.45 20.42
CA LEU D 142 -0.08 -8.03 21.81
C LEU D 142 -0.91 -6.76 21.99
N ASN D 143 -1.03 -5.97 20.93
CA ASN D 143 -1.88 -4.78 20.99
C ASN D 143 -3.35 -5.16 21.00
N SER D 144 -3.73 -6.15 20.21
CA SER D 144 -5.13 -6.56 20.19
C SER D 144 -5.50 -7.34 21.45
N LEU D 145 -4.56 -8.12 21.98
CA LEU D 145 -4.83 -8.84 23.22
C LEU D 145 -4.75 -7.92 24.42
N GLY D 146 -4.08 -6.77 24.27
CA GLY D 146 -4.04 -5.82 25.36
C GLY D 146 -5.38 -5.18 25.62
N ASN D 147 -6.17 -4.97 24.56
CA ASN D 147 -7.49 -4.38 24.73
C ASN D 147 -8.50 -5.43 25.19
N PHE D 148 -8.19 -6.71 24.97
CA PHE D 148 -9.10 -7.75 25.44
C PHE D 148 -8.87 -8.03 26.92
N TRP D 149 -7.60 -8.04 27.35
CA TRP D 149 -7.30 -8.31 28.76
C TRP D 149 -7.76 -7.17 29.65
N GLN D 150 -7.83 -5.95 29.10
CA GLN D 150 -8.39 -4.83 29.86
C GLN D 150 -9.88 -5.00 30.07
N SER D 151 -10.55 -5.68 29.13
CA SER D 151 -12.00 -5.73 29.13
C SER D 151 -12.54 -6.58 30.28
N LEU D 152 -11.90 -7.72 30.55
CA LEU D 152 -12.37 -8.60 31.61
C LEU D 152 -11.63 -8.31 32.92
N GLY D 153 -11.60 -7.03 33.27
CA GLY D 153 -11.16 -6.61 34.58
C GLY D 153 -9.68 -6.79 34.86
N ASN D 154 -8.82 -6.54 33.87
CA ASN D 154 -7.37 -6.45 34.02
C ASN D 154 -6.74 -7.75 34.53
N ARG D 155 -7.17 -8.88 33.96
CA ARG D 155 -6.62 -10.17 34.33
C ARG D 155 -6.12 -10.88 33.08
N PRO D 156 -4.83 -10.85 32.77
CA PRO D 156 -4.36 -11.51 31.56
C PRO D 156 -4.26 -13.01 31.73
N ARG D 157 -4.60 -13.72 30.65
CA ARG D 157 -4.59 -15.18 30.65
C ARG D 157 -4.49 -15.67 29.22
N LEU D 158 -4.45 -16.99 29.08
CA LEU D 158 -4.36 -17.65 27.78
C LEU D 158 -5.77 -17.78 27.20
N SER D 159 -5.86 -17.78 25.88
CA SER D 159 -7.14 -17.87 25.21
C SER D 159 -6.97 -18.54 23.86
N LEU D 160 -7.80 -19.54 23.59
CA LEU D 160 -7.86 -20.19 22.30
C LEU D 160 -9.16 -19.81 21.61
N ASN D 161 -9.07 -19.52 20.32
CA ASN D 161 -10.24 -19.12 19.55
C ASN D 161 -10.40 -20.06 18.37
N TYR D 162 -11.64 -20.31 18.00
CA TYR D 162 -12.00 -21.40 17.11
C TYR D 162 -13.33 -21.07 16.46
N SER D 163 -13.36 -21.03 15.13
CA SER D 163 -14.46 -20.40 14.41
C SER D 163 -15.13 -21.38 13.47
N VAL D 164 -16.44 -21.52 13.60
CA VAL D 164 -17.23 -22.43 12.77
C VAL D 164 -18.11 -21.59 11.86
N THR D 165 -18.30 -22.04 10.62
CA THR D 165 -19.21 -21.41 9.67
C THR D 165 -20.32 -22.41 9.36
N VAL D 166 -21.55 -22.10 9.76
CA VAL D 166 -22.66 -23.01 9.52
C VAL D 166 -23.76 -22.28 8.76
N PRO D 167 -24.50 -22.97 7.89
CA PRO D 167 -25.60 -22.32 7.19
C PRO D 167 -26.86 -22.23 8.05
N VAL D 168 -27.42 -21.03 8.14
CA VAL D 168 -28.67 -20.78 8.83
C VAL D 168 -29.74 -20.56 7.78
N SER D 169 -30.96 -21.06 8.03
CA SER D 169 -32.01 -21.04 7.02
C SER D 169 -33.00 -19.91 7.30
N LEU D 170 -33.52 -19.34 6.23
CA LEU D 170 -34.68 -18.46 6.32
C LEU D 170 -35.94 -19.28 6.55
N ASN D 171 -37.05 -18.59 6.84
CA ASN D 171 -38.31 -19.26 7.14
C ASN D 171 -39.44 -18.67 6.31
N ASP D 172 -39.83 -19.40 5.27
CA ASP D 172 -41.04 -19.12 4.52
C ASP D 172 -41.44 -20.39 3.79
N GLY D 173 -42.73 -20.50 3.51
CA GLY D 173 -43.25 -21.58 2.70
C GLY D 173 -44.35 -21.11 1.78
N GLN D 174 -44.64 -19.82 1.80
CA GLN D 174 -45.73 -19.27 1.00
C GLN D 174 -45.33 -19.01 -0.45
N ASP D 175 -44.05 -18.80 -0.72
CA ASP D 175 -43.59 -18.63 -2.09
C ASP D 175 -43.69 -19.97 -2.81
N SER D 176 -44.68 -20.09 -3.69
CA SER D 176 -44.98 -21.36 -4.34
C SER D 176 -45.22 -21.13 -5.82
N ALA D 177 -44.75 -22.07 -6.63
CA ALA D 177 -44.93 -22.03 -8.07
C ALA D 177 -45.22 -23.44 -8.56
N THR D 178 -45.95 -23.52 -9.60
CA THR D 178 -46.30 -24.82 -10.14
C THR D 178 -45.25 -25.28 -11.15
N PRO D 179 -45.03 -26.58 -11.30
CA PRO D 179 -44.08 -27.06 -12.30
C PRO D 179 -44.61 -26.82 -13.70
N VAL D 180 -43.69 -26.67 -14.66
CA VAL D 180 -44.07 -26.40 -16.04
C VAL D 180 -44.70 -27.65 -16.65
N THR D 181 -45.93 -27.51 -17.12
CA THR D 181 -46.67 -28.66 -17.60
C THR D 181 -46.51 -28.86 -19.11
N ALA D 182 -46.89 -27.86 -19.89
CA ALA D 182 -46.93 -27.99 -21.34
C ALA D 182 -46.28 -26.76 -21.95
N VAL D 183 -45.46 -26.99 -22.97
CA VAL D 183 -44.83 -25.93 -23.75
C VAL D 183 -45.53 -25.85 -25.09
N SER D 184 -46.19 -24.73 -25.35
CA SER D 184 -46.89 -24.51 -26.61
C SER D 184 -46.44 -23.19 -27.20
N SER D 185 -46.06 -23.19 -28.48
CA SER D 185 -45.58 -22.00 -29.15
C SER D 185 -46.37 -21.84 -30.45
N THR D 186 -46.60 -20.59 -30.85
CA THR D 186 -47.44 -20.32 -32.02
C THR D 186 -46.78 -19.23 -32.87
N VAL D 187 -46.03 -19.64 -33.89
CA VAL D 187 -45.43 -18.68 -34.81
C VAL D 187 -46.49 -18.06 -35.69
N GLU D 188 -46.26 -16.82 -36.12
CA GLU D 188 -47.25 -16.08 -36.88
C GLU D 188 -46.54 -15.03 -37.70
N GLN D 189 -47.22 -14.59 -38.76
CA GLN D 189 -46.71 -13.52 -39.61
C GLN D 189 -47.05 -12.18 -38.98
N THR D 190 -46.03 -11.36 -38.76
CA THR D 190 -46.23 -10.01 -38.26
C THR D 190 -46.55 -9.11 -39.45
N ALA D 191 -47.43 -8.13 -39.21
CA ALA D 191 -47.90 -7.26 -40.29
C ALA D 191 -46.78 -6.32 -40.76
N SER D 192 -47.04 -5.65 -41.88
CA SER D 192 -46.02 -4.77 -42.47
C SER D 192 -45.81 -3.52 -41.62
N LEU D 193 -46.88 -2.97 -41.07
CA LEU D 193 -46.80 -1.84 -40.15
C LEU D 193 -46.55 -2.34 -38.73
N SER D 194 -45.85 -1.52 -37.96
CA SER D 194 -45.44 -1.85 -36.60
C SER D 194 -46.07 -0.85 -35.63
N GLN D 195 -45.64 -0.93 -34.37
CA GLN D 195 -46.12 0.02 -33.37
C GLN D 195 -45.55 1.41 -33.61
N GLU D 196 -44.39 1.50 -34.28
CA GLU D 196 -43.77 2.79 -34.52
C GLU D 196 -44.38 3.51 -35.70
N VAL D 197 -44.76 2.78 -36.75
CA VAL D 197 -45.37 3.39 -37.93
C VAL D 197 -46.77 3.91 -37.59
N VAL D 198 -47.50 3.15 -36.78
CA VAL D 198 -48.84 3.56 -36.36
C VAL D 198 -48.80 4.81 -35.49
N SER D 199 -47.81 4.91 -34.59
CA SER D 199 -47.77 6.02 -33.63
C SER D 199 -47.46 7.36 -34.30
N HIS D 200 -46.78 7.34 -35.45
CA HIS D 200 -46.64 8.57 -36.22
C HIS D 200 -47.96 8.94 -36.89
N ALA D 201 -48.70 7.94 -37.38
CA ALA D 201 -49.92 8.22 -38.12
C ALA D 201 -51.05 8.66 -37.21
N LEU D 202 -51.01 8.32 -35.92
CA LEU D 202 -52.05 8.79 -35.01
C LEU D 202 -51.80 10.22 -34.57
N ARG D 203 -50.54 10.55 -34.27
CA ARG D 203 -50.24 11.90 -33.80
C ARG D 203 -50.35 12.91 -34.93
N GLU D 204 -49.92 12.54 -36.13
CA GLU D 204 -50.05 13.44 -37.28
C GLU D 204 -51.49 13.58 -37.72
N LEU D 205 -52.35 12.62 -37.37
CA LEU D 205 -53.78 12.83 -37.49
C LEU D 205 -54.26 13.81 -36.43
N LEU D 206 -53.75 13.68 -35.20
CA LEU D 206 -54.24 14.48 -34.09
C LEU D 206 -53.74 15.92 -34.19
N ILE D 207 -52.56 16.12 -34.80
CA ILE D 207 -52.13 17.47 -35.15
C ILE D 207 -53.06 18.05 -36.22
N THR D 208 -53.39 17.25 -37.23
CA THR D 208 -54.25 17.70 -38.31
C THR D 208 -55.71 17.84 -37.87
N GLU D 209 -56.19 16.99 -36.96
CA GLU D 209 -57.55 17.13 -36.46
C GLU D 209 -57.70 18.36 -35.59
N LEU D 210 -56.65 18.75 -34.87
CA LEU D 210 -56.69 20.00 -34.13
C LEU D 210 -56.63 21.22 -35.04
N GLY D 211 -55.94 21.11 -36.17
CA GLY D 211 -55.78 22.21 -37.10
C GLY D 211 -54.37 22.45 -37.58
N GLY D 212 -53.40 21.64 -37.14
CA GLY D 212 -52.04 21.77 -37.61
C GLY D 212 -51.33 22.99 -37.05
N GLY D 213 -50.19 23.30 -37.65
CA GLY D 213 -49.39 24.43 -37.24
C GLY D 213 -48.26 24.06 -36.31
N GLU D 214 -47.42 25.04 -36.02
CA GLU D 214 -46.31 24.83 -35.08
C GLU D 214 -46.74 25.06 -33.65
N ASP D 215 -47.61 26.06 -33.42
CA ASP D 215 -48.12 26.36 -32.10
C ASP D 215 -49.04 25.30 -31.54
N ASN D 216 -49.60 24.44 -32.38
CA ASN D 216 -50.39 23.32 -31.91
C ASN D 216 -49.57 22.05 -31.75
N ARG D 217 -48.40 22.00 -32.38
CA ARG D 217 -47.55 20.82 -32.21
C ARG D 217 -46.76 20.88 -30.92
N LEU D 218 -46.38 22.08 -30.47
CA LEU D 218 -45.59 22.21 -29.25
C LEU D 218 -46.42 21.95 -28.01
N VAL D 219 -47.72 22.28 -28.03
CA VAL D 219 -48.56 21.99 -26.87
C VAL D 219 -48.89 20.51 -26.82
N LEU D 220 -48.82 19.81 -27.94
CA LEU D 220 -48.98 18.37 -27.98
C LEU D 220 -47.64 17.64 -28.09
N SER D 221 -46.55 18.29 -27.72
CA SER D 221 -45.24 17.67 -27.88
C SER D 221 -44.97 16.62 -26.80
N LYS D 222 -45.56 16.77 -25.63
CA LYS D 222 -45.31 15.86 -24.52
C LYS D 222 -46.39 14.80 -24.36
N VAL D 223 -47.05 14.43 -25.46
CA VAL D 223 -48.08 13.40 -25.46
C VAL D 223 -47.66 12.32 -26.43
N GLU D 224 -47.65 11.08 -25.97
CA GLU D 224 -47.34 9.93 -26.81
C GLU D 224 -48.58 9.07 -26.99
N LEU D 225 -48.68 8.43 -28.15
CA LEU D 225 -49.79 7.54 -28.47
C LEU D 225 -49.21 6.16 -28.77
N SER D 226 -49.51 5.20 -27.91
CA SER D 226 -48.97 3.86 -28.04
C SER D 226 -50.12 2.87 -28.22
N ALA D 227 -50.02 2.04 -29.25
CA ALA D 227 -51.13 1.21 -29.70
C ALA D 227 -50.88 -0.27 -29.42
N VAL D 228 -51.89 -0.91 -28.84
CA VAL D 228 -51.95 -2.37 -28.76
C VAL D 228 -53.10 -2.82 -29.66
N LYS D 229 -52.78 -3.62 -30.67
CA LYS D 229 -53.70 -3.80 -31.79
C LYS D 229 -53.83 -5.28 -32.14
N GLU D 230 -54.95 -5.63 -32.77
CA GLU D 230 -55.19 -6.96 -33.33
C GLU D 230 -55.66 -6.79 -34.77
N THR D 231 -54.79 -7.11 -35.72
CA THR D 231 -55.17 -7.06 -37.12
C THR D 231 -56.04 -8.26 -37.49
N MET D 232 -57.33 -8.00 -37.69
CA MET D 232 -58.28 -9.09 -37.93
C MET D 232 -58.73 -9.18 -39.38
N THR D 233 -58.69 -8.09 -40.13
CA THR D 233 -58.91 -8.19 -41.57
C THR D 233 -57.60 -8.49 -42.29
N GLN D 234 -57.67 -9.38 -43.28
CA GLN D 234 -56.48 -9.90 -43.95
C GLN D 234 -56.44 -9.55 -45.42
N ASP D 235 -56.93 -8.36 -45.77
CA ASP D 235 -56.85 -7.89 -47.17
C ASP D 235 -56.05 -6.60 -47.26
N MET D 240 -57.58 -2.63 -40.23
CA MET D 240 -57.24 -3.46 -39.08
C MET D 240 -57.58 -2.76 -37.76
N ILE D 241 -58.03 -3.54 -36.78
CA ILE D 241 -58.52 -3.00 -35.52
C ILE D 241 -57.34 -2.60 -34.64
N ILE D 242 -57.30 -1.33 -34.25
CA ILE D 242 -56.19 -0.75 -33.49
C ILE D 242 -56.80 0.08 -32.35
N LEU D 243 -56.28 -0.10 -31.14
CA LEU D 243 -56.65 0.75 -30.01
C LEU D 243 -55.39 1.17 -29.27
N LEU D 244 -55.46 2.35 -28.63
CA LEU D 244 -54.28 2.99 -28.06
C LEU D 244 -54.44 3.27 -26.57
N SER D 245 -53.36 3.83 -26.01
CA SER D 245 -53.30 4.32 -24.63
C SER D 245 -52.52 5.63 -24.63
N VAL D 246 -53.07 6.65 -23.99
CA VAL D 246 -52.56 8.01 -24.09
C VAL D 246 -51.99 8.42 -22.74
N SER D 247 -50.82 9.06 -22.76
CA SER D 247 -50.17 9.49 -21.53
C SER D 247 -49.31 10.71 -21.80
N GLY D 248 -49.24 11.62 -20.83
CA GLY D 248 -48.34 12.75 -20.93
C GLY D 248 -48.72 13.93 -20.07
N ILE D 249 -48.38 15.14 -20.55
CA ILE D 249 -48.87 16.39 -19.99
C ILE D 249 -49.26 17.30 -21.14
N THR D 250 -50.22 18.18 -20.88
CA THR D 250 -50.62 19.20 -21.84
C THR D 250 -51.19 20.38 -21.05
N ARG D 251 -51.32 21.50 -21.73
CA ARG D 251 -51.68 22.74 -21.06
C ARG D 251 -53.18 22.74 -20.75
N GLN D 252 -53.61 23.74 -19.97
CA GLN D 252 -54.98 23.82 -19.49
C GLN D 252 -55.97 24.10 -20.62
N GLU D 253 -55.53 24.79 -21.68
CA GLU D 253 -56.43 25.18 -22.74
C GLU D 253 -56.81 23.99 -23.62
N TYR D 254 -55.81 23.32 -24.20
CA TYR D 254 -56.06 22.26 -25.15
C TYR D 254 -56.36 20.92 -24.51
N LEU D 255 -56.51 20.86 -23.18
CA LEU D 255 -56.96 19.64 -22.54
C LEU D 255 -58.41 19.33 -22.89
N LYS D 256 -59.26 20.37 -22.94
CA LYS D 256 -60.67 20.17 -23.22
C LYS D 256 -60.91 19.82 -24.68
N GLU D 257 -60.15 20.43 -25.59
CA GLU D 257 -60.36 20.21 -27.02
C GLU D 257 -59.82 18.86 -27.48
N ILE D 258 -58.68 18.43 -26.95
CA ILE D 258 -58.13 17.13 -27.36
C ILE D 258 -58.96 16.00 -26.79
N ASP D 259 -59.43 16.15 -25.55
CA ASP D 259 -60.40 15.20 -24.99
C ASP D 259 -61.72 15.22 -25.73
N ASN D 260 -62.05 16.31 -26.42
CA ASN D 260 -63.16 16.31 -27.36
C ASN D 260 -62.78 15.66 -28.68
N ILE D 261 -61.50 15.67 -29.04
CA ILE D 261 -61.09 15.12 -30.33
C ILE D 261 -61.09 13.60 -30.29
N PHE D 262 -60.39 12.99 -29.32
CA PHE D 262 -60.42 11.54 -29.28
C PHE D 262 -61.68 10.99 -28.61
N ASP D 263 -62.59 11.85 -28.19
CA ASP D 263 -63.95 11.41 -27.87
C ASP D 263 -64.65 10.90 -29.13
N ARG D 264 -64.80 11.78 -30.13
CA ARG D 264 -65.53 11.42 -31.35
C ARG D 264 -64.71 10.53 -32.26
N TRP D 265 -63.39 10.49 -32.05
CA TRP D 265 -62.49 9.73 -32.92
C TRP D 265 -62.65 8.23 -32.71
N VAL D 266 -63.10 7.81 -31.53
CA VAL D 266 -63.32 6.37 -31.30
C VAL D 266 -64.64 5.92 -31.90
N ASN D 267 -65.75 6.47 -31.41
CA ASN D 267 -67.07 6.02 -31.83
C ASN D 267 -67.42 6.68 -33.16
N ASN D 268 -66.97 6.07 -34.25
CA ASN D 268 -67.27 6.56 -35.58
C ASN D 268 -67.38 5.33 -36.50
N ALA D 269 -67.65 5.54 -37.78
CA ALA D 269 -67.87 4.43 -38.70
C ALA D 269 -66.58 3.80 -39.23
N GLU D 270 -65.45 4.04 -38.54
CA GLU D 270 -64.13 3.46 -38.85
C GLU D 270 -63.68 3.78 -40.28
N VAL D 271 -63.66 5.08 -40.59
CA VAL D 271 -63.35 5.52 -41.94
C VAL D 271 -61.86 5.77 -42.14
N ILE D 272 -61.09 5.92 -41.07
CA ILE D 272 -59.66 6.18 -41.19
C ILE D 272 -58.88 4.87 -41.32
N CYS D 278 -54.83 -1.01 -45.44
CA CYS D 278 -54.53 -0.86 -44.03
C CYS D 278 -55.35 0.27 -43.42
N GLY D 279 -56.39 -0.10 -42.68
CA GLY D 279 -57.32 0.86 -42.11
C GLY D 279 -57.13 1.00 -40.61
N ILE D 280 -57.59 2.12 -40.07
CA ILE D 280 -57.45 2.42 -38.64
C ILE D 280 -58.82 2.26 -38.02
N ARG D 281 -59.07 1.11 -37.39
CA ARG D 281 -60.36 0.81 -36.78
C ARG D 281 -60.20 0.96 -35.27
N ILE D 282 -60.68 2.08 -34.75
CA ILE D 282 -60.45 2.46 -33.36
C ILE D 282 -61.56 1.90 -32.49
N GLU D 283 -61.19 1.41 -31.31
CA GLU D 283 -62.12 0.66 -30.47
C GLU D 283 -61.92 1.08 -29.03
N SER D 284 -62.42 0.23 -28.12
CA SER D 284 -62.86 0.60 -26.77
C SER D 284 -61.81 1.29 -25.90
N ILE D 285 -60.63 0.69 -25.74
CA ILE D 285 -59.66 1.20 -24.77
C ILE D 285 -59.02 2.47 -25.30
N THR D 286 -59.21 3.56 -24.55
CA THR D 286 -58.63 4.86 -24.81
C THR D 286 -58.08 5.38 -23.48
N LYS D 287 -57.17 4.59 -22.91
CA LYS D 287 -56.62 4.82 -21.58
C LYS D 287 -55.93 6.17 -21.48
N ASP D 288 -56.24 6.90 -20.42
CA ASP D 288 -55.71 8.23 -20.17
C ASP D 288 -54.86 8.21 -18.90
N ASN D 289 -53.62 8.65 -19.03
CA ASN D 289 -52.75 8.91 -17.89
C ASN D 289 -52.38 10.38 -17.81
N LEU D 290 -52.63 11.15 -18.86
CA LEU D 290 -52.33 12.58 -18.82
C LEU D 290 -53.36 13.30 -17.97
N VAL D 291 -52.89 14.16 -17.08
CA VAL D 291 -53.72 15.16 -16.45
C VAL D 291 -53.22 16.50 -16.96
N GLY D 292 -54.13 17.29 -17.54
CA GLY D 292 -53.77 18.60 -18.06
C GLY D 292 -53.43 19.57 -16.94
N ILE D 293 -52.54 20.50 -17.25
CA ILE D 293 -52.02 21.39 -16.20
C ILE D 293 -52.77 22.71 -16.17
N LEU E 2 -40.53 2.90 -0.22
CA LEU E 2 -39.45 3.58 -0.91
C LEU E 2 -39.72 5.08 -1.02
N ASN E 3 -40.64 5.57 -0.20
CA ASN E 3 -40.83 7.01 -0.05
C ASN E 3 -39.76 7.58 0.88
N THR E 4 -39.79 8.89 1.04
CA THR E 4 -38.77 9.53 1.85
C THR E 4 -39.12 9.42 3.34
N GLN E 5 -38.13 9.05 4.14
CA GLN E 5 -38.36 8.57 5.49
C GLN E 5 -37.86 9.57 6.53
N THR E 6 -37.94 9.15 7.79
CA THR E 6 -37.43 9.91 8.92
C THR E 6 -36.74 8.89 9.82
N ILE E 7 -35.85 9.38 10.68
CA ILE E 7 -35.07 8.50 11.55
C ILE E 7 -35.96 7.80 12.58
N ILE E 8 -37.08 8.42 12.96
CA ILE E 8 -38.03 7.75 13.82
C ILE E 8 -38.77 6.67 13.05
N ASP E 9 -39.02 6.87 11.75
CA ASP E 9 -39.72 5.87 10.96
C ASP E 9 -38.87 4.64 10.67
N VAL E 10 -37.54 4.74 10.76
CA VAL E 10 -36.72 3.55 10.70
C VAL E 10 -36.47 2.98 12.09
N ASN E 11 -36.64 3.78 13.14
CA ASN E 11 -36.53 3.25 14.49
C ASN E 11 -37.78 2.51 14.90
N LYS E 12 -38.95 2.98 14.47
CA LYS E 12 -40.19 2.26 14.73
C LYS E 12 -40.27 0.99 13.91
N ALA E 13 -39.57 0.93 12.78
CA ALA E 13 -39.55 -0.28 11.98
C ALA E 13 -38.58 -1.31 12.54
N MET E 14 -37.75 -0.95 13.51
CA MET E 14 -36.98 -1.95 14.24
C MET E 14 -37.88 -2.80 15.12
N ASP E 15 -38.79 -2.15 15.84
CA ASP E 15 -39.60 -2.86 16.83
C ASP E 15 -40.64 -3.74 16.17
N ALA E 16 -41.23 -3.28 15.06
CA ALA E 16 -42.22 -4.10 14.37
C ALA E 16 -41.56 -5.24 13.61
N MET E 17 -40.29 -5.08 13.22
CA MET E 17 -39.57 -6.19 12.62
C MET E 17 -39.18 -7.23 13.66
N LEU E 18 -38.64 -6.78 14.78
CA LEU E 18 -37.97 -7.71 15.69
C LEU E 18 -38.94 -8.38 16.64
N ARG E 19 -40.08 -7.76 16.95
CA ARG E 19 -40.99 -8.37 17.91
C ARG E 19 -41.89 -9.42 17.29
N ALA E 20 -41.84 -9.61 15.97
CA ALA E 20 -42.61 -10.68 15.35
C ALA E 20 -41.89 -12.02 15.42
N TYR E 21 -40.59 -12.00 15.72
CA TYR E 21 -39.81 -13.22 15.82
C TYR E 21 -39.36 -13.53 17.24
N LEU E 22 -39.36 -12.53 18.11
CA LEU E 22 -38.92 -12.72 19.48
C LEU E 22 -40.04 -13.33 20.32
N ASN E 23 -39.71 -13.62 21.58
CA ASN E 23 -40.72 -14.03 22.54
C ASN E 23 -41.60 -12.84 22.90
N GLN E 24 -42.72 -13.13 23.55
CA GLN E 24 -43.66 -12.08 23.87
C GLN E 24 -43.29 -11.32 25.13
N ASP E 25 -42.43 -11.90 25.98
CA ASP E 25 -42.16 -11.33 27.30
C ASP E 25 -40.73 -10.84 27.43
N ILE E 26 -40.08 -10.50 26.31
CA ILE E 26 -38.75 -9.91 26.33
C ILE E 26 -38.88 -8.43 26.04
N ALA E 27 -38.55 -7.59 27.03
CA ALA E 27 -38.66 -6.16 26.85
C ALA E 27 -37.61 -5.66 25.88
N ILE E 28 -37.97 -4.66 25.09
CA ILE E 28 -37.10 -4.11 24.06
C ILE E 28 -36.90 -2.64 24.38
N ARG E 29 -35.72 -2.29 24.85
CA ARG E 29 -35.38 -0.92 25.17
C ARG E 29 -34.48 -0.35 24.09
N PHE E 30 -34.76 0.87 23.66
CA PHE E 30 -34.00 1.48 22.59
C PHE E 30 -32.87 2.37 23.10
N ASP E 31 -32.38 2.10 24.30
CA ASP E 31 -31.22 2.80 24.83
C ASP E 31 -30.37 1.78 25.56
N LEU E 32 -29.06 2.00 25.55
CA LEU E 32 -28.16 1.15 26.31
C LEU E 32 -28.39 1.41 27.79
N PRO E 33 -28.61 0.37 28.60
CA PRO E 33 -29.02 0.59 29.99
C PRO E 33 -27.87 1.08 30.86
N GLU E 34 -28.22 1.47 32.08
CA GLU E 34 -27.26 2.05 33.00
C GLU E 34 -26.40 0.95 33.63
N LEU E 35 -25.56 1.35 34.59
CA LEU E 35 -24.58 0.42 35.15
C LEU E 35 -25.22 -0.47 36.21
N ASP E 36 -25.89 0.12 37.19
CA ASP E 36 -26.51 -0.67 38.26
C ASP E 36 -27.75 -1.37 37.76
N THR E 37 -28.71 -0.59 37.22
CA THR E 37 -29.95 -0.98 36.55
C THR E 37 -30.73 -2.11 37.24
N MET E 38 -31.22 -1.81 38.44
CA MET E 38 -32.28 -2.63 39.01
C MET E 38 -33.50 -2.50 38.11
N GLN E 39 -33.81 -3.56 37.38
CA GLN E 39 -34.74 -3.45 36.26
C GLN E 39 -35.48 -4.76 36.07
N SER E 40 -36.44 -4.73 35.15
CA SER E 40 -37.07 -5.96 34.69
C SER E 40 -36.06 -6.75 33.89
N ASP E 41 -36.09 -8.07 34.06
CA ASP E 41 -35.08 -8.95 33.48
C ASP E 41 -35.22 -9.02 31.97
N ALA E 42 -34.10 -9.38 31.32
CA ALA E 42 -34.04 -9.81 29.91
C ALA E 42 -34.52 -8.71 28.96
N MET E 43 -33.72 -7.65 28.88
CA MET E 43 -33.96 -6.61 27.91
C MET E 43 -33.05 -6.80 26.70
N VAL E 44 -33.59 -6.57 25.53
CA VAL E 44 -32.81 -6.53 24.30
C VAL E 44 -32.62 -5.06 23.94
N SER E 45 -31.37 -4.61 23.91
CA SER E 45 -31.06 -3.19 23.81
C SER E 45 -30.66 -2.86 22.37
N ILE E 46 -31.58 -2.26 21.63
CA ILE E 46 -31.33 -1.85 20.25
C ILE E 46 -30.73 -0.45 20.32
N PHE E 47 -29.41 -0.38 20.20
CA PHE E 47 -28.68 0.86 20.41
C PHE E 47 -28.25 1.41 19.06
N LEU E 48 -28.54 2.68 18.82
CA LEU E 48 -28.20 3.37 17.58
C LEU E 48 -26.95 4.21 17.83
N TYR E 49 -25.78 3.70 17.46
CA TYR E 49 -24.55 4.31 17.96
C TYR E 49 -24.01 5.42 17.06
N ASP E 50 -24.15 5.30 15.74
CA ASP E 50 -23.67 6.37 14.89
C ASP E 50 -24.51 6.40 13.63
N ILE E 51 -24.92 7.59 13.24
CA ILE E 51 -25.61 7.81 11.98
C ILE E 51 -24.82 8.81 11.16
N HIS E 52 -24.63 8.50 9.89
CA HIS E 52 -23.86 9.35 9.00
C HIS E 52 -24.30 9.06 7.59
N GLU E 53 -24.20 10.06 6.72
CA GLU E 53 -24.59 9.85 5.33
C GLU E 53 -23.56 8.98 4.64
N ASP E 54 -24.03 8.03 3.84
CA ASP E 54 -23.13 7.12 3.13
C ASP E 54 -22.84 7.71 1.76
N LEU E 55 -21.57 7.90 1.48
CA LEU E 55 -21.15 8.49 0.22
C LEU E 55 -21.30 7.51 -0.94
N GLN E 56 -21.37 6.22 -0.64
CA GLN E 56 -21.38 5.19 -1.67
C GLN E 56 -22.67 5.20 -2.48
N LEU E 57 -23.79 5.54 -1.85
CA LEU E 57 -25.09 5.46 -2.48
C LEU E 57 -25.53 6.75 -3.15
N ARG E 58 -24.73 7.81 -3.09
CA ARG E 58 -25.21 9.09 -3.56
C ARG E 58 -25.09 9.17 -5.08
N SER E 59 -25.65 10.24 -5.65
CA SER E 59 -25.71 10.38 -7.09
C SER E 59 -25.90 11.84 -7.45
N ALA E 60 -26.08 12.10 -8.74
CA ALA E 60 -26.19 13.44 -9.27
C ALA E 60 -27.64 13.72 -9.61
N GLU E 61 -28.36 14.39 -8.72
CA GLU E 61 -29.80 14.55 -8.83
C GLU E 61 -30.15 16.03 -8.97
N SER E 62 -31.00 16.32 -9.95
CA SER E 62 -31.62 17.64 -10.03
C SER E 62 -32.90 17.61 -9.20
N ARG E 63 -33.27 18.77 -8.65
CA ARG E 63 -34.54 18.87 -7.93
C ARG E 63 -35.67 18.71 -8.93
N GLY E 64 -36.55 17.75 -8.66
CA GLY E 64 -37.66 17.50 -9.56
C GLY E 64 -38.67 18.61 -9.53
N PHE E 65 -39.48 18.64 -10.58
CA PHE E 65 -40.42 19.71 -10.79
C PHE E 65 -41.83 19.15 -10.80
N ASP E 66 -42.65 19.56 -9.84
CA ASP E 66 -44.08 19.30 -9.90
C ASP E 66 -44.73 20.39 -10.72
N VAL E 67 -45.61 19.99 -11.63
CA VAL E 67 -46.13 20.95 -12.60
C VAL E 67 -47.43 21.58 -12.10
N TYR E 68 -48.27 20.79 -11.42
CA TYR E 68 -49.62 21.22 -11.08
C TYR E 68 -49.65 22.19 -9.91
N ALA E 69 -48.49 22.45 -9.31
CA ALA E 69 -48.38 23.38 -8.20
C ALA E 69 -47.39 24.51 -8.47
N GLY E 70 -46.55 24.38 -9.49
CA GLY E 70 -45.50 25.36 -9.73
C GLY E 70 -44.45 25.37 -8.63
N ARG E 71 -44.01 24.20 -8.20
CA ARG E 71 -43.18 24.06 -7.02
C ARG E 71 -42.01 23.14 -7.32
N LEU E 72 -40.89 23.37 -6.65
CA LEU E 72 -39.72 22.52 -6.76
C LEU E 72 -39.66 21.55 -5.60
N LEU E 73 -39.24 20.33 -5.88
CA LEU E 73 -39.19 19.25 -4.91
C LEU E 73 -37.98 19.41 -3.99
N PRO E 74 -38.06 18.91 -2.75
CA PRO E 74 -36.97 19.17 -1.79
C PRO E 74 -35.66 18.46 -2.06
N GLY E 75 -35.67 17.15 -2.23
CA GLY E 75 -34.43 16.41 -2.35
C GLY E 75 -34.15 15.57 -1.11
N TRP E 76 -33.20 14.65 -1.26
CA TRP E 76 -32.92 13.67 -0.22
C TRP E 76 -31.43 13.65 0.11
N VAL E 77 -31.11 13.04 1.26
CA VAL E 77 -29.75 13.09 1.81
C VAL E 77 -29.08 11.71 1.84
N ASN E 78 -29.86 10.62 1.89
CA ASN E 78 -29.36 9.24 2.03
C ASN E 78 -28.52 9.07 3.29
N ILE E 79 -29.19 9.10 4.44
CA ILE E 79 -28.50 8.91 5.72
C ILE E 79 -28.55 7.45 6.14
N LYS E 80 -27.40 6.94 6.60
CA LYS E 80 -27.22 5.55 7.01
C LYS E 80 -27.23 5.45 8.53
N CYS E 81 -28.02 4.51 9.07
CA CYS E 81 -28.19 4.37 10.51
C CYS E 81 -27.67 3.01 10.95
N ASN E 82 -26.62 3.01 11.77
CA ASN E 82 -26.03 1.78 12.28
C ASN E 82 -26.58 1.43 13.65
N TYR E 83 -26.95 0.18 13.86
CA TYR E 83 -27.49 -0.28 15.12
C TYR E 83 -26.52 -1.21 15.82
N LEU E 84 -26.88 -1.60 17.04
CA LEU E 84 -26.11 -2.55 17.84
C LEU E 84 -27.06 -3.24 18.80
N ILE E 85 -27.26 -4.54 18.61
CA ILE E 85 -28.31 -5.28 19.31
C ILE E 85 -27.64 -6.27 20.26
N THR E 86 -27.73 -6.00 21.56
CA THR E 86 -27.16 -6.85 22.59
C THR E 86 -28.28 -7.52 23.38
N TYR E 87 -27.90 -8.22 24.45
CA TYR E 87 -28.87 -8.86 25.34
C TYR E 87 -28.36 -8.77 26.77
N TRP E 88 -29.16 -8.16 27.63
CA TRP E 88 -28.80 -7.95 29.03
C TRP E 88 -29.68 -8.81 29.92
N GLU E 89 -29.22 -9.04 31.14
CA GLU E 89 -29.96 -9.81 32.12
C GLU E 89 -30.21 -8.97 33.35
N ALA E 90 -30.74 -9.61 34.40
CA ALA E 90 -31.03 -8.92 35.65
C ALA E 90 -29.75 -8.57 36.40
N SER E 102 -24.99 -21.07 31.35
CA SER E 102 -24.12 -22.07 31.96
C SER E 102 -24.40 -23.45 31.40
N GLN E 103 -25.01 -23.48 30.22
CA GLN E 103 -25.31 -24.73 29.53
C GLN E 103 -25.11 -24.50 28.04
N PRO E 104 -25.01 -25.57 27.25
CA PRO E 104 -25.11 -25.41 25.79
C PRO E 104 -26.40 -24.74 25.36
N ASP E 105 -27.51 -25.08 26.00
CA ASP E 105 -28.77 -24.37 25.80
C ASP E 105 -28.79 -23.21 26.80
N ASN E 106 -28.08 -22.16 26.45
CA ASN E 106 -28.05 -20.97 27.28
C ASN E 106 -29.36 -20.19 27.14
N GLN E 107 -29.62 -19.32 28.11
CA GLN E 107 -30.76 -18.42 27.97
C GLN E 107 -30.41 -17.27 27.04
N ALA E 108 -29.18 -16.75 27.13
CA ALA E 108 -28.77 -15.63 26.30
C ALA E 108 -28.59 -16.03 24.84
N ILE E 109 -28.32 -17.31 24.57
CA ILE E 109 -28.23 -17.77 23.20
C ILE E 109 -29.61 -17.86 22.58
N GLN E 110 -30.62 -18.30 23.35
CA GLN E 110 -31.96 -18.50 22.83
C GLN E 110 -32.62 -17.19 22.43
N VAL E 111 -32.25 -16.10 23.09
CA VAL E 111 -32.80 -14.81 22.67
C VAL E 111 -31.99 -14.23 21.52
N MET E 112 -30.66 -14.38 21.54
CA MET E 112 -29.86 -13.87 20.44
C MET E 112 -30.05 -14.68 19.17
N SER E 113 -30.39 -15.95 19.30
CA SER E 113 -30.74 -16.72 18.10
C SER E 113 -32.08 -16.29 17.55
N GLN E 114 -33.00 -15.85 18.40
CA GLN E 114 -34.27 -15.34 17.91
C GLN E 114 -34.12 -13.96 17.28
N VAL E 115 -33.13 -13.19 17.71
CA VAL E 115 -32.84 -11.93 17.04
C VAL E 115 -32.16 -12.19 15.71
N LEU E 116 -31.25 -13.16 15.67
CA LEU E 116 -30.47 -13.43 14.48
C LEU E 116 -31.32 -14.01 13.37
N ASN E 117 -32.32 -14.83 13.71
CA ASN E 117 -33.25 -15.31 12.71
C ASN E 117 -34.19 -14.22 12.23
N ALA E 118 -34.26 -13.10 12.94
CA ALA E 118 -35.04 -11.97 12.45
C ALA E 118 -34.20 -11.04 11.60
N LEU E 119 -32.89 -11.00 11.82
CA LEU E 119 -32.05 -10.08 11.05
C LEU E 119 -31.74 -10.62 9.66
N ILE E 120 -31.37 -11.90 9.57
CA ILE E 120 -31.00 -12.44 8.26
C ILE E 120 -32.24 -12.73 7.42
N ASN E 121 -33.41 -12.85 8.05
CA ASN E 121 -34.62 -13.06 7.27
C ASN E 121 -35.12 -11.76 6.67
N ASN E 122 -34.97 -10.65 7.38
CA ASN E 122 -35.33 -9.34 6.87
C ASN E 122 -34.15 -8.64 6.22
N ARG E 123 -33.66 -9.18 5.11
CA ARG E 123 -32.56 -8.55 4.39
C ARG E 123 -32.98 -7.21 3.81
N GLN E 124 -34.12 -7.16 3.15
CA GLN E 124 -34.80 -5.90 2.91
C GLN E 124 -35.82 -5.73 4.02
N LEU E 125 -35.92 -4.53 4.55
CA LEU E 125 -36.72 -4.34 5.76
C LEU E 125 -38.20 -4.33 5.41
N ALA E 126 -38.99 -5.14 6.12
CA ALA E 126 -40.34 -5.44 5.68
C ALA E 126 -41.29 -4.27 5.92
N GLY E 127 -41.12 -3.55 7.03
CA GLY E 127 -41.96 -2.40 7.28
C GLY E 127 -41.64 -1.22 6.39
N ILE E 128 -40.45 -1.20 5.81
CA ILE E 128 -39.97 -0.08 5.00
C ILE E 128 -39.16 -0.67 3.85
N PRO E 129 -39.82 -1.07 2.77
CA PRO E 129 -39.10 -1.73 1.67
C PRO E 129 -38.34 -0.71 0.84
N GLY E 130 -37.32 -1.19 0.14
CA GLY E 130 -36.49 -0.35 -0.68
C GLY E 130 -35.31 0.27 0.05
N ALA E 131 -35.23 0.15 1.36
CA ALA E 131 -34.07 0.63 2.09
C ALA E 131 -32.91 -0.33 1.89
N TYR E 132 -31.77 0.21 1.51
CA TYR E 132 -30.59 -0.61 1.22
C TYR E 132 -29.88 -0.92 2.53
N THR E 133 -29.96 -2.19 2.97
CA THR E 133 -29.49 -2.57 4.30
C THR E 133 -28.34 -3.56 4.19
N GLN E 134 -27.48 -3.52 5.21
CA GLN E 134 -26.44 -4.53 5.41
C GLN E 134 -26.72 -5.26 6.71
N VAL E 135 -26.87 -6.57 6.63
CA VAL E 135 -27.06 -7.40 7.82
C VAL E 135 -25.69 -7.92 8.23
N VAL E 136 -25.50 -8.03 9.55
CA VAL E 136 -24.37 -8.62 10.30
C VAL E 136 -23.01 -8.58 9.61
N PRO E 137 -22.51 -7.43 9.18
CA PRO E 137 -21.34 -7.42 8.31
C PRO E 137 -20.06 -7.64 9.11
N PRO E 138 -19.00 -8.14 8.48
CA PRO E 138 -17.71 -8.33 9.20
C PRO E 138 -16.96 -7.02 9.40
N LYS E 139 -17.44 -6.24 10.36
CA LYS E 139 -16.86 -4.92 10.63
C LYS E 139 -15.86 -4.95 11.78
N GLU E 140 -15.75 -6.07 12.49
CA GLU E 140 -15.11 -6.07 13.79
C GLU E 140 -13.82 -6.89 13.83
N SER E 141 -13.05 -6.64 14.88
CA SER E 141 -11.91 -7.43 15.28
C SER E 141 -11.93 -7.55 16.79
N LEU E 142 -10.94 -8.23 17.36
CA LEU E 142 -10.87 -8.28 18.81
C LEU E 142 -10.30 -6.98 19.38
N ASN E 143 -9.52 -6.27 18.57
CA ASN E 143 -9.01 -4.97 19.01
C ASN E 143 -10.10 -3.92 19.01
N SER E 144 -10.98 -3.95 18.00
CA SER E 144 -12.06 -2.97 17.97
C SER E 144 -13.13 -3.31 19.00
N LEU E 145 -13.38 -4.59 19.24
CA LEU E 145 -14.36 -4.97 20.25
C LEU E 145 -13.78 -4.81 21.65
N GLY E 146 -12.46 -4.77 21.77
CA GLY E 146 -11.86 -4.54 23.07
C GLY E 146 -12.11 -3.12 23.58
N ASN E 147 -12.15 -2.16 22.67
CA ASN E 147 -12.41 -0.78 23.07
C ASN E 147 -13.90 -0.55 23.30
N PHE E 148 -14.74 -1.40 22.72
CA PHE E 148 -16.17 -1.27 22.96
C PHE E 148 -16.58 -1.88 24.28
N TRP E 149 -15.99 -3.04 24.62
CA TRP E 149 -16.32 -3.71 25.87
C TRP E 149 -15.80 -2.93 27.07
N GLN E 150 -14.73 -2.15 26.87
CA GLN E 150 -14.26 -1.27 27.94
C GLN E 150 -15.24 -0.13 28.19
N SER E 151 -15.98 0.27 27.15
CA SER E 151 -16.79 1.47 27.24
C SER E 151 -17.99 1.27 28.14
N LEU E 152 -18.64 0.11 28.05
CA LEU E 152 -19.82 -0.15 28.87
C LEU E 152 -19.44 -0.89 30.16
N GLY E 153 -18.45 -0.33 30.84
CA GLY E 153 -18.11 -0.76 32.18
C GLY E 153 -17.52 -2.15 32.31
N ASN E 154 -16.66 -2.54 31.36
CA ASN E 154 -15.84 -3.76 31.44
C ASN E 154 -16.68 -5.04 31.54
N ARG E 155 -17.72 -5.13 30.72
CA ARG E 155 -18.56 -6.32 30.68
C ARG E 155 -18.63 -6.84 29.26
N PRO E 156 -17.85 -7.86 28.89
CA PRO E 156 -17.91 -8.35 27.52
C PRO E 156 -19.13 -9.21 27.27
N ARG E 157 -19.69 -9.08 26.06
CA ARG E 157 -20.87 -9.83 25.68
C ARG E 157 -20.96 -9.88 24.16
N LEU E 158 -21.99 -10.54 23.67
CA LEU E 158 -22.23 -10.68 22.24
C LEU E 158 -22.98 -9.46 21.74
N SER E 159 -22.77 -9.11 20.48
CA SER E 159 -23.40 -7.95 19.88
C SER E 159 -23.60 -8.16 18.40
N LEU E 160 -24.83 -7.91 17.93
CA LEU E 160 -25.13 -7.93 16.51
C LEU E 160 -25.38 -6.51 16.03
N ASN E 161 -24.84 -6.18 14.87
CA ASN E 161 -24.99 -4.85 14.31
C ASN E 161 -25.61 -4.96 12.93
N TYR E 162 -26.42 -3.96 12.60
CA TYR E 162 -27.34 -4.04 11.47
C TYR E 162 -27.66 -2.63 11.02
N SER E 163 -27.38 -2.31 9.75
CA SER E 163 -27.31 -0.93 9.30
C SER E 163 -28.29 -0.68 8.17
N VAL E 164 -29.14 0.34 8.35
CA VAL E 164 -30.14 0.71 7.36
C VAL E 164 -29.75 2.06 6.77
N THR E 165 -29.98 2.23 5.46
CA THR E 165 -29.77 3.51 4.79
C THR E 165 -31.12 3.99 4.29
N VAL E 166 -31.61 5.10 4.83
CA VAL E 166 -32.91 5.62 4.43
C VAL E 166 -32.75 7.07 3.97
N PRO E 167 -33.54 7.52 3.00
CA PRO E 167 -33.46 8.91 2.57
C PRO E 167 -34.22 9.83 3.51
N VAL E 168 -33.55 10.90 3.95
CA VAL E 168 -34.16 11.94 4.76
C VAL E 168 -34.35 13.16 3.87
N SER E 169 -35.45 13.87 4.06
CA SER E 169 -35.80 14.97 3.17
C SER E 169 -35.47 16.32 3.80
N LEU E 170 -35.07 17.26 2.96
CA LEU E 170 -34.98 18.66 3.36
C LEU E 170 -36.38 19.26 3.44
N ASN E 171 -36.46 20.48 3.97
CA ASN E 171 -37.75 21.15 4.17
C ASN E 171 -37.70 22.56 3.60
N ASP E 172 -38.31 22.72 2.43
CA ASP E 172 -38.58 24.03 1.86
C ASP E 172 -39.71 23.88 0.84
N GLY E 173 -40.43 24.98 0.63
CA GLY E 173 -41.44 25.02 -0.41
C GLY E 173 -41.48 26.36 -1.10
N GLN E 174 -40.56 27.26 -0.71
CA GLN E 174 -40.54 28.60 -1.26
C GLN E 174 -39.84 28.68 -2.61
N ASP E 175 -38.92 27.77 -2.89
CA ASP E 175 -38.27 27.73 -4.20
C ASP E 175 -39.29 27.29 -5.24
N SER E 176 -39.75 28.23 -6.06
CA SER E 176 -40.82 27.98 -7.01
C SER E 176 -40.47 28.58 -8.35
N ALA E 177 -40.83 27.87 -9.41
CA ALA E 177 -40.63 28.33 -10.77
C ALA E 177 -41.83 27.96 -11.60
N THR E 178 -42.10 28.74 -12.58
CA THR E 178 -43.25 28.48 -13.42
C THR E 178 -42.87 27.58 -14.58
N PRO E 179 -43.79 26.76 -15.09
CA PRO E 179 -43.48 25.92 -16.25
C PRO E 179 -43.30 26.77 -17.49
N VAL E 180 -42.50 26.26 -18.42
CA VAL E 180 -42.21 26.99 -19.65
C VAL E 180 -43.46 27.00 -20.54
N THR E 181 -43.91 28.21 -20.88
CA THR E 181 -45.16 28.35 -21.60
C THR E 181 -44.95 28.41 -23.11
N ALA E 182 -44.18 29.39 -23.57
CA ALA E 182 -44.02 29.64 -25.00
C ALA E 182 -42.55 29.83 -25.30
N VAL E 183 -42.10 29.22 -26.39
CA VAL E 183 -40.73 29.38 -26.88
C VAL E 183 -40.79 30.26 -28.12
N SER E 184 -40.17 31.45 -28.03
CA SER E 184 -40.12 32.39 -29.13
C SER E 184 -38.68 32.80 -29.37
N SER E 185 -38.23 32.72 -30.62
CA SER E 185 -36.86 33.06 -30.98
C SER E 185 -36.90 34.06 -32.13
N THR E 186 -35.93 34.96 -32.17
CA THR E 186 -35.92 36.03 -33.17
C THR E 186 -34.51 36.19 -33.73
N VAL E 187 -34.25 35.56 -34.87
CA VAL E 187 -32.96 35.70 -35.53
C VAL E 187 -32.86 37.09 -36.15
N GLU E 188 -31.63 37.60 -36.24
CA GLU E 188 -31.40 38.95 -36.71
C GLU E 188 -29.99 39.05 -37.27
N GLN E 189 -29.79 40.05 -38.11
CA GLN E 189 -28.48 40.33 -38.68
C GLN E 189 -27.67 41.17 -37.70
N THR E 190 -26.50 40.67 -37.32
CA THR E 190 -25.59 41.41 -36.48
C THR E 190 -24.80 42.38 -37.34
N ALA E 191 -24.50 43.56 -36.81
CA ALA E 191 -23.84 44.60 -37.57
C ALA E 191 -22.38 44.23 -37.84
N SER E 192 -21.73 45.00 -38.72
CA SER E 192 -20.37 44.72 -39.12
C SER E 192 -19.39 44.99 -37.99
N LEU E 193 -19.62 46.05 -37.23
CA LEU E 193 -18.82 46.37 -36.05
C LEU E 193 -19.38 45.64 -34.84
N SER E 194 -18.47 45.30 -33.92
CA SER E 194 -18.79 44.52 -32.73
C SER E 194 -18.49 45.36 -31.50
N GLN E 195 -18.57 44.72 -30.33
CA GLN E 195 -18.24 45.40 -29.09
C GLN E 195 -16.74 45.67 -28.97
N GLU E 196 -15.93 44.87 -29.67
CA GLU E 196 -14.48 45.04 -29.59
C GLU E 196 -13.99 46.16 -30.50
N VAL E 197 -14.59 46.31 -31.68
CA VAL E 197 -14.18 47.36 -32.60
C VAL E 197 -14.58 48.73 -32.06
N VAL E 198 -15.75 48.82 -31.42
CA VAL E 198 -16.21 50.07 -30.84
C VAL E 198 -15.33 50.48 -29.66
N SER E 199 -14.90 49.53 -28.83
CA SER E 199 -14.15 49.86 -27.62
C SER E 199 -12.75 50.40 -27.93
N HIS E 200 -12.18 50.04 -29.07
CA HIS E 200 -10.95 50.70 -29.49
C HIS E 200 -11.22 52.13 -29.94
N ALA E 201 -12.34 52.34 -30.64
CA ALA E 201 -12.63 53.66 -31.19
C ALA E 201 -13.03 54.66 -30.13
N LEU E 202 -13.54 54.19 -28.98
CA LEU E 202 -13.90 55.12 -27.93
C LEU E 202 -12.68 55.54 -27.14
N ARG E 203 -11.79 54.60 -26.84
CA ARG E 203 -10.61 54.93 -26.03
C ARG E 203 -9.62 55.75 -26.84
N GLU E 204 -9.45 55.44 -28.13
CA GLU E 204 -8.56 56.22 -28.97
C GLU E 204 -9.13 57.60 -29.26
N LEU E 205 -10.45 57.76 -29.14
CA LEU E 205 -11.03 59.10 -29.10
C LEU E 205 -10.68 59.78 -27.79
N LEU E 206 -10.76 59.04 -26.68
CA LEU E 206 -10.56 59.65 -25.36
C LEU E 206 -9.10 59.97 -25.11
N ILE E 207 -8.19 59.20 -25.71
CA ILE E 207 -6.78 59.58 -25.71
C ILE E 207 -6.59 60.86 -26.52
N THR E 208 -7.24 60.94 -27.69
CA THR E 208 -7.12 62.11 -28.56
C THR E 208 -7.86 63.32 -28.01
N GLU E 209 -8.99 63.11 -27.33
CA GLU E 209 -9.71 64.23 -26.72
C GLU E 209 -8.95 64.81 -25.53
N LEU E 210 -8.20 63.97 -24.81
CA LEU E 210 -7.34 64.48 -23.75
C LEU E 210 -6.13 65.23 -24.32
N GLY E 211 -5.63 64.81 -25.46
CA GLY E 211 -4.46 65.42 -26.07
C GLY E 211 -3.43 64.44 -26.57
N GLY E 212 -3.65 63.14 -26.43
CA GLY E 212 -2.72 62.14 -26.93
C GLY E 212 -1.44 62.05 -26.10
N GLY E 213 -0.47 61.36 -26.68
CA GLY E 213 0.82 61.19 -26.03
C GLY E 213 0.93 59.85 -25.32
N GLU E 214 2.14 59.59 -24.82
CA GLU E 214 2.38 58.37 -24.06
C GLU E 214 2.05 58.56 -22.58
N ASP E 215 2.36 59.75 -22.04
CA ASP E 215 2.09 60.07 -20.64
C ASP E 215 0.61 60.20 -20.34
N ASN E 216 -0.24 60.41 -21.35
CA ASN E 216 -1.67 60.42 -21.15
C ASN E 216 -2.29 59.05 -21.39
N ARG E 217 -1.60 58.17 -22.08
CA ARG E 217 -2.13 56.83 -22.29
C ARG E 217 -1.92 55.93 -21.08
N LEU E 218 -0.82 56.13 -20.36
CA LEU E 218 -0.53 55.30 -19.20
C LEU E 218 -1.41 55.62 -18.01
N VAL E 219 -1.83 56.88 -17.86
CA VAL E 219 -2.75 57.22 -16.78
C VAL E 219 -4.16 56.74 -17.10
N LEU E 220 -4.48 56.55 -18.38
CA LEU E 220 -5.74 55.97 -18.78
C LEU E 220 -5.60 54.50 -19.18
N SER E 221 -4.56 53.82 -18.71
CA SER E 221 -4.33 52.44 -19.11
C SER E 221 -5.26 51.48 -18.39
N LYS E 222 -5.69 51.82 -17.17
CA LYS E 222 -6.51 50.93 -16.37
C LYS E 222 -7.98 51.28 -16.44
N VAL E 223 -8.43 51.87 -17.55
CA VAL E 223 -9.83 52.21 -17.75
C VAL E 223 -10.30 51.51 -19.01
N GLU E 224 -11.42 50.78 -18.91
CA GLU E 224 -12.02 50.11 -20.03
C GLU E 224 -13.36 50.76 -20.36
N LEU E 225 -13.71 50.75 -21.64
CA LEU E 225 -14.97 51.30 -22.12
C LEU E 225 -15.74 50.18 -22.81
N SER E 226 -16.87 49.78 -22.23
CA SER E 226 -17.65 48.68 -22.74
C SER E 226 -19.04 49.18 -23.10
N ALA E 227 -19.47 48.88 -24.33
CA ALA E 227 -20.65 49.49 -24.91
C ALA E 227 -21.79 48.48 -25.05
N VAL E 228 -22.97 48.89 -24.61
CA VAL E 228 -24.22 48.20 -24.91
C VAL E 228 -25.04 49.11 -25.82
N LYS E 229 -25.33 48.65 -27.03
CA LYS E 229 -25.76 49.55 -28.10
C LYS E 229 -26.97 48.99 -28.82
N GLU E 230 -27.73 49.88 -29.45
CA GLU E 230 -28.85 49.53 -30.33
C GLU E 230 -28.68 50.29 -31.64
N THR E 231 -28.29 49.58 -32.69
CA THR E 231 -28.18 50.20 -34.01
C THR E 231 -29.56 50.41 -34.63
N MET E 232 -30.01 51.66 -34.67
CA MET E 232 -31.35 51.95 -35.13
C MET E 232 -31.40 52.58 -36.52
N THR E 233 -30.33 53.25 -36.95
CA THR E 233 -30.25 53.66 -38.34
C THR E 233 -29.67 52.55 -39.20
N GLN E 234 -30.24 52.35 -40.38
CA GLN E 234 -29.90 51.22 -41.24
C GLN E 234 -29.30 51.66 -42.56
N ASP E 235 -28.52 52.74 -42.56
CA ASP E 235 -27.82 53.18 -43.77
C ASP E 235 -26.31 53.17 -43.56
N MET E 240 -25.24 55.07 -35.64
CA MET E 240 -25.96 54.13 -34.78
C MET E 240 -25.82 54.52 -33.30
N ILE E 241 -26.89 54.31 -32.54
CA ILE E 241 -26.95 54.75 -31.16
C ILE E 241 -26.17 53.77 -30.28
N ILE E 242 -25.17 54.30 -29.56
CA ILE E 242 -24.25 53.53 -28.74
C ILE E 242 -24.10 54.22 -27.40
N LEU E 243 -24.22 53.45 -26.31
CA LEU E 243 -23.94 53.98 -24.98
C LEU E 243 -23.05 52.98 -24.23
N LEU E 244 -22.24 53.49 -23.31
CA LEU E 244 -21.20 52.71 -22.65
C LEU E 244 -21.34 52.70 -21.14
N SER E 245 -20.42 51.96 -20.51
CA SER E 245 -20.25 51.88 -19.07
C SER E 245 -18.76 51.88 -18.76
N VAL E 246 -18.33 52.74 -17.83
CA VAL E 246 -16.92 53.01 -17.60
C VAL E 246 -16.54 52.46 -16.23
N SER E 247 -15.38 51.81 -16.15
CA SER E 247 -14.92 51.24 -14.89
C SER E 247 -13.40 51.18 -14.89
N GLY E 248 -12.82 51.38 -13.71
CA GLY E 248 -11.38 51.21 -13.57
C GLY E 248 -10.77 51.96 -12.40
N ILE E 249 -9.51 52.38 -12.55
CA ILE E 249 -8.85 53.30 -11.65
C ILE E 249 -8.10 54.32 -12.49
N THR E 250 -7.94 55.51 -11.94
CA THR E 250 -7.12 56.55 -12.55
C THR E 250 -6.62 57.47 -11.45
N ARG E 251 -5.63 58.28 -11.79
CA ARG E 251 -4.95 59.08 -10.78
C ARG E 251 -5.80 60.27 -10.38
N GLN E 252 -5.35 60.98 -9.34
CA GLN E 252 -6.12 62.09 -8.78
C GLN E 252 -6.20 63.27 -9.73
N GLU E 253 -5.19 63.46 -10.57
CA GLU E 253 -5.15 64.63 -11.44
C GLU E 253 -6.15 64.52 -12.58
N TYR E 254 -6.06 63.46 -13.38
CA TYR E 254 -6.89 63.33 -14.57
C TYR E 254 -8.28 62.78 -14.28
N LEU E 255 -8.65 62.61 -13.02
CA LEU E 255 -10.03 62.24 -12.71
C LEU E 255 -10.99 63.39 -13.02
N LYS E 256 -10.58 64.63 -12.74
CA LYS E 256 -11.45 65.78 -12.98
C LYS E 256 -11.58 66.08 -14.46
N GLU E 257 -10.49 65.93 -15.22
CA GLU E 257 -10.52 66.28 -16.63
C GLU E 257 -11.25 65.24 -17.47
N ILE E 258 -11.10 63.96 -17.15
CA ILE E 258 -11.78 62.93 -17.93
C ILE E 258 -13.27 62.95 -17.64
N ASP E 259 -13.65 63.17 -16.37
CA ASP E 259 -15.05 63.40 -16.03
C ASP E 259 -15.60 64.67 -16.65
N ASN E 260 -14.73 65.63 -16.99
CA ASN E 260 -15.15 66.75 -17.83
C ASN E 260 -15.23 66.36 -19.29
N ILE E 261 -14.47 65.35 -19.71
CA ILE E 261 -14.45 64.99 -21.13
C ILE E 261 -15.70 64.22 -21.50
N PHE E 262 -16.01 63.13 -20.79
CA PHE E 262 -17.24 62.42 -21.14
C PHE E 262 -18.49 63.07 -20.56
N ASP E 263 -18.36 64.19 -19.85
CA ASP E 263 -19.50 65.05 -19.59
C ASP E 263 -20.05 65.62 -20.89
N ARG E 264 -19.22 66.41 -21.60
CA ARG E 264 -19.66 67.07 -22.81
C ARG E 264 -19.79 66.11 -23.99
N TRP E 265 -19.16 64.94 -23.88
CA TRP E 265 -19.13 63.98 -24.97
C TRP E 265 -20.48 63.31 -25.18
N VAL E 266 -21.31 63.24 -24.13
CA VAL E 266 -22.64 62.66 -24.27
C VAL E 266 -23.60 63.67 -24.89
N ASN E 267 -23.84 64.78 -24.19
CA ASN E 267 -24.84 65.76 -24.63
C ASN E 267 -24.22 66.63 -25.71
N ASN E 268 -24.28 66.17 -26.95
CA ASN E 268 -23.77 66.94 -28.09
C ASN E 268 -24.67 66.57 -29.28
N ALA E 269 -24.39 67.17 -30.45
CA ALA E 269 -25.24 66.98 -31.62
C ALA E 269 -24.97 65.68 -32.37
N GLU E 270 -24.29 64.71 -31.73
CA GLU E 270 -24.01 63.38 -32.26
C GLU E 270 -23.23 63.44 -33.57
N VAL E 271 -22.09 64.13 -33.52
CA VAL E 271 -21.30 64.36 -34.73
C VAL E 271 -20.25 63.27 -34.95
N ILE E 272 -19.93 62.49 -33.93
CA ILE E 272 -18.93 61.44 -34.08
C ILE E 272 -19.55 60.15 -34.59
N CYS E 278 -21.42 54.59 -40.40
CA CYS E 278 -21.41 54.14 -39.01
C CYS E 278 -21.04 55.28 -38.08
N GLY E 279 -22.04 55.82 -37.39
CA GLY E 279 -21.86 56.98 -36.53
C GLY E 279 -21.94 56.59 -35.06
N ILE E 280 -21.36 57.43 -34.22
CA ILE E 280 -21.32 57.19 -32.78
C ILE E 280 -22.31 58.14 -32.12
N ARG E 281 -23.50 57.64 -31.82
CA ARG E 281 -24.56 58.45 -31.22
C ARG E 281 -24.65 58.11 -29.74
N ILE E 282 -24.09 58.96 -28.91
CA ILE E 282 -23.92 58.69 -27.49
C ILE E 282 -25.14 59.17 -26.74
N GLU E 283 -25.57 58.39 -25.75
CA GLU E 283 -26.85 58.62 -25.09
C GLU E 283 -26.68 58.38 -23.60
N SER E 284 -27.82 58.20 -22.92
CA SER E 284 -28.01 58.49 -21.50
C SER E 284 -27.06 57.77 -20.54
N ILE E 285 -26.95 56.45 -20.63
CA ILE E 285 -26.20 55.69 -19.63
C ILE E 285 -24.71 55.91 -19.83
N THR E 286 -24.06 56.46 -18.81
CA THR E 286 -22.62 56.68 -18.75
C THR E 286 -22.16 56.22 -17.36
N LYS E 287 -22.43 54.94 -17.10
CA LYS E 287 -22.21 54.32 -15.78
C LYS E 287 -20.75 54.40 -15.37
N ASP E 288 -20.53 54.82 -14.13
CA ASP E 288 -19.19 54.99 -13.57
C ASP E 288 -19.00 54.03 -12.41
N ASN E 289 -17.95 53.23 -12.49
CA ASN E 289 -17.49 52.40 -11.39
C ASN E 289 -16.09 52.82 -10.94
N LEU E 290 -15.39 53.63 -11.72
CA LEU E 290 -14.07 54.07 -11.33
C LEU E 290 -14.20 55.14 -10.24
N VAL E 291 -13.41 54.99 -9.19
CA VAL E 291 -13.15 56.07 -8.26
C VAL E 291 -11.68 56.43 -8.43
N GLY E 292 -11.41 57.70 -8.70
CA GLY E 292 -10.04 58.16 -8.88
C GLY E 292 -9.28 58.14 -7.57
N ILE E 293 -7.97 57.92 -7.66
CA ILE E 293 -7.17 57.72 -6.47
C ILE E 293 -6.50 59.01 -6.04
N LEU F 2 -19.32 35.61 3.20
CA LEU F 2 -18.04 35.17 2.65
C LEU F 2 -16.93 36.18 2.97
N ASN F 3 -17.18 37.04 3.95
CA ASN F 3 -16.14 37.89 4.48
C ASN F 3 -15.28 37.10 5.46
N THR F 4 -14.23 37.75 5.98
CA THR F 4 -13.32 37.05 6.86
C THR F 4 -13.89 37.00 8.28
N GLN F 5 -13.82 35.82 8.89
CA GLN F 5 -14.59 35.51 10.08
C GLN F 5 -13.72 35.39 11.30
N THR F 6 -14.35 35.00 12.41
CA THR F 6 -13.67 34.72 13.66
C THR F 6 -14.30 33.45 14.21
N ILE F 7 -13.59 32.78 15.11
CA ILE F 7 -14.07 31.50 15.66
C ILE F 7 -15.32 31.71 16.52
N ILE F 8 -15.48 32.89 17.12
CA ILE F 8 -16.71 33.17 17.84
C ILE F 8 -17.85 33.40 16.85
N ASP F 9 -17.56 33.97 15.68
CA ASP F 9 -18.61 34.21 14.69
C ASP F 9 -19.10 32.94 14.02
N VAL F 10 -18.33 31.85 14.07
CA VAL F 10 -18.86 30.57 13.62
C VAL F 10 -19.46 29.80 14.79
N ASN F 11 -19.08 30.14 16.03
CA ASN F 11 -19.72 29.51 17.18
C ASN F 11 -21.09 30.12 17.46
N LYS F 12 -21.24 31.43 17.24
CA LYS F 12 -22.55 32.04 17.38
C LYS F 12 -23.48 31.64 16.25
N ALA F 13 -22.93 31.26 15.10
CA ALA F 13 -23.76 30.78 14.01
C ALA F 13 -24.19 29.33 14.20
N MET F 14 -23.64 28.62 15.19
CA MET F 14 -24.20 27.33 15.56
C MET F 14 -25.55 27.49 16.23
N ASP F 15 -25.64 28.44 17.17
CA ASP F 15 -26.85 28.57 17.97
C ASP F 15 -28.00 29.13 17.17
N ALA F 16 -27.73 30.08 16.28
CA ALA F 16 -28.79 30.63 15.45
C ALA F 16 -29.23 29.65 14.37
N MET F 17 -28.35 28.73 13.97
CA MET F 17 -28.75 27.69 13.03
C MET F 17 -29.60 26.64 13.73
N LEU F 18 -29.16 26.19 14.90
CA LEU F 18 -29.73 24.99 15.47
C LEU F 18 -31.00 25.27 16.27
N ARG F 19 -31.15 26.48 16.81
CA ARG F 19 -32.33 26.75 17.63
C ARG F 19 -33.56 27.09 16.81
N ALA F 20 -33.43 27.22 15.48
CA ALA F 20 -34.60 27.46 14.66
C ALA F 20 -35.32 26.17 14.31
N TYR F 21 -34.67 25.03 14.51
CA TYR F 21 -35.27 23.73 14.24
C TYR F 21 -35.56 22.92 15.49
N LEU F 22 -34.91 23.25 16.61
CA LEU F 22 -35.09 22.52 17.84
C LEU F 22 -36.36 22.98 18.54
N ASN F 23 -36.67 22.30 19.65
CA ASN F 23 -37.73 22.76 20.54
C ASN F 23 -37.29 24.03 21.26
N GLN F 24 -38.25 24.70 21.89
CA GLN F 24 -37.96 25.97 22.54
C GLN F 24 -37.39 25.77 23.93
N ASP F 25 -37.57 24.60 24.53
CA ASP F 25 -37.21 24.40 25.92
C ASP F 25 -36.06 23.41 26.09
N ILE F 26 -35.22 23.26 25.08
CA ILE F 26 -34.03 22.42 25.16
C ILE F 26 -32.82 23.34 25.29
N ALA F 27 -32.15 23.29 26.44
CA ALA F 27 -30.99 24.15 26.66
C ALA F 27 -29.83 23.69 25.80
N ILE F 28 -29.05 24.66 25.32
CA ILE F 28 -27.93 24.41 24.43
C ILE F 28 -26.68 24.92 25.11
N ARG F 29 -25.85 24.00 25.59
CA ARG F 29 -24.60 24.35 26.25
C ARG F 29 -23.45 24.09 25.29
N PHE F 30 -22.50 25.03 25.23
CA PHE F 30 -21.38 24.91 24.32
C PHE F 30 -20.15 24.30 24.97
N ASP F 31 -20.34 23.51 26.02
CA ASP F 31 -19.25 22.79 26.64
C ASP F 31 -19.77 21.41 27.02
N LEU F 32 -18.89 20.42 26.98
CA LEU F 32 -19.25 19.09 27.43
C LEU F 32 -19.45 19.12 28.94
N PRO F 33 -20.57 18.62 29.45
CA PRO F 33 -20.88 18.80 30.87
C PRO F 33 -20.03 17.91 31.76
N GLU F 34 -20.14 18.16 33.06
CA GLU F 34 -19.34 17.46 34.04
C GLU F 34 -19.90 16.06 34.29
N LEU F 35 -19.30 15.36 35.26
CA LEU F 35 -19.65 13.97 35.49
C LEU F 35 -20.92 13.84 36.31
N ASP F 36 -20.99 14.51 37.46
CA ASP F 36 -22.17 14.42 38.31
C ASP F 36 -23.33 15.21 37.72
N THR F 37 -23.09 16.52 37.48
CA THR F 37 -23.94 17.51 36.81
C THR F 37 -25.42 17.45 37.23
N MET F 38 -25.68 17.77 38.49
CA MET F 38 -27.02 18.15 38.88
C MET F 38 -27.40 19.42 38.13
N GLN F 39 -28.30 19.29 37.17
CA GLN F 39 -28.48 20.34 36.18
C GLN F 39 -29.92 20.35 35.69
N SER F 40 -30.24 21.36 34.89
CA SER F 40 -31.49 21.36 34.14
C SER F 40 -31.45 20.26 33.09
N ASP F 41 -32.58 19.59 32.91
CA ASP F 41 -32.65 18.41 32.05
C ASP F 41 -32.49 18.80 30.58
N ALA F 42 -32.06 17.81 29.79
CA ALA F 42 -32.11 17.81 28.33
C ALA F 42 -31.28 18.96 27.73
N MET F 43 -29.96 18.84 27.90
CA MET F 43 -29.04 19.76 27.26
C MET F 43 -28.48 19.13 26.00
N VAL F 44 -28.36 19.93 24.95
CA VAL F 44 -27.66 19.54 23.73
C VAL F 44 -26.29 20.18 23.77
N SER F 45 -25.24 19.37 23.78
CA SER F 45 -23.89 19.84 24.04
C SER F 45 -23.12 19.95 22.73
N ILE F 46 -22.98 21.18 22.23
CA ILE F 46 -22.24 21.44 21.00
C ILE F 46 -20.79 21.62 21.41
N PHE F 47 -20.01 20.58 21.22
CA PHE F 47 -18.63 20.54 21.71
C PHE F 47 -17.68 20.72 20.53
N LEU F 48 -16.75 21.66 20.66
CA LEU F 48 -15.77 21.95 19.63
C LEU F 48 -14.45 21.28 20.03
N TYR F 49 -14.17 20.10 19.45
CA TYR F 49 -13.10 19.29 20.01
C TYR F 49 -11.74 19.57 19.42
N ASP F 50 -11.65 19.87 18.13
CA ASP F 50 -10.34 20.18 17.56
C ASP F 50 -10.53 21.15 16.41
N ILE F 51 -9.70 22.18 16.39
CA ILE F 51 -9.65 23.12 15.28
C ILE F 51 -8.24 23.11 14.71
N HIS F 52 -8.14 23.05 13.39
CA HIS F 52 -6.86 23.00 12.72
C HIS F 52 -7.06 23.52 11.31
N GLU F 53 -6.02 24.10 10.73
CA GLU F 53 -6.14 24.60 9.38
C GLU F 53 -6.16 23.42 8.40
N ASP F 54 -7.04 23.50 7.41
CA ASP F 54 -7.17 22.43 6.43
C ASP F 54 -6.25 22.75 5.25
N LEU F 55 -5.36 21.82 4.95
CA LEU F 55 -4.42 22.03 3.86
C LEU F 55 -5.07 21.89 2.50
N GLN F 56 -6.23 21.24 2.45
CA GLN F 56 -6.88 20.93 1.19
C GLN F 56 -7.41 22.18 0.49
N LEU F 57 -7.85 23.17 1.26
CA LEU F 57 -8.50 24.35 0.72
C LEU F 57 -7.54 25.50 0.45
N ARG F 58 -6.25 25.35 0.74
CA ARG F 58 -5.36 26.49 0.66
C ARG F 58 -4.95 26.74 -0.78
N SER F 59 -4.25 27.84 -1.01
CA SER F 59 -3.89 28.25 -2.36
C SER F 59 -2.73 29.22 -2.28
N ALA F 60 -2.36 29.74 -3.45
CA ALA F 60 -1.21 30.63 -3.59
C ALA F 60 -1.70 32.05 -3.76
N GLU F 61 -1.71 32.82 -2.67
CA GLU F 61 -2.32 34.14 -2.64
C GLU F 61 -1.28 35.20 -2.36
N SER F 62 -1.28 36.26 -3.16
CA SER F 62 -0.53 37.45 -2.85
C SER F 62 -1.39 38.36 -1.97
N ARG F 63 -0.75 39.14 -1.11
CA ARG F 63 -1.48 40.12 -0.31
C ARG F 63 -2.03 41.19 -1.23
N GLY F 64 -3.34 41.39 -1.18
CA GLY F 64 -3.97 42.36 -2.04
C GLY F 64 -3.61 43.78 -1.65
N PHE F 65 -3.82 44.68 -2.60
CA PHE F 65 -3.40 46.06 -2.45
C PHE F 65 -4.62 46.95 -2.52
N ASP F 66 -4.91 47.67 -1.44
CA ASP F 66 -5.88 48.75 -1.46
C ASP F 66 -5.17 50.01 -1.92
N VAL F 67 -5.79 50.74 -2.85
CA VAL F 67 -5.09 51.84 -3.49
C VAL F 67 -5.37 53.14 -2.75
N TYR F 68 -6.60 53.33 -2.26
CA TYR F 68 -7.03 54.61 -1.73
C TYR F 68 -6.48 54.90 -0.35
N ALA F 69 -5.76 53.93 0.23
CA ALA F 69 -5.15 54.08 1.54
C ALA F 69 -3.64 53.88 1.51
N GLY F 70 -3.10 53.30 0.44
CA GLY F 70 -1.69 52.96 0.42
C GLY F 70 -1.34 51.87 1.40
N ARG F 71 -2.14 50.83 1.48
CA ARG F 71 -2.02 49.82 2.52
C ARG F 71 -2.11 48.43 1.91
N LEU F 72 -1.44 47.47 2.55
CA LEU F 72 -1.50 46.08 2.13
C LEU F 72 -2.49 45.31 2.98
N LEU F 73 -3.21 44.40 2.36
CA LEU F 73 -4.26 43.63 2.99
C LEU F 73 -3.66 42.50 3.84
N PRO F 74 -4.34 42.08 4.91
CA PRO F 74 -3.74 41.10 5.83
C PRO F 74 -3.55 39.69 5.30
N GLY F 75 -4.61 39.08 4.79
CA GLY F 75 -4.53 37.70 4.39
C GLY F 75 -5.30 36.79 5.33
N TRP F 76 -5.53 35.56 4.88
CA TRP F 76 -6.39 34.61 5.58
C TRP F 76 -5.66 33.30 5.82
N VAL F 77 -6.22 32.49 6.73
CA VAL F 77 -5.56 31.26 7.19
C VAL F 77 -6.33 30.01 6.80
N ASN F 78 -7.66 30.10 6.62
CA ASN F 78 -8.55 28.95 6.34
C ASN F 78 -8.49 27.91 7.45
N ILE F 79 -9.04 28.26 8.61
CA ILE F 79 -9.07 27.34 9.74
C ILE F 79 -10.38 26.55 9.76
N LYS F 80 -10.28 25.24 9.99
CA LYS F 80 -11.40 24.32 10.00
C LYS F 80 -11.78 23.98 11.43
N CYS F 81 -13.07 24.05 11.75
CA CYS F 81 -13.57 23.85 13.10
C CYS F 81 -14.49 22.63 13.14
N ASN F 82 -14.08 21.58 13.85
CA ASN F 82 -14.87 20.37 13.98
C ASN F 82 -15.72 20.40 15.24
N TYR F 83 -16.99 20.03 15.12
CA TYR F 83 -17.90 20.01 16.25
C TYR F 83 -18.28 18.58 16.62
N LEU F 84 -19.03 18.44 17.70
CA LEU F 84 -19.56 17.17 18.16
C LEU F 84 -20.82 17.44 18.95
N ILE F 85 -21.96 16.99 18.44
CA ILE F 85 -23.26 17.35 18.98
C ILE F 85 -23.89 16.10 19.59
N THR F 86 -23.97 16.06 20.91
CA THR F 86 -24.57 14.95 21.64
C THR F 86 -25.86 15.40 22.30
N TYR F 87 -26.45 14.52 23.10
CA TYR F 87 -27.67 14.84 23.85
C TYR F 87 -27.59 14.19 25.21
N TRP F 88 -27.69 14.98 26.27
CA TRP F 88 -27.60 14.51 27.63
C TRP F 88 -28.95 14.65 28.31
N GLU F 89 -29.13 13.90 29.40
CA GLU F 89 -30.35 13.94 30.18
C GLU F 89 -30.04 14.34 31.62
N ALA F 90 -31.04 14.25 32.48
CA ALA F 90 -30.87 14.59 33.88
C ALA F 90 -30.05 13.54 34.61
N SER F 102 -36.79 4.25 26.09
CA SER F 102 -37.26 2.90 26.37
C SER F 102 -38.43 2.54 25.47
N GLN F 103 -38.56 3.27 24.37
CA GLN F 103 -39.61 3.03 23.39
C GLN F 103 -39.02 3.27 22.01
N PRO F 104 -39.70 2.82 20.95
CA PRO F 104 -39.34 3.26 19.60
C PRO F 104 -39.39 4.77 19.45
N ASP F 105 -40.40 5.41 20.03
CA ASP F 105 -40.45 6.87 20.12
C ASP F 105 -39.71 7.27 21.40
N ASN F 106 -38.38 7.27 21.30
CA ASN F 106 -37.55 7.68 22.41
C ASN F 106 -37.60 9.19 22.57
N GLN F 107 -37.21 9.66 23.75
CA GLN F 107 -37.04 11.10 23.94
C GLN F 107 -35.73 11.57 23.33
N ALA F 108 -34.67 10.78 23.47
CA ALA F 108 -33.37 11.17 22.94
C ALA F 108 -33.33 11.11 21.43
N ILE F 109 -34.17 10.27 20.82
CA ILE F 109 -34.23 10.24 19.36
C ILE F 109 -34.93 11.49 18.82
N GLN F 110 -35.97 11.95 19.52
CA GLN F 110 -36.76 13.09 19.04
C GLN F 110 -35.96 14.38 19.06
N VAL F 111 -34.99 14.49 19.96
CA VAL F 111 -34.15 15.69 19.94
C VAL F 111 -33.02 15.52 18.93
N MET F 112 -32.44 14.33 18.83
CA MET F 112 -31.37 14.12 17.87
C MET F 112 -31.88 14.12 16.43
N SER F 113 -33.14 13.74 16.23
CA SER F 113 -33.72 13.89 14.90
C SER F 113 -33.99 15.34 14.57
N GLN F 114 -34.28 16.17 15.58
CA GLN F 114 -34.46 17.59 15.32
C GLN F 114 -33.12 18.27 15.08
N VAL F 115 -32.04 17.75 15.64
CA VAL F 115 -30.72 18.28 15.30
C VAL F 115 -30.31 17.84 13.91
N LEU F 116 -30.61 16.58 13.56
CA LEU F 116 -30.18 16.03 12.28
C LEU F 116 -30.90 16.68 11.11
N ASN F 117 -32.17 17.02 11.29
CA ASN F 117 -32.88 17.77 10.26
C ASN F 117 -32.39 19.20 10.15
N ALA F 118 -31.64 19.68 11.14
CA ALA F 118 -31.04 21.01 11.02
C ALA F 118 -29.65 20.94 10.40
N LEU F 119 -28.96 19.81 10.54
CA LEU F 119 -27.61 19.72 10.00
C LEU F 119 -27.62 19.46 8.50
N ILE F 120 -28.45 18.53 8.03
CA ILE F 120 -28.45 18.20 6.61
C ILE F 120 -29.19 19.26 5.81
N ASN F 121 -30.03 20.07 6.45
CA ASN F 121 -30.71 21.13 5.73
C ASN F 121 -29.80 22.32 5.53
N ASN F 122 -28.93 22.62 6.50
CA ASN F 122 -27.96 23.69 6.39
C ASN F 122 -26.62 23.17 5.89
N ARG F 123 -26.59 22.69 4.63
CA ARG F 123 -25.34 22.23 4.04
C ARG F 123 -24.35 23.36 3.87
N GLN F 124 -24.80 24.49 3.32
CA GLN F 124 -24.07 25.74 3.47
C GLN F 124 -24.70 26.46 4.65
N LEU F 125 -23.87 27.06 5.50
CA LEU F 125 -24.37 27.58 6.76
C LEU F 125 -25.09 28.90 6.51
N ALA F 126 -26.31 29.01 7.04
CA ALA F 126 -27.20 30.10 6.62
C ALA F 126 -26.80 31.43 7.22
N GLY F 127 -26.33 31.43 8.47
CA GLY F 127 -25.89 32.67 9.08
C GLY F 127 -24.58 33.18 8.51
N ILE F 128 -23.81 32.29 7.89
CA ILE F 128 -22.48 32.60 7.38
C ILE F 128 -22.29 31.86 6.06
N PRO F 129 -22.77 32.43 4.95
CA PRO F 129 -22.71 31.71 3.68
C PRO F 129 -21.31 31.74 3.12
N GLY F 130 -21.03 30.77 2.24
CA GLY F 130 -19.73 30.66 1.63
C GLY F 130 -18.72 29.85 2.42
N ALA F 131 -19.04 29.46 3.64
CA ALA F 131 -18.16 28.58 4.39
C ALA F 131 -18.29 27.15 3.87
N TYR F 132 -17.17 26.54 3.57
CA TYR F 132 -17.15 25.19 3.00
C TYR F 132 -17.29 24.18 4.12
N THR F 133 -18.45 23.53 4.21
CA THR F 133 -18.76 22.68 5.35
C THR F 133 -18.94 21.23 4.92
N GLN F 134 -18.64 20.33 5.84
CA GLN F 134 -18.95 18.91 5.70
C GLN F 134 -19.95 18.51 6.77
N VAL F 135 -21.10 18.01 6.35
CA VAL F 135 -22.11 17.51 7.29
C VAL F 135 -21.88 16.02 7.46
N VAL F 136 -22.13 15.53 8.67
CA VAL F 136 -22.15 14.14 9.17
C VAL F 136 -21.26 13.15 8.43
N PRO F 137 -19.95 13.39 8.29
CA PRO F 137 -19.15 12.58 7.38
C PRO F 137 -18.79 11.24 8.01
N PRO F 138 -18.53 10.23 7.20
CA PRO F 138 -18.12 8.91 7.76
C PRO F 138 -16.68 8.89 8.27
N LYS F 139 -16.49 9.49 9.43
CA LYS F 139 -15.15 9.61 9.99
C LYS F 139 -14.86 8.53 11.03
N GLU F 140 -15.86 7.74 11.40
CA GLU F 140 -15.76 6.94 12.61
C GLU F 140 -15.76 5.44 12.35
N SER F 141 -15.34 4.70 13.37
CA SER F 141 -15.45 3.27 13.46
C SER F 141 -15.86 2.93 14.89
N LEU F 142 -15.99 1.64 15.19
CA LEU F 142 -16.28 1.28 16.56
C LEU F 142 -15.02 1.35 17.42
N ASN F 143 -13.85 1.19 16.79
CA ASN F 143 -12.60 1.33 17.53
C ASN F 143 -12.32 2.77 17.88
N SER F 144 -12.62 3.70 16.96
CA SER F 144 -12.40 5.11 17.26
C SER F 144 -13.43 5.64 18.23
N LEU F 145 -14.67 5.16 18.13
CA LEU F 145 -15.70 5.59 19.07
C LEU F 145 -15.54 4.91 20.41
N GLY F 146 -14.81 3.80 20.45
CA GLY F 146 -14.55 3.15 21.73
C GLY F 146 -13.63 3.97 22.61
N ASN F 147 -12.68 4.67 22.00
CA ASN F 147 -11.77 5.49 22.78
C ASN F 147 -12.41 6.82 23.15
N PHE F 148 -13.46 7.22 22.42
CA PHE F 148 -14.16 8.44 22.78
C PHE F 148 -15.15 8.20 23.91
N TRP F 149 -15.85 7.07 23.89
CA TRP F 149 -16.81 6.76 24.93
C TRP F 149 -16.11 6.49 26.26
N GLN F 150 -14.87 6.02 26.21
CA GLN F 150 -14.10 5.85 27.44
C GLN F 150 -13.74 7.20 28.04
N SER F 151 -13.60 8.22 27.21
CA SER F 151 -13.07 9.50 27.66
C SER F 151 -14.06 10.22 28.56
N LEU F 152 -15.34 10.21 28.20
CA LEU F 152 -16.35 10.91 29.00
C LEU F 152 -17.00 9.96 30.01
N GLY F 153 -16.14 9.27 30.75
CA GLY F 153 -16.57 8.50 31.91
C GLY F 153 -17.42 7.29 31.62
N ASN F 154 -17.10 6.56 30.54
CA ASN F 154 -17.68 5.23 30.23
C ASN F 154 -19.19 5.28 30.05
N ARG F 155 -19.67 6.27 29.30
CA ARG F 155 -21.09 6.39 29.00
C ARG F 155 -21.29 6.46 27.49
N PRO F 156 -21.63 5.38 26.82
CA PRO F 156 -21.79 5.44 25.37
C PRO F 156 -23.11 6.09 24.98
N ARG F 157 -23.07 6.86 23.89
CA ARG F 157 -24.24 7.56 23.40
C ARG F 157 -24.03 7.91 21.94
N LEU F 158 -25.04 8.53 21.35
CA LEU F 158 -25.01 8.95 19.96
C LEU F 158 -24.30 10.29 19.85
N SER F 159 -23.66 10.54 18.71
CA SER F 159 -22.94 11.78 18.50
C SER F 159 -22.93 12.12 17.02
N LEU F 160 -23.28 13.37 16.72
CA LEU F 160 -23.20 13.91 15.37
C LEU F 160 -22.07 14.92 15.31
N ASN F 161 -21.29 14.86 14.24
CA ASN F 161 -20.16 15.77 14.08
C ASN F 161 -20.32 16.51 12.77
N TYR F 162 -19.87 17.75 12.76
CA TYR F 162 -20.20 18.72 11.72
C TYR F 162 -19.13 19.78 11.68
N SER F 163 -18.47 19.95 10.53
CA SER F 163 -17.21 20.68 10.46
C SER F 163 -17.31 21.85 9.51
N VAL F 164 -16.97 23.04 10.00
CA VAL F 164 -17.01 24.27 9.22
C VAL F 164 -15.59 24.74 8.99
N THR F 165 -15.31 25.27 7.80
CA THR F 165 -14.02 25.87 7.48
C THR F 165 -14.25 27.34 7.22
N VAL F 166 -13.70 28.20 8.07
CA VAL F 166 -13.89 29.64 7.91
C VAL F 166 -12.54 30.33 7.84
N PRO F 167 -12.40 31.42 7.08
CA PRO F 167 -11.12 32.13 7.03
C PRO F 167 -10.95 33.05 8.24
N VAL F 168 -9.81 32.93 8.90
CA VAL F 168 -9.43 33.81 10.00
C VAL F 168 -8.36 34.76 9.49
N SER F 169 -8.40 36.01 9.93
CA SER F 169 -7.51 37.03 9.39
C SER F 169 -6.36 37.31 10.34
N LEU F 170 -5.20 37.61 9.76
CA LEU F 170 -4.09 38.16 10.52
C LEU F 170 -4.36 39.62 10.85
N ASN F 171 -3.50 40.19 11.69
CA ASN F 171 -3.68 41.57 12.14
C ASN F 171 -2.39 42.36 11.97
N ASP F 172 -2.34 43.18 10.93
CA ASP F 172 -1.31 44.19 10.75
C ASP F 172 -1.84 45.26 9.80
N GLY F 173 -1.29 46.45 9.94
CA GLY F 173 -1.59 47.54 9.02
C GLY F 173 -0.37 48.37 8.72
N GLN F 174 0.77 47.98 9.27
CA GLN F 174 2.00 48.75 9.11
C GLN F 174 2.70 48.46 7.79
N ASP F 175 2.50 47.28 7.21
CA ASP F 175 3.07 46.98 5.90
C ASP F 175 2.36 47.82 4.84
N SER F 176 3.05 48.83 4.33
CA SER F 176 2.45 49.80 3.44
C SER F 176 3.39 50.07 2.28
N ALA F 177 2.81 50.23 1.10
CA ALA F 177 3.57 50.55 -0.10
C ALA F 177 2.78 51.55 -0.92
N THR F 178 3.46 52.36 -1.63
CA THR F 178 2.80 53.36 -2.44
C THR F 178 2.49 52.81 -3.82
N PRO F 179 1.42 53.29 -4.47
CA PRO F 179 1.12 52.83 -5.83
C PRO F 179 2.16 53.35 -6.82
N VAL F 180 2.34 52.61 -7.90
CA VAL F 180 3.33 52.97 -8.90
C VAL F 180 2.85 54.20 -9.67
N THR F 181 3.66 55.25 -9.63
CA THR F 181 3.25 56.52 -10.21
C THR F 181 3.69 56.66 -11.66
N ALA F 182 5.01 56.60 -11.89
CA ALA F 182 5.57 56.88 -13.20
C ALA F 182 6.58 55.79 -13.54
N VAL F 183 6.53 55.33 -14.78
CA VAL F 183 7.49 54.36 -15.30
C VAL F 183 8.43 55.09 -16.24
N SER F 184 9.71 55.14 -15.88
CA SER F 184 10.72 55.80 -16.69
C SER F 184 11.87 54.83 -16.90
N SER F 185 12.29 54.67 -18.16
CA SER F 185 13.38 53.75 -18.50
C SER F 185 14.40 54.52 -19.34
N THR F 186 15.68 54.15 -19.20
CA THR F 186 16.75 54.89 -19.87
C THR F 186 17.75 53.89 -20.45
N VAL F 187 17.59 53.58 -21.73
CA VAL F 187 18.53 52.69 -22.41
C VAL F 187 19.85 53.43 -22.64
N GLU F 188 20.93 52.66 -22.67
CA GLU F 188 22.26 53.25 -22.77
C GLU F 188 23.21 52.22 -23.38
N GLN F 189 24.30 52.72 -23.94
CA GLN F 189 25.34 51.87 -24.49
C GLN F 189 26.26 51.42 -23.38
N THR F 190 26.41 50.11 -23.22
CA THR F 190 27.36 49.55 -22.27
C THR F 190 28.74 49.54 -22.90
N ALA F 191 29.77 49.78 -22.08
CA ALA F 191 31.13 49.89 -22.58
C ALA F 191 31.65 48.53 -23.04
N SER F 192 32.80 48.56 -23.71
CA SER F 192 33.38 47.33 -24.26
C SER F 192 33.91 46.43 -23.16
N LEU F 193 34.51 47.01 -22.13
CA LEU F 193 34.98 46.27 -20.97
C LEU F 193 33.84 46.12 -19.97
N SER F 194 33.87 45.01 -19.23
CA SER F 194 32.84 44.65 -18.28
C SER F 194 33.43 44.59 -16.88
N GLN F 195 32.65 44.09 -15.92
CA GLN F 195 33.14 43.91 -14.57
C GLN F 195 34.14 42.77 -14.49
N GLU F 196 34.06 41.81 -15.43
CA GLU F 196 34.95 40.67 -15.40
C GLU F 196 36.32 40.99 -16.00
N VAL F 197 36.34 41.81 -17.06
CA VAL F 197 37.61 42.18 -17.69
C VAL F 197 38.41 43.09 -16.76
N VAL F 198 37.73 44.00 -16.07
CA VAL F 198 38.40 44.90 -15.12
C VAL F 198 38.99 44.13 -13.94
N SER F 199 38.27 43.12 -13.43
CA SER F 199 38.72 42.42 -12.23
C SER F 199 39.97 41.58 -12.46
N HIS F 200 40.21 41.14 -13.70
CA HIS F 200 41.49 40.52 -14.00
C HIS F 200 42.60 41.56 -14.05
N ALA F 201 42.31 42.74 -14.58
CA ALA F 201 43.34 43.76 -14.75
C ALA F 201 43.74 44.39 -13.42
N LEU F 202 42.86 44.35 -12.42
CA LEU F 202 43.23 44.92 -11.12
C LEU F 202 44.08 43.94 -10.33
N ARG F 203 43.72 42.66 -10.36
CA ARG F 203 44.47 41.67 -9.57
C ARG F 203 45.83 41.42 -10.19
N GLU F 204 45.92 41.38 -11.53
CA GLU F 204 47.20 41.19 -12.19
C GLU F 204 48.08 42.42 -12.06
N LEU F 205 47.48 43.59 -11.81
CA LEU F 205 48.27 44.73 -11.37
C LEU F 205 48.76 44.53 -9.94
N LEU F 206 47.90 44.00 -9.07
CA LEU F 206 48.24 43.89 -7.67
C LEU F 206 49.24 42.76 -7.42
N ILE F 207 49.22 41.73 -8.27
CA ILE F 207 50.29 40.74 -8.27
C ILE F 207 51.59 41.38 -8.71
N THR F 208 51.54 42.19 -9.77
CA THR F 208 52.73 42.84 -10.29
C THR F 208 53.22 43.97 -9.39
N GLU F 209 52.31 44.68 -8.72
CA GLU F 209 52.73 45.74 -7.79
C GLU F 209 53.39 45.14 -6.55
N LEU F 210 52.96 43.96 -6.12
CA LEU F 210 53.64 43.28 -5.02
C LEU F 210 55.00 42.75 -5.44
N GLY F 211 55.15 42.34 -6.69
CA GLY F 211 56.40 41.78 -7.20
C GLY F 211 56.24 40.52 -8.00
N GLY F 212 55.02 40.03 -8.19
CA GLY F 212 54.81 38.85 -9.01
C GLY F 212 55.25 37.57 -8.32
N GLY F 213 55.33 36.50 -9.12
CA GLY F 213 55.74 35.21 -8.63
C GLY F 213 54.57 34.31 -8.30
N GLU F 214 54.90 33.06 -7.98
CA GLU F 214 53.88 32.10 -7.59
C GLU F 214 53.58 32.17 -6.09
N ASP F 215 54.61 32.40 -5.28
CA ASP F 215 54.46 32.51 -3.83
C ASP F 215 53.72 33.76 -3.41
N ASN F 216 53.63 34.77 -4.27
CA ASN F 216 52.83 35.95 -3.98
C ASN F 216 51.42 35.85 -4.54
N ARG F 217 51.20 34.94 -5.49
CA ARG F 217 49.86 34.76 -6.02
C ARG F 217 49.00 33.89 -5.11
N LEU F 218 49.61 32.92 -4.43
CA LEU F 218 48.85 32.03 -3.56
C LEU F 218 48.41 32.71 -2.27
N VAL F 219 49.20 33.66 -1.76
CA VAL F 219 48.77 34.39 -0.57
C VAL F 219 47.68 35.39 -0.92
N LEU F 220 47.61 35.83 -2.18
CA LEU F 220 46.53 36.67 -2.64
C LEU F 220 45.48 35.90 -3.42
N SER F 221 45.40 34.58 -3.22
CA SER F 221 44.45 33.78 -4.00
C SER F 221 43.02 33.94 -3.50
N LYS F 222 42.84 34.22 -2.21
CA LYS F 222 41.51 34.31 -1.62
C LYS F 222 41.02 35.74 -1.51
N VAL F 223 41.48 36.64 -2.38
CA VAL F 223 41.05 38.03 -2.39
C VAL F 223 40.47 38.32 -3.76
N GLU F 224 39.26 38.86 -3.78
CA GLU F 224 38.59 39.27 -5.01
C GLU F 224 38.48 40.78 -5.06
N LEU F 225 38.52 41.33 -6.26
CA LEU F 225 38.39 42.75 -6.50
C LEU F 225 37.19 42.98 -7.42
N SER F 226 36.16 43.61 -6.89
CA SER F 226 34.92 43.81 -7.63
C SER F 226 34.66 45.31 -7.76
N ALA F 227 34.42 45.76 -8.99
CA ALA F 227 34.39 47.18 -9.30
C ALA F 227 32.99 47.66 -9.64
N VAL F 228 32.60 48.77 -9.02
CA VAL F 228 31.43 49.54 -9.42
C VAL F 228 31.92 50.86 -10.00
N LYS F 229 31.62 51.11 -11.27
CA LYS F 229 32.33 52.13 -12.03
C LYS F 229 31.35 53.01 -12.79
N GLU F 230 31.80 54.22 -13.11
CA GLU F 230 31.09 55.16 -13.97
C GLU F 230 32.06 55.66 -15.04
N THR F 231 31.89 55.18 -16.27
CA THR F 231 32.71 55.66 -17.37
C THR F 231 32.25 57.05 -17.81
N MET F 232 33.05 58.07 -17.49
CA MET F 232 32.66 59.44 -17.77
C MET F 232 33.42 60.06 -18.93
N THR F 233 34.63 59.59 -19.24
CA THR F 233 35.28 60.01 -20.47
C THR F 233 34.84 59.12 -21.63
N GLN F 234 34.61 59.74 -22.79
CA GLN F 234 34.02 59.05 -23.93
C GLN F 234 34.96 59.03 -25.13
N ASP F 235 36.26 58.91 -24.88
CA ASP F 235 37.23 58.78 -25.96
C ASP F 235 38.01 57.47 -25.87
N MET F 240 38.60 55.95 -17.82
CA MET F 240 37.29 55.92 -17.20
C MET F 240 37.39 55.71 -15.68
N ILE F 241 36.49 56.36 -14.94
CA ILE F 241 36.55 56.35 -13.49
C ILE F 241 36.00 55.03 -12.96
N ILE F 242 36.83 54.32 -12.19
CA ILE F 242 36.52 52.98 -11.68
C ILE F 242 36.91 52.94 -10.20
N LEU F 243 36.02 52.45 -9.36
CA LEU F 243 36.33 52.20 -7.95
C LEU F 243 35.85 50.82 -7.56
N LEU F 244 36.52 50.21 -6.58
CA LEU F 244 36.32 48.82 -6.23
C LEU F 244 35.94 48.62 -4.77
N SER F 245 35.70 47.35 -4.43
CA SER F 245 35.45 46.88 -3.07
C SER F 245 36.19 45.57 -2.87
N VAL F 246 36.94 45.46 -1.78
CA VAL F 246 37.88 44.36 -1.57
C VAL F 246 37.37 43.50 -0.42
N SER F 247 37.43 42.18 -0.61
CA SER F 247 36.97 41.26 0.42
C SER F 247 37.73 39.95 0.31
N GLY F 248 38.00 39.32 1.46
CA GLY F 248 38.59 38.00 1.46
C GLY F 248 39.31 37.63 2.74
N ILE F 249 40.35 36.81 2.63
CA ILE F 249 41.30 36.55 3.70
C ILE F 249 42.70 36.58 3.12
N THR F 250 43.66 36.94 3.96
CA THR F 250 45.06 36.90 3.60
C THR F 250 45.87 36.72 4.87
N ARG F 251 47.15 36.37 4.70
CA ARG F 251 47.96 35.99 5.83
C ARG F 251 48.41 37.24 6.59
N GLN F 252 49.03 37.01 7.75
CA GLN F 252 49.42 38.10 8.64
C GLN F 252 50.54 38.95 8.06
N GLU F 253 51.39 38.36 7.23
CA GLU F 253 52.55 39.09 6.70
C GLU F 253 52.13 40.11 5.64
N TYR F 254 51.47 39.65 4.58
CA TYR F 254 51.15 40.51 3.46
C TYR F 254 49.90 41.35 3.68
N LEU F 255 49.32 41.33 4.87
CA LEU F 255 48.22 42.24 5.16
C LEU F 255 48.70 43.68 5.24
N LYS F 256 49.88 43.91 5.81
CA LYS F 256 50.41 45.26 5.95
C LYS F 256 50.88 45.83 4.61
N GLU F 257 51.49 44.98 3.77
CA GLU F 257 52.03 45.46 2.51
C GLU F 257 50.95 45.72 1.47
N ILE F 258 49.91 44.88 1.42
CA ILE F 258 48.85 45.09 0.44
C ILE F 258 48.01 46.30 0.82
N ASP F 259 47.74 46.47 2.13
CA ASP F 259 47.11 47.69 2.61
C ASP F 259 47.98 48.92 2.39
N ASN F 260 49.30 48.75 2.26
CA ASN F 260 50.16 49.83 1.78
C ASN F 260 50.08 49.99 0.28
N ILE F 261 49.75 48.92 -0.45
CA ILE F 261 49.74 49.00 -1.90
C ILE F 261 48.49 49.75 -2.40
N PHE F 262 47.30 49.32 -1.98
CA PHE F 262 46.12 50.06 -2.42
C PHE F 262 45.88 51.33 -1.61
N ASP F 263 46.74 51.63 -0.64
CA ASP F 263 46.78 52.99 -0.09
C ASP F 263 47.20 53.99 -1.15
N ARG F 264 48.42 53.82 -1.67
CA ARG F 264 48.97 54.77 -2.63
C ARG F 264 48.34 54.62 -4.01
N TRP F 265 47.70 53.48 -4.26
CA TRP F 265 47.13 53.18 -5.57
C TRP F 265 45.90 54.03 -5.86
N VAL F 266 45.19 54.49 -4.82
CA VAL F 266 44.04 55.34 -5.03
C VAL F 266 44.47 56.78 -5.29
N ASN F 267 45.11 57.40 -4.30
CA ASN F 267 45.47 58.82 -4.39
C ASN F 267 46.73 58.96 -5.24
N ASN F 268 46.55 59.01 -6.55
CA ASN F 268 47.67 59.20 -7.47
C ASN F 268 47.13 60.01 -8.65
N ALA F 269 47.99 60.30 -9.63
CA ALA F 269 47.60 61.16 -10.76
C ALA F 269 46.83 60.42 -11.84
N GLU F 270 46.28 59.23 -11.53
CA GLU F 270 45.43 58.43 -12.41
C GLU F 270 46.15 58.07 -13.71
N VAL F 271 47.32 57.45 -13.56
CA VAL F 271 48.16 57.13 -14.70
C VAL F 271 47.87 55.75 -15.27
N ILE F 272 47.21 54.88 -14.53
CA ILE F 272 46.91 53.54 -15.02
C ILE F 272 45.61 53.52 -15.81
N CYS F 278 41.17 53.45 -22.77
CA CYS F 278 40.54 52.93 -21.56
C CYS F 278 41.50 53.01 -20.38
N GLY F 279 41.28 53.99 -19.51
CA GLY F 279 42.15 54.25 -18.38
C GLY F 279 41.51 53.83 -17.07
N ILE F 280 42.33 53.60 -16.06
CA ILE F 280 41.88 53.15 -14.76
C ILE F 280 42.01 54.34 -13.81
N ARG F 281 40.91 55.03 -13.56
CA ARG F 281 40.89 56.22 -12.71
C ARG F 281 40.27 55.83 -11.38
N ILE F 282 41.12 55.63 -10.38
CA ILE F 282 40.71 55.06 -9.10
C ILE F 282 40.30 56.18 -8.17
N GLU F 283 39.23 55.95 -7.41
CA GLU F 283 38.62 57.02 -6.62
C GLU F 283 38.22 56.46 -5.26
N SER F 284 37.32 57.19 -4.59
CA SER F 284 37.18 57.22 -3.13
C SER F 284 36.92 55.87 -2.47
N ILE F 285 35.91 55.13 -2.91
CA ILE F 285 35.50 53.92 -2.20
C ILE F 285 36.51 52.81 -2.44
N THR F 286 37.12 52.35 -1.35
CA THR F 286 38.06 51.24 -1.32
C THR F 286 37.66 50.33 -0.14
N LYS F 287 36.41 49.87 -0.21
CA LYS F 287 35.77 49.12 0.87
C LYS F 287 36.54 47.84 1.19
N ASP F 288 36.77 47.63 2.48
CA ASP F 288 37.52 46.48 2.98
C ASP F 288 36.59 45.60 3.82
N ASN F 289 36.52 44.33 3.46
CA ASN F 289 35.87 43.31 4.27
C ASN F 289 36.87 42.25 4.73
N LEU F 290 38.06 42.23 4.14
CA LEU F 290 39.07 41.27 4.56
C LEU F 290 39.67 41.69 5.89
N VAL F 291 39.76 40.74 6.81
CA VAL F 291 40.61 40.89 7.98
C VAL F 291 41.73 39.86 7.82
N GLY F 292 42.97 40.33 7.88
CA GLY F 292 44.11 39.44 7.75
C GLY F 292 44.25 38.53 8.95
N ILE F 293 44.79 37.34 8.72
CA ILE F 293 44.82 36.33 9.77
C ILE F 293 46.16 36.33 10.48
N ALA G 9 24.62 31.03 11.93
CA ALA G 9 23.51 31.04 10.99
C ALA G 9 23.25 29.63 10.46
N VAL G 10 21.98 29.22 10.48
CA VAL G 10 21.63 27.88 10.03
C VAL G 10 20.89 27.91 8.70
N GLU G 11 19.98 28.87 8.52
CA GLU G 11 19.31 29.19 7.25
C GLU G 11 18.54 27.99 6.69
N TYR G 12 17.47 27.65 7.40
CA TYR G 12 16.59 26.56 7.01
C TYR G 12 15.98 26.80 5.63
N PRO G 13 15.71 25.76 4.86
CA PRO G 13 15.08 25.93 3.56
C PRO G 13 13.64 26.34 3.68
N ILE G 14 13.18 27.15 2.73
CA ILE G 14 11.84 27.71 2.77
C ILE G 14 10.82 26.66 2.36
N PRO G 15 9.67 26.59 3.01
CA PRO G 15 8.65 25.60 2.63
C PRO G 15 7.95 26.00 1.34
N VAL G 16 7.17 25.04 0.83
CA VAL G 16 6.62 25.18 -0.51
C VAL G 16 5.21 25.74 -0.52
N TYR G 17 4.62 26.02 0.65
CA TYR G 17 3.23 26.46 0.61
C TYR G 17 3.09 27.92 0.27
N ARG G 18 4.15 28.71 0.36
CA ARG G 18 4.08 30.12 0.05
C ARG G 18 4.76 30.37 -1.29
N PHE G 19 3.95 30.68 -2.30
CA PHE G 19 4.47 31.10 -3.59
C PHE G 19 3.41 31.94 -4.28
N ILE G 20 3.84 32.70 -5.28
CA ILE G 20 2.97 33.53 -6.08
C ILE G 20 3.13 33.11 -7.53
N VAL G 21 2.03 32.87 -8.23
CA VAL G 21 2.06 32.61 -9.66
C VAL G 21 1.30 33.72 -10.35
N SER G 22 2.00 34.46 -11.22
CA SER G 22 1.41 35.56 -11.96
C SER G 22 1.44 35.23 -13.43
N VAL G 23 0.27 34.89 -13.99
CA VAL G 23 0.13 34.54 -15.39
C VAL G 23 -0.17 35.82 -16.16
N GLY G 24 0.69 36.14 -17.13
CA GLY G 24 0.50 37.36 -17.90
C GLY G 24 0.74 38.59 -17.08
N ASP G 25 -0.33 39.30 -16.74
CA ASP G 25 -0.25 40.49 -15.91
C ASP G 25 -1.08 40.41 -14.63
N GLU G 26 -1.97 39.43 -14.50
CA GLU G 26 -2.84 39.31 -13.34
C GLU G 26 -2.41 38.12 -12.49
N LYS G 27 -2.48 38.28 -11.18
CA LYS G 27 -2.16 37.19 -10.27
C LYS G 27 -3.40 36.36 -9.99
N ILE G 28 -3.27 35.04 -10.09
CA ILE G 28 -4.41 34.14 -9.92
C ILE G 28 -4.03 33.00 -8.97
N PRO G 29 -4.97 32.55 -8.13
CA PRO G 29 -4.63 31.51 -7.16
C PRO G 29 -4.54 30.11 -7.73
N PHE G 30 -3.34 29.55 -7.76
CA PHE G 30 -3.13 28.18 -8.23
C PHE G 30 -2.89 27.26 -7.05
N ASN G 31 -3.46 26.06 -7.13
CA ASN G 31 -3.33 25.10 -6.04
C ASN G 31 -1.98 24.40 -6.07
N SER G 32 -1.41 24.25 -7.25
CA SER G 32 -0.17 23.50 -7.40
C SER G 32 0.48 23.85 -8.73
N VAL G 33 1.81 23.87 -8.73
CA VAL G 33 2.61 24.04 -9.94
C VAL G 33 3.70 22.97 -9.90
N SER G 34 3.82 22.20 -10.98
CA SER G 34 4.76 21.09 -11.02
C SER G 34 5.70 21.26 -12.20
N GLY G 35 6.72 20.42 -12.23
CA GLY G 35 7.66 20.40 -13.34
C GLY G 35 8.61 21.57 -13.38
N LEU G 36 8.57 22.30 -14.50
CA LEU G 36 9.41 23.45 -14.82
C LEU G 36 10.90 23.17 -14.58
N ASP G 37 11.42 22.22 -15.33
CA ASP G 37 12.80 21.78 -15.21
C ASP G 37 13.60 22.19 -16.42
N ILE G 38 14.79 22.73 -16.18
CA ILE G 38 15.76 22.89 -17.24
C ILE G 38 16.36 21.53 -17.53
N SER G 39 16.40 21.13 -18.80
CA SER G 39 16.92 19.81 -19.11
C SER G 39 17.77 19.88 -20.37
N TYR G 40 18.70 18.95 -20.49
CA TYR G 40 19.55 18.87 -21.66
C TYR G 40 19.78 17.41 -22.01
N ASP G 41 20.10 17.17 -23.27
CA ASP G 41 20.48 15.86 -23.74
C ASP G 41 22.00 15.75 -23.76
N THR G 42 22.49 14.53 -23.73
CA THR G 42 23.92 14.27 -23.73
C THR G 42 24.33 13.64 -25.06
N ILE G 43 25.54 13.97 -25.49
CA ILE G 43 26.11 13.50 -26.75
C ILE G 43 27.40 12.76 -26.41
N GLU G 44 27.50 11.51 -26.86
CA GLU G 44 28.68 10.71 -26.60
C GLU G 44 29.36 10.38 -27.92
N TYR G 45 30.68 10.47 -27.93
CA TYR G 45 31.49 10.11 -29.09
C TYR G 45 32.63 9.23 -28.61
N ARG G 46 32.44 7.92 -28.63
CA ARG G 46 33.45 7.00 -28.14
C ARG G 46 34.54 6.87 -29.21
N ASP G 47 35.77 7.14 -28.82
CA ASP G 47 36.87 7.08 -29.76
C ASP G 47 37.30 5.65 -30.02
N GLY G 48 38.14 5.47 -31.03
CA GLY G 48 38.76 4.18 -31.25
C GLY G 48 39.92 3.96 -30.31
N VAL G 49 40.63 5.03 -29.97
CA VAL G 49 41.81 4.93 -29.10
C VAL G 49 41.40 4.63 -27.66
N GLY G 50 40.30 5.21 -27.20
CA GLY G 50 39.78 4.81 -25.91
C GLY G 50 39.19 5.91 -25.04
N ASN G 51 39.45 7.17 -25.37
CA ASN G 51 38.92 8.23 -24.53
C ASN G 51 37.46 8.52 -24.88
N TRP G 52 36.80 9.22 -23.96
CA TRP G 52 35.36 9.42 -24.00
C TRP G 52 35.04 10.90 -23.98
N PHE G 53 34.08 11.31 -24.80
CA PHE G 53 33.66 12.70 -24.90
C PHE G 53 32.20 12.80 -24.50
N LYS G 54 31.92 13.49 -23.40
CA LYS G 54 30.56 13.67 -22.91
C LYS G 54 30.23 15.15 -22.88
N MET G 55 29.37 15.60 -23.79
CA MET G 55 28.98 16.99 -23.90
C MET G 55 27.48 17.11 -23.79
N PRO G 56 26.97 18.24 -23.30
CA PRO G 56 25.51 18.42 -23.29
C PRO G 56 25.00 18.95 -24.62
N GLY G 57 23.98 18.29 -25.16
CA GLY G 57 23.54 18.59 -26.52
C GLY G 57 22.37 19.54 -26.62
N GLN G 58 21.34 19.14 -27.35
CA GLN G 58 20.22 20.03 -27.61
C GLN G 58 19.36 20.17 -26.36
N SER G 59 18.76 21.34 -26.20
CA SER G 59 17.92 21.60 -25.02
C SER G 59 16.60 20.84 -25.15
N GLN G 60 16.29 20.04 -24.13
CA GLN G 60 15.06 19.30 -24.11
C GLN G 60 13.90 20.24 -23.82
N SER G 61 12.70 19.86 -24.28
CA SER G 61 11.54 20.72 -24.15
C SER G 61 11.06 20.78 -22.71
N THR G 62 10.40 21.89 -22.38
CA THR G 62 9.95 22.18 -21.02
C THR G 62 8.44 22.09 -20.96
N ASN G 63 7.94 21.33 -19.99
CA ASN G 63 6.51 21.04 -19.87
C ASN G 63 6.06 21.33 -18.44
N ILE G 64 4.98 22.10 -18.30
CA ILE G 64 4.50 22.55 -17.00
C ILE G 64 3.03 22.19 -16.88
N THR G 65 2.67 21.45 -15.83
CA THR G 65 1.29 21.10 -15.54
C THR G 65 0.92 21.67 -14.19
N LEU G 66 0.07 22.69 -14.18
CA LEU G 66 -0.28 23.39 -12.94
C LEU G 66 -1.79 23.38 -12.74
N ARG G 67 -2.21 23.18 -11.50
CA ARG G 67 -3.61 22.95 -11.17
C ARG G 67 -4.25 24.26 -10.70
N LYS G 68 -5.55 24.19 -10.40
CA LYS G 68 -6.34 25.32 -9.94
C LYS G 68 -7.68 24.80 -9.47
N GLY G 69 -8.17 25.32 -8.35
CA GLY G 69 -9.53 25.03 -7.94
C GLY G 69 -10.53 25.73 -8.83
N VAL G 70 -11.68 25.11 -9.02
CA VAL G 70 -12.74 25.69 -9.84
C VAL G 70 -13.45 26.76 -9.04
N PHE G 71 -13.49 27.98 -9.59
CA PHE G 71 -14.06 29.09 -8.84
C PHE G 71 -15.38 29.53 -9.48
N PRO G 72 -16.37 29.91 -8.68
CA PRO G 72 -17.70 30.18 -9.24
C PRO G 72 -17.80 31.46 -10.05
N GLY G 73 -17.88 31.31 -11.36
CA GLY G 73 -18.08 32.44 -12.25
C GLY G 73 -16.83 33.11 -12.76
N LYS G 74 -15.66 32.54 -12.53
CA LYS G 74 -14.39 33.11 -12.99
C LYS G 74 -13.77 32.15 -14.00
N THR G 75 -13.69 32.58 -15.25
CA THR G 75 -13.09 31.78 -16.32
C THR G 75 -11.82 32.48 -16.78
N GLU G 76 -10.69 32.09 -16.19
CA GLU G 76 -9.40 32.54 -16.68
C GLU G 76 -8.77 31.52 -17.61
N LEU G 77 -8.77 30.25 -17.21
CA LEU G 77 -8.01 29.25 -17.94
C LEU G 77 -8.70 28.83 -19.22
N PHE G 78 -10.03 28.91 -19.27
CA PHE G 78 -10.71 28.50 -20.49
C PHE G 78 -10.60 29.55 -21.57
N ASP G 79 -10.69 30.83 -21.21
CA ASP G 79 -10.60 31.90 -22.21
C ASP G 79 -9.20 32.04 -22.79
N TRP G 80 -8.21 31.45 -22.11
CA TRP G 80 -6.89 31.29 -22.70
C TRP G 80 -6.90 30.23 -23.80
N ILE G 81 -7.37 29.02 -23.47
CA ILE G 81 -7.29 27.91 -24.40
C ILE G 81 -8.39 27.97 -25.46
N ASN G 82 -9.42 28.79 -25.28
CA ASN G 82 -10.45 28.90 -26.29
C ASN G 82 -9.97 29.69 -27.50
N SER G 83 -8.98 30.55 -27.30
CA SER G 83 -8.48 31.39 -28.37
C SER G 83 -7.57 30.65 -29.34
N ILE G 84 -7.31 29.37 -29.11
CA ILE G 84 -6.47 28.62 -30.04
C ILE G 84 -7.25 28.33 -31.31
N GLN G 85 -6.94 29.06 -32.36
CA GLN G 85 -7.21 28.61 -33.71
C GLN G 85 -5.86 28.19 -34.25
N LEU G 86 -5.80 27.84 -35.54
CA LEU G 86 -4.95 26.80 -36.18
C LEU G 86 -3.57 26.70 -35.53
N ASN G 87 -2.81 27.79 -35.42
CA ASN G 87 -1.66 27.83 -34.51
C ASN G 87 -1.49 29.16 -33.82
N GLN G 88 -2.40 30.11 -34.04
CA GLN G 88 -2.25 31.47 -33.52
C GLN G 88 -2.89 31.55 -32.15
N VAL G 89 -2.07 31.39 -31.10
CA VAL G 89 -2.50 31.53 -29.72
C VAL G 89 -1.65 32.62 -29.08
N GLU G 90 -2.28 33.47 -28.27
CA GLU G 90 -1.50 34.45 -27.52
C GLU G 90 -0.66 33.76 -26.46
N LYS G 91 0.58 34.23 -26.31
CA LYS G 91 1.53 33.66 -25.39
C LYS G 91 1.87 34.69 -24.33
N LYS G 92 1.96 34.26 -23.08
CA LYS G 92 2.19 35.18 -21.98
C LYS G 92 3.13 34.55 -20.97
N ASP G 93 3.91 35.39 -20.31
CA ASP G 93 4.95 34.91 -19.40
C ASP G 93 4.35 34.48 -18.07
N ILE G 94 4.96 33.46 -17.46
CA ILE G 94 4.56 32.96 -16.16
C ILE G 94 5.73 33.16 -15.21
N THR G 95 5.47 33.79 -14.07
CA THR G 95 6.50 33.99 -13.05
C THR G 95 6.07 33.30 -11.78
N ILE G 96 6.73 32.21 -11.42
CA ILE G 96 6.51 31.50 -10.17
C ILE G 96 7.62 31.92 -9.22
N SER G 97 7.26 32.39 -8.03
CA SER G 97 8.27 32.90 -7.12
C SER G 97 7.88 32.62 -5.69
N LEU G 98 8.85 32.19 -4.89
CA LEU G 98 8.66 31.93 -3.48
C LEU G 98 8.88 33.20 -2.68
N THR G 99 8.13 33.36 -1.60
CA THR G 99 8.21 34.54 -0.75
C THR G 99 8.66 34.16 0.65
N ASN G 100 8.82 35.18 1.48
CA ASN G 100 8.75 34.99 2.92
C ASN G 100 7.32 35.25 3.37
N ASP G 101 6.98 34.72 4.55
CA ASP G 101 5.58 34.69 4.96
C ASP G 101 4.99 36.04 5.32
N ALA G 102 5.82 37.08 5.42
CA ALA G 102 5.28 38.43 5.48
C ALA G 102 4.60 38.82 4.19
N GLY G 103 5.05 38.28 3.07
CA GLY G 103 4.44 38.52 1.79
C GLY G 103 5.05 39.65 0.98
N THR G 104 6.10 40.28 1.50
CA THR G 104 6.66 41.45 0.83
C THR G 104 7.69 41.06 -0.22
N GLU G 105 8.70 40.30 0.18
CA GLU G 105 9.84 40.02 -0.67
C GLU G 105 9.60 38.80 -1.55
N LEU G 106 10.43 38.68 -2.58
CA LEU G 106 10.53 37.47 -3.38
C LEU G 106 11.92 36.89 -3.19
N LEU G 107 11.99 35.69 -2.61
CA LEU G 107 13.28 35.10 -2.32
C LEU G 107 13.91 34.50 -3.57
N MET G 108 13.20 33.60 -4.24
CA MET G 108 13.72 32.96 -5.44
C MET G 108 12.63 32.91 -6.49
N THR G 109 12.96 33.36 -7.69
CA THR G 109 11.96 33.61 -8.73
C THR G 109 12.30 32.83 -9.98
N TRP G 110 11.38 32.01 -10.45
CA TRP G 110 11.41 31.43 -11.78
C TRP G 110 10.55 32.27 -12.69
N ASN G 111 10.97 32.46 -13.93
CA ASN G 111 10.08 32.98 -14.95
C ASN G 111 10.07 32.04 -16.13
N VAL G 112 8.89 31.84 -16.70
CA VAL G 112 8.69 30.94 -17.84
C VAL G 112 8.22 31.79 -19.00
N SER G 113 9.04 31.89 -20.04
CA SER G 113 8.81 32.84 -21.12
C SER G 113 8.05 32.18 -22.26
N ASN G 114 7.06 32.91 -22.79
CA ASN G 114 6.25 32.52 -23.94
C ASN G 114 5.57 31.17 -23.72
N ALA G 115 4.64 31.16 -22.77
CA ALA G 115 3.87 29.97 -22.45
C ALA G 115 2.52 30.01 -23.16
N PHE G 116 2.12 28.86 -23.68
CA PHE G 116 0.82 28.69 -24.29
C PHE G 116 0.26 27.35 -23.84
N PRO G 117 -1.03 27.27 -23.58
CA PRO G 117 -1.56 26.04 -22.99
C PRO G 117 -1.94 25.00 -24.03
N THR G 118 -1.37 23.81 -23.94
CA THR G 118 -1.81 22.73 -24.81
C THR G 118 -3.17 22.21 -24.37
N SER G 119 -3.26 21.72 -23.14
CA SER G 119 -4.46 21.03 -22.69
C SER G 119 -4.84 21.47 -21.29
N LEU G 120 -6.13 21.45 -21.00
CA LEU G 120 -6.62 21.56 -19.64
C LEU G 120 -7.63 20.47 -19.39
N THR G 121 -7.52 19.84 -18.23
CA THR G 121 -8.39 18.73 -17.85
C THR G 121 -9.46 19.24 -16.90
N SER G 122 -10.72 19.05 -17.29
CA SER G 122 -11.84 19.44 -16.45
C SER G 122 -11.87 18.57 -15.19
N PRO G 123 -12.46 19.06 -14.09
CA PRO G 123 -12.39 18.31 -12.83
C PRO G 123 -13.13 16.98 -12.88
N SER G 124 -12.47 15.95 -12.35
CA SER G 124 -13.00 14.61 -12.34
C SER G 124 -14.14 14.54 -11.34
N PHE G 125 -15.37 14.56 -11.83
CA PHE G 125 -16.53 14.56 -10.96
C PHE G 125 -16.73 13.15 -10.39
N ASP G 126 -16.53 13.01 -9.10
CA ASP G 126 -16.78 11.76 -8.40
C ASP G 126 -17.76 12.07 -7.27
N ALA G 127 -19.01 11.67 -7.43
CA ALA G 127 -20.06 12.04 -6.49
C ALA G 127 -20.09 11.16 -5.25
N THR G 128 -19.03 10.41 -4.98
CA THR G 128 -18.87 9.69 -3.72
C THR G 128 -17.75 10.28 -2.87
N SER G 129 -17.54 11.59 -2.95
CA SER G 129 -16.46 12.22 -2.23
C SER G 129 -16.88 13.61 -1.81
N ASN G 130 -16.15 14.18 -0.85
CA ASN G 130 -16.39 15.52 -0.34
C ASN G 130 -15.28 16.48 -0.75
N ASP G 131 -14.52 16.12 -1.77
CA ASP G 131 -13.33 16.81 -2.25
C ASP G 131 -13.76 18.05 -3.07
N ILE G 132 -12.78 18.89 -3.45
CA ILE G 132 -13.07 20.14 -4.15
C ILE G 132 -12.69 20.04 -5.63
N ALA G 133 -13.44 20.72 -6.48
CA ALA G 133 -13.25 20.59 -7.91
C ALA G 133 -11.99 21.32 -8.36
N VAL G 134 -11.01 20.57 -8.87
CA VAL G 134 -9.72 21.10 -9.30
C VAL G 134 -9.50 20.76 -10.76
N GLN G 135 -8.98 21.72 -11.52
CA GLN G 135 -8.79 21.54 -12.95
C GLN G 135 -7.33 21.81 -13.32
N GLU G 136 -6.66 20.82 -13.89
CA GLU G 136 -5.30 21.03 -14.37
C GLU G 136 -5.31 21.85 -15.64
N ILE G 137 -4.15 22.37 -15.99
CA ILE G 137 -3.88 22.93 -17.31
C ILE G 137 -2.41 22.72 -17.60
N THR G 138 -2.09 22.32 -18.81
CA THR G 138 -0.74 21.89 -19.17
C THR G 138 -0.15 22.91 -20.14
N LEU G 139 0.66 23.83 -19.64
CA LEU G 139 1.36 24.75 -20.50
C LEU G 139 2.55 24.06 -21.14
N MET G 140 3.15 24.72 -22.12
CA MET G 140 4.38 24.25 -22.73
C MET G 140 5.13 25.46 -23.22
N ALA G 141 6.38 25.62 -22.79
CA ALA G 141 7.10 26.84 -23.11
C ALA G 141 8.59 26.56 -23.18
N ASP G 142 9.33 27.61 -23.50
CA ASP G 142 10.77 27.56 -23.63
C ASP G 142 11.43 28.56 -22.69
N ARG G 143 12.73 28.31 -22.45
CA ARG G 143 13.65 29.23 -21.78
C ARG G 143 13.19 29.57 -20.35
N VAL G 144 13.21 28.55 -19.51
CA VAL G 144 12.95 28.71 -18.08
C VAL G 144 14.28 29.00 -17.40
N ILE G 145 14.40 30.18 -16.79
CA ILE G 145 15.58 30.55 -16.02
C ILE G 145 15.16 30.97 -14.63
N MET G 146 16.07 30.81 -13.68
CA MET G 146 15.84 31.18 -12.29
C MET G 146 16.54 32.48 -11.98
N GLN G 147 15.87 33.37 -11.27
CA GLN G 147 16.46 34.63 -10.85
C GLN G 147 16.81 34.55 -9.37
N ALA G 148 17.22 35.69 -8.82
CA ALA G 148 17.54 35.78 -7.40
C ALA G 148 17.23 37.18 -6.87
N ALA H 9 36.41 -7.47 18.24
CA ALA H 9 36.00 -6.35 17.40
C ALA H 9 34.81 -6.72 16.53
N VAL H 10 33.79 -5.88 16.52
CA VAL H 10 32.59 -6.16 15.75
C VAL H 10 32.47 -5.26 14.52
N GLU H 11 32.81 -3.97 14.67
CA GLU H 11 32.95 -3.01 13.59
C GLU H 11 31.66 -2.85 12.78
N TYR H 12 30.67 -2.26 13.43
CA TYR H 12 29.37 -1.98 12.82
C TYR H 12 29.52 -1.08 11.59
N PRO H 13 28.66 -1.24 10.59
CA PRO H 13 28.72 -0.36 9.43
C PRO H 13 28.25 1.04 9.75
N ILE H 14 28.87 2.01 9.09
CA ILE H 14 28.60 3.41 9.36
C ILE H 14 27.27 3.84 8.75
N PRO H 15 26.47 4.64 9.43
CA PRO H 15 25.19 5.07 8.87
C PRO H 15 25.38 6.11 7.78
N VAL H 16 24.27 6.39 7.08
CA VAL H 16 24.35 7.18 5.87
C VAL H 16 24.06 8.65 6.10
N TYR H 17 23.74 9.06 7.32
CA TYR H 17 23.37 10.46 7.50
C TYR H 17 24.56 11.38 7.58
N ARG H 18 25.76 10.86 7.81
CA ARG H 18 26.94 11.70 7.89
C ARG H 18 27.77 11.52 6.63
N PHE H 19 27.79 12.55 5.79
CA PHE H 19 28.67 12.57 4.63
C PHE H 19 28.91 14.03 4.25
N ILE H 20 29.96 14.24 3.48
CA ILE H 20 30.34 15.56 2.98
C ILE H 20 30.36 15.49 1.47
N VAL H 21 29.71 16.44 0.81
CA VAL H 21 29.78 16.55 -0.65
C VAL H 21 30.42 17.89 -0.97
N SER H 22 31.56 17.86 -1.63
CA SER H 22 32.30 19.05 -2.01
C SER H 22 32.33 19.15 -3.53
N VAL H 23 31.54 20.06 -4.07
CA VAL H 23 31.45 20.29 -5.51
C VAL H 23 32.48 21.33 -5.89
N GLY H 24 33.39 20.97 -6.78
CA GLY H 24 34.43 21.89 -7.19
C GLY H 24 35.42 22.14 -6.08
N ASP H 25 35.37 23.34 -5.50
CA ASP H 25 36.23 23.70 -4.38
C ASP H 25 35.47 24.12 -3.13
N GLU H 26 34.16 24.33 -3.21
CA GLU H 26 33.37 24.78 -2.07
C GLU H 26 32.46 23.65 -1.60
N LYS H 27 32.31 23.53 -0.29
CA LYS H 27 31.40 22.54 0.28
C LYS H 27 30.00 23.11 0.39
N ILE H 28 29.01 22.35 -0.06
CA ILE H 28 27.63 22.82 -0.07
C ILE H 28 26.70 21.75 0.51
N PRO H 29 25.67 22.14 1.26
CA PRO H 29 24.81 21.14 1.90
C PRO H 29 23.81 20.49 0.97
N PHE H 30 24.00 19.19 0.70
CA PHE H 30 23.08 18.43 -0.12
C PHE H 30 22.22 17.53 0.75
N ASN H 31 20.95 17.42 0.38
CA ASN H 31 20.02 16.61 1.16
C ASN H 31 20.18 15.13 0.87
N SER H 32 20.59 14.80 -0.35
CA SER H 32 20.67 13.41 -0.78
C SER H 32 21.56 13.30 -2.00
N VAL H 33 22.30 12.19 -2.07
CA VAL H 33 23.09 11.83 -3.25
C VAL H 33 22.79 10.39 -3.57
N SER H 34 22.42 10.11 -4.82
CA SER H 34 22.03 8.77 -5.21
C SER H 34 22.90 8.30 -6.36
N GLY H 35 22.76 7.01 -6.70
CA GLY H 35 23.46 6.44 -7.82
C GLY H 35 24.95 6.23 -7.61
N LEU H 36 25.74 6.85 -8.48
CA LEU H 36 27.20 6.79 -8.54
C LEU H 36 27.72 5.35 -8.47
N ASP H 37 27.36 4.58 -9.49
CA ASP H 37 27.71 3.17 -9.57
C ASP H 37 28.73 2.94 -10.68
N ILE H 38 29.77 2.16 -10.38
CA ILE H 38 30.61 1.63 -11.42
C ILE H 38 29.87 0.49 -12.10
N SER H 39 29.81 0.53 -13.42
CA SER H 39 29.07 -0.52 -14.12
C SER H 39 29.82 -0.94 -15.36
N TYR H 40 29.58 -2.17 -15.79
CA TYR H 40 30.20 -2.71 -16.99
C TYR H 40 29.20 -3.57 -17.74
N ASP H 41 29.42 -3.70 -19.03
CA ASP H 41 28.62 -4.59 -19.86
C ASP H 41 29.35 -5.91 -20.01
N THR H 42 28.60 -6.96 -20.34
CA THR H 42 29.17 -8.28 -20.50
C THR H 42 29.12 -8.69 -21.97
N ILE H 43 30.13 -9.46 -22.37
CA ILE H 43 30.28 -9.92 -23.74
C ILE H 43 30.31 -11.44 -23.71
N GLU H 44 29.42 -12.07 -24.47
CA GLU H 44 29.35 -13.52 -24.52
C GLU H 44 29.69 -13.99 -25.92
N TYR H 45 30.47 -15.06 -25.99
CA TYR H 45 30.84 -15.69 -27.25
C TYR H 45 30.64 -17.18 -27.10
N ARG H 46 29.47 -17.69 -27.47
CA ARG H 46 29.14 -19.09 -27.30
C ARG H 46 29.84 -19.86 -28.44
N ASP H 47 30.64 -20.84 -28.06
CA ASP H 47 31.36 -21.62 -29.06
C ASP H 47 30.47 -22.64 -29.72
N GLY H 48 30.97 -23.24 -30.79
CA GLY H 48 30.28 -24.37 -31.39
C GLY H 48 30.55 -25.65 -30.62
N VAL H 49 31.74 -25.77 -30.05
CA VAL H 49 32.12 -26.99 -29.32
C VAL H 49 31.38 -27.08 -27.98
N GLY H 50 31.17 -25.95 -27.32
CA GLY H 50 30.32 -25.96 -26.15
C GLY H 50 30.74 -25.08 -24.99
N ASN H 51 31.97 -24.60 -24.98
CA ASN H 51 32.40 -23.79 -23.85
C ASN H 51 31.93 -22.35 -24.01
N TRP H 52 31.96 -21.62 -22.91
CA TRP H 52 31.36 -20.30 -22.80
C TRP H 52 32.41 -19.29 -22.37
N PHE H 53 32.38 -18.11 -22.97
CA PHE H 53 33.32 -17.05 -22.67
C PHE H 53 32.54 -15.84 -22.16
N LYS H 54 32.74 -15.48 -20.90
CA LYS H 54 32.07 -14.34 -20.29
C LYS H 54 33.11 -13.33 -19.85
N MET H 55 33.18 -12.20 -20.54
CA MET H 55 34.14 -11.14 -20.26
C MET H 55 33.41 -9.84 -20.02
N PRO H 56 33.96 -8.94 -19.21
CA PRO H 56 33.34 -7.63 -19.06
C PRO H 56 33.75 -6.67 -20.16
N GLY H 57 32.78 -6.04 -20.80
CA GLY H 57 33.04 -5.25 -21.98
C GLY H 57 33.23 -3.76 -21.76
N GLN H 58 32.48 -2.95 -22.50
CA GLN H 58 32.65 -1.51 -22.44
C GLN H 58 32.07 -0.97 -21.14
N SER H 59 32.68 0.10 -20.64
CA SER H 59 32.21 0.70 -19.39
C SER H 59 30.91 1.45 -19.62
N GLN H 60 29.89 1.11 -18.84
CA GLN H 60 28.61 1.77 -18.94
C GLN H 60 28.70 3.16 -18.33
N SER H 61 27.84 4.06 -18.80
CA SER H 61 27.90 5.46 -18.37
C SER H 61 27.41 5.61 -16.94
N THR H 62 27.91 6.66 -16.29
CA THR H 62 27.65 6.90 -14.87
C THR H 62 26.74 8.13 -14.74
N ASN H 63 25.66 7.98 -13.98
CA ASN H 63 24.64 9.01 -13.84
C ASN H 63 24.37 9.25 -12.38
N ILE H 64 24.38 10.52 -11.96
CA ILE H 64 24.25 10.89 -10.55
C ILE H 64 23.14 11.92 -10.44
N THR H 65 22.14 11.65 -9.61
CA THR H 65 21.05 12.58 -9.34
C THR H 65 21.07 12.91 -7.86
N LEU H 66 21.43 14.14 -7.52
CA LEU H 66 21.58 14.54 -6.13
C LEU H 66 20.73 15.77 -5.83
N ARG H 67 20.11 15.78 -4.66
CA ARG H 67 19.10 16.78 -4.31
C ARG H 67 19.74 17.88 -3.47
N LYS H 68 18.93 18.87 -3.13
CA LYS H 68 19.35 20.02 -2.33
C LYS H 68 18.11 20.79 -1.92
N GLY H 69 18.06 21.25 -0.68
CA GLY H 69 17.01 22.16 -0.29
C GLY H 69 17.22 23.53 -0.88
N VAL H 70 16.12 24.23 -1.16
CA VAL H 70 16.19 25.57 -1.72
C VAL H 70 16.55 26.55 -0.62
N PHE H 71 17.62 27.30 -0.82
CA PHE H 71 18.09 28.20 0.23
C PHE H 71 17.87 29.65 -0.18
N PRO H 72 17.49 30.52 0.76
CA PRO H 72 17.10 31.88 0.38
C PRO H 72 18.26 32.76 -0.05
N GLY H 73 18.36 33.03 -1.35
CA GLY H 73 19.35 33.94 -1.88
C GLY H 73 20.66 33.32 -2.27
N LYS H 74 20.78 32.00 -2.27
CA LYS H 74 22.01 31.31 -2.65
C LYS H 74 21.75 30.51 -3.92
N THR H 75 22.39 30.90 -5.01
CA THR H 75 22.26 30.21 -6.29
C THR H 75 23.61 29.57 -6.63
N GLU H 76 23.78 28.32 -6.23
CA GLU H 76 24.94 27.56 -6.67
C GLU H 76 24.62 26.70 -7.88
N LEU H 77 23.50 25.98 -7.84
CA LEU H 77 23.22 24.98 -8.86
C LEU H 77 22.76 25.60 -10.16
N PHE H 78 22.12 26.77 -10.09
CA PHE H 78 21.65 27.38 -11.34
C PHE H 78 22.79 28.03 -12.10
N ASP H 79 23.72 28.67 -11.40
CA ASP H 79 24.83 29.34 -12.09
C ASP H 79 25.80 28.34 -12.69
N TRP H 80 25.73 27.08 -12.26
CA TRP H 80 26.43 26.00 -12.95
C TRP H 80 25.75 25.70 -14.28
N ILE H 81 24.45 25.42 -14.26
CA ILE H 81 23.76 24.97 -15.47
C ILE H 81 23.42 26.13 -16.41
N ASN H 82 23.51 27.38 -15.94
CA ASN H 82 23.23 28.50 -16.82
C ASN H 82 24.38 28.73 -17.79
N SER H 83 25.58 28.29 -17.44
CA SER H 83 26.75 28.50 -18.27
C SER H 83 26.82 27.55 -19.46
N ILE H 84 25.86 26.64 -19.61
CA ILE H 84 25.86 25.74 -20.74
C ILE H 84 25.46 26.50 -21.99
N GLN H 85 26.43 26.82 -22.84
CA GLN H 85 26.19 27.09 -24.24
C GLN H 85 26.66 25.84 -24.95
N LEU H 86 26.66 25.87 -26.29
CA LEU H 86 26.38 24.76 -27.24
C LEU H 86 26.92 23.42 -26.74
N ASN H 87 28.20 23.30 -26.38
CA ASN H 87 28.67 22.18 -25.58
C ASN H 87 29.72 22.58 -24.56
N GLN H 88 30.05 23.86 -24.47
CA GLN H 88 31.14 24.31 -23.61
C GLN H 88 30.60 24.62 -22.21
N VAL H 89 30.72 23.65 -21.32
CA VAL H 89 30.34 23.81 -19.91
C VAL H 89 31.56 23.51 -19.06
N GLU H 90 31.77 24.31 -18.01
CA GLU H 90 32.83 24.01 -17.08
C GLU H 90 32.52 22.73 -16.31
N LYS H 91 33.54 21.90 -16.12
CA LYS H 91 33.40 20.63 -15.44
C LYS H 91 34.24 20.66 -14.17
N LYS H 92 33.68 20.12 -13.09
CA LYS H 92 34.35 20.17 -11.80
C LYS H 92 34.13 18.87 -11.05
N ASP H 93 35.12 18.50 -10.25
CA ASP H 93 35.10 17.21 -9.57
C ASP H 93 34.18 17.23 -8.37
N ILE H 94 33.55 16.09 -8.11
CA ILE H 94 32.66 15.91 -6.96
C ILE H 94 33.28 14.85 -6.07
N THR H 95 33.43 15.15 -4.78
CA THR H 95 33.95 14.19 -3.83
C THR H 95 32.90 13.95 -2.75
N ILE H 96 32.29 12.77 -2.75
CA ILE H 96 31.36 12.37 -1.72
C ILE H 96 32.10 11.45 -0.77
N SER H 97 32.07 11.76 0.52
CA SER H 97 32.86 10.99 1.48
C SER H 97 32.14 10.89 2.81
N LEU H 98 32.16 9.70 3.39
CA LEU H 98 31.56 9.45 4.69
C LEU H 98 32.57 9.75 5.78
N THR H 99 32.09 10.25 6.91
CA THR H 99 32.94 10.60 8.04
C THR H 99 32.61 9.76 9.25
N ASN H 100 33.36 9.97 10.32
CA ASN H 100 32.89 9.65 11.65
C ASN H 100 32.25 10.89 12.25
N ASP H 101 31.41 10.69 13.27
CA ASP H 101 30.55 11.77 13.74
C ASP H 101 31.28 12.87 14.49
N ALA H 102 32.56 12.67 14.80
CA ALA H 102 33.36 13.80 15.27
C ALA H 102 33.57 14.83 14.17
N GLY H 103 33.58 14.38 12.92
CA GLY H 103 33.70 15.28 11.79
C GLY H 103 35.11 15.49 11.29
N THR H 104 36.10 14.82 11.88
CA THR H 104 37.49 15.08 11.52
C THR H 104 37.91 14.22 10.34
N GLU H 105 37.76 12.90 10.45
CA GLU H 105 38.31 11.97 9.48
C GLU H 105 37.35 11.74 8.32
N LEU H 106 37.88 11.17 7.25
CA LEU H 106 37.10 10.64 6.15
C LEU H 106 37.33 9.14 6.09
N LEU H 107 36.28 8.37 6.32
CA LEU H 107 36.43 6.93 6.36
C LEU H 107 36.52 6.34 4.95
N MET H 108 35.53 6.61 4.11
CA MET H 108 35.50 6.09 2.76
C MET H 108 35.08 7.19 1.80
N THR H 109 35.87 7.38 0.74
CA THR H 109 35.74 8.55 -0.12
C THR H 109 35.52 8.12 -1.56
N TRP H 110 34.43 8.58 -2.16
CA TRP H 110 34.24 8.52 -3.60
C TRP H 110 34.64 9.84 -4.19
N ASN H 111 35.27 9.83 -5.36
CA ASN H 111 35.41 11.04 -6.15
C ASN H 111 34.86 10.81 -7.54
N VAL H 112 34.18 11.81 -8.07
CA VAL H 112 33.55 11.76 -9.37
C VAL H 112 34.22 12.81 -10.24
N SER H 113 34.95 12.37 -11.26
CA SER H 113 35.81 13.26 -12.03
C SER H 113 35.09 13.78 -13.26
N ASN H 114 35.25 15.09 -13.50
CA ASN H 114 34.72 15.80 -14.66
C ASN H 114 33.20 15.66 -14.77
N ALA H 115 32.51 16.24 -13.80
CA ALA H 115 31.05 16.23 -13.76
C ALA H 115 30.50 17.52 -14.34
N PHE H 116 29.45 17.39 -15.13
CA PHE H 116 28.72 18.52 -15.69
C PHE H 116 27.23 18.22 -15.56
N PRO H 117 26.43 19.22 -15.25
CA PRO H 117 25.02 18.93 -14.99
C PRO H 117 24.18 18.94 -16.24
N THR H 118 23.48 17.84 -16.51
CA THR H 118 22.52 17.83 -17.60
C THR H 118 21.28 18.62 -17.24
N SER H 119 20.59 18.22 -16.17
CA SER H 119 19.29 18.78 -15.85
C SER H 119 19.19 19.05 -14.36
N LEU H 120 18.42 20.09 -14.01
CA LEU H 120 17.98 20.27 -12.63
C LEU H 120 16.49 20.53 -12.63
N THR H 121 15.81 19.90 -11.69
CA THR H 121 14.37 19.99 -11.57
C THR H 121 14.02 20.95 -10.46
N SER H 122 13.27 22.01 -10.79
CA SER H 122 12.82 22.97 -9.81
C SER H 122 11.84 22.31 -8.84
N PRO H 123 11.72 22.84 -7.61
CA PRO H 123 10.89 22.15 -6.60
C PRO H 123 9.42 22.12 -6.95
N SER H 124 8.84 20.94 -6.77
CA SER H 124 7.44 20.70 -7.08
C SER H 124 6.57 21.43 -6.06
N PHE H 125 6.02 22.59 -6.45
CA PHE H 125 5.22 23.38 -5.54
C PHE H 125 3.87 22.73 -5.37
N ASP H 126 3.60 22.24 -4.16
CA ASP H 126 2.30 21.69 -3.81
C ASP H 126 1.83 22.44 -2.58
N ALA H 127 0.85 23.33 -2.77
CA ALA H 127 0.41 24.21 -1.69
C ALA H 127 -0.57 23.56 -0.74
N THR H 128 -0.67 22.23 -0.74
CA THR H 128 -1.43 21.48 0.26
C THR H 128 -0.50 20.67 1.17
N SER H 129 0.70 21.16 1.43
CA SER H 129 1.67 20.43 2.22
C SER H 129 2.51 21.40 3.03
N ASN H 130 3.17 20.87 4.05
CA ASN H 130 4.05 21.65 4.92
C ASN H 130 5.51 21.28 4.71
N ASP H 131 5.82 20.67 3.58
CA ASP H 131 7.12 20.10 3.22
C ASP H 131 8.06 21.25 2.81
N ILE H 132 9.35 20.93 2.60
CA ILE H 132 10.37 21.94 2.27
C ILE H 132 10.76 21.86 0.81
N ALA H 133 11.09 23.00 0.22
CA ALA H 133 11.36 23.06 -1.21
C ALA H 133 12.72 22.45 -1.51
N VAL H 134 12.72 21.35 -2.27
CA VAL H 134 13.94 20.62 -2.62
C VAL H 134 14.07 20.55 -4.14
N GLN H 135 15.27 20.75 -4.65
CA GLN H 135 15.51 20.77 -6.09
C GLN H 135 16.59 19.76 -6.45
N GLU H 136 16.23 18.80 -7.30
CA GLU H 136 17.22 17.86 -7.80
C GLU H 136 18.14 18.53 -8.80
N ILE H 137 19.26 17.88 -9.08
CA ILE H 137 20.12 18.20 -10.21
C ILE H 137 20.80 16.90 -10.64
N THR H 138 20.88 16.67 -11.94
CA THR H 138 21.32 15.40 -12.48
C THR H 138 22.65 15.61 -13.18
N LEU H 139 23.74 15.29 -12.50
CA LEU H 139 25.04 15.33 -13.14
C LEU H 139 25.24 14.10 -14.00
N MET H 140 26.29 14.13 -14.81
CA MET H 140 26.69 12.97 -15.61
C MET H 140 28.19 13.05 -15.80
N ALA H 141 28.89 11.99 -15.41
CA ALA H 141 30.34 12.05 -15.44
C ALA H 141 30.93 10.69 -15.68
N ASP H 142 32.24 10.65 -15.76
CA ASP H 142 33.01 9.43 -15.99
C ASP H 142 34.00 9.20 -14.87
N ARG H 143 34.45 7.93 -14.77
CA ARG H 143 35.57 7.50 -13.94
C ARG H 143 35.33 7.77 -12.46
N VAL H 144 34.33 7.08 -11.93
CA VAL H 144 34.05 7.10 -10.50
C VAL H 144 34.87 5.99 -9.84
N ILE H 145 35.78 6.36 -8.94
CA ILE H 145 36.56 5.39 -8.19
C ILE H 145 36.41 5.69 -6.71
N MET H 146 36.60 4.66 -5.89
CA MET H 146 36.50 4.77 -4.44
C MET H 146 37.90 4.77 -3.84
N GLN H 147 38.12 5.64 -2.87
CA GLN H 147 39.39 5.69 -2.17
C GLN H 147 39.24 5.06 -0.79
N ALA H 148 40.28 5.18 0.01
CA ALA H 148 40.25 4.69 1.38
C ALA H 148 41.13 5.54 2.28
N ALA I 9 9.85 -37.99 13.16
CA ALA I 9 10.72 -36.91 12.68
C ALA I 9 9.93 -35.93 11.84
N VAL I 10 10.09 -34.64 12.11
CA VAL I 10 9.35 -33.62 11.37
C VAL I 10 10.27 -32.82 10.44
N GLU I 11 11.47 -32.49 10.91
CA GLU I 11 12.57 -31.91 10.12
C GLU I 11 12.16 -30.58 9.46
N TYR I 12 11.98 -29.59 10.32
CA TYR I 12 11.64 -28.24 9.89
C TYR I 12 12.70 -27.67 8.94
N PRO I 13 12.30 -26.82 7.99
CA PRO I 13 13.29 -26.21 7.11
C PRO I 13 14.12 -25.17 7.82
N ILE I 14 15.38 -25.06 7.41
CA ILE I 14 16.34 -24.18 8.07
C ILE I 14 16.08 -22.74 7.67
N PRO I 15 16.18 -21.79 8.60
CA PRO I 15 15.95 -20.39 8.26
C PRO I 15 17.12 -19.81 7.48
N VAL I 16 16.90 -18.60 6.95
CA VAL I 16 17.83 -18.04 6.00
C VAL I 16 18.83 -17.09 6.63
N TYR I 17 18.77 -16.86 7.94
CA TYR I 17 19.67 -15.89 8.51
C TYR I 17 21.07 -16.44 8.75
N ARG I 18 21.24 -17.75 8.76
CA ARG I 18 22.54 -18.35 8.99
C ARG I 18 23.08 -18.88 7.67
N PHE I 19 24.09 -18.22 7.14
CA PHE I 19 24.82 -18.72 5.98
C PHE I 19 26.22 -18.12 5.99
N ILE I 20 27.10 -18.75 5.22
CA ILE I 20 28.48 -18.30 5.09
C ILE I 20 28.73 -18.05 3.62
N VAL I 21 29.28 -16.90 3.28
CA VAL I 21 29.71 -16.62 1.90
C VAL I 21 31.21 -16.42 1.91
N SER I 22 31.92 -17.27 1.19
CA SER I 22 33.37 -17.21 1.09
C SER I 22 33.76 -16.89 -0.33
N VAL I 23 34.19 -15.65 -0.56
CA VAL I 23 34.61 -15.18 -1.87
C VAL I 23 36.09 -15.46 -2.02
N GLY I 24 36.45 -16.23 -3.04
CA GLY I 24 37.84 -16.57 -3.26
C GLY I 24 38.37 -17.49 -2.18
N ASP I 25 39.21 -16.95 -1.30
CA ASP I 25 39.75 -17.72 -0.19
C ASP I 25 39.45 -17.12 1.18
N GLU I 26 38.94 -15.89 1.25
CA GLU I 26 38.66 -15.23 2.51
C GLU I 26 37.16 -15.12 2.72
N LYS I 27 36.72 -15.30 3.95
CA LYS I 27 35.31 -15.16 4.30
C LYS I 27 35.01 -13.71 4.65
N ILE I 28 33.94 -13.17 4.07
CA ILE I 28 33.58 -11.76 4.28
C ILE I 28 32.11 -11.64 4.62
N PRO I 29 31.72 -10.72 5.50
CA PRO I 29 30.31 -10.62 5.91
C PRO I 29 29.42 -9.94 4.89
N PHE I 30 28.52 -10.69 4.29
CA PHE I 30 27.55 -10.14 3.34
C PHE I 30 26.19 -10.03 4.00
N ASN I 31 25.48 -8.95 3.70
CA ASN I 31 24.17 -8.73 4.29
C ASN I 31 23.10 -9.55 3.60
N SER I 32 23.28 -9.82 2.30
CA SER I 32 22.26 -10.49 1.52
C SER I 32 22.88 -11.07 0.26
N VAL I 33 22.39 -12.22 -0.16
CA VAL I 33 22.74 -12.83 -1.43
C VAL I 33 21.46 -13.25 -2.12
N SER I 34 21.27 -12.84 -3.37
CA SER I 34 20.04 -13.09 -4.08
C SER I 34 20.34 -13.84 -5.37
N GLY I 35 19.27 -14.31 -6.02
CA GLY I 35 19.39 -14.96 -7.30
C GLY I 35 19.99 -16.36 -7.25
N LEU I 36 21.09 -16.54 -7.98
CA LEU I 36 21.83 -17.80 -8.14
C LEU I 36 20.90 -18.97 -8.49
N ASP I 37 20.28 -18.85 -9.66
CA ASP I 37 19.33 -19.83 -10.14
C ASP I 37 19.90 -20.59 -11.33
N ILE I 38 19.75 -21.91 -11.32
CA ILE I 38 19.97 -22.68 -12.53
C ILE I 38 18.77 -22.49 -13.43
N SER I 39 19.03 -22.17 -14.70
CA SER I 39 17.91 -21.94 -15.59
C SER I 39 18.20 -22.53 -16.95
N TYR I 40 17.14 -22.87 -17.67
CA TYR I 40 17.27 -23.42 -19.01
C TYR I 40 16.17 -22.86 -19.89
N ASP I 41 16.43 -22.85 -21.18
CA ASP I 41 15.43 -22.47 -22.17
C ASP I 41 14.76 -23.72 -22.72
N THR I 42 13.57 -23.55 -23.26
CA THR I 42 12.81 -24.65 -23.82
C THR I 42 12.74 -24.54 -25.33
N ILE I 43 12.73 -25.70 -26.00
CA ILE I 43 12.68 -25.79 -27.44
C ILE I 43 11.44 -26.57 -27.82
N GLU I 44 10.61 -26.00 -28.67
CA GLU I 44 9.38 -26.66 -29.10
C GLU I 44 9.44 -26.90 -30.60
N TYR I 45 9.00 -28.08 -31.00
CA TYR I 45 8.93 -28.46 -32.40
C TYR I 45 7.56 -29.07 -32.64
N ARG I 46 6.59 -28.26 -33.06
CA ARG I 46 5.23 -28.73 -33.26
C ARG I 46 5.19 -29.47 -34.60
N ASP I 47 4.75 -30.72 -34.55
CA ASP I 47 4.69 -31.53 -35.76
C ASP I 47 3.50 -31.15 -36.62
N GLY I 48 3.48 -31.66 -37.84
CA GLY I 48 2.29 -31.54 -38.67
C GLY I 48 1.24 -32.55 -38.30
N VAL I 49 1.67 -33.73 -37.86
CA VAL I 49 0.73 -34.80 -37.51
C VAL I 49 0.00 -34.49 -36.21
N GLY I 50 0.69 -33.87 -35.24
CA GLY I 50 0.00 -33.39 -34.07
C GLY I 50 0.72 -33.54 -32.75
N ASN I 51 1.78 -34.34 -32.68
CA ASN I 51 2.45 -34.51 -31.41
C ASN I 51 3.40 -33.35 -31.15
N TRP I 52 3.82 -33.24 -29.90
CA TRP I 52 4.55 -32.09 -29.39
C TRP I 52 5.86 -32.55 -28.78
N PHE I 53 6.93 -31.82 -29.04
CA PHE I 53 8.26 -32.14 -28.52
C PHE I 53 8.72 -30.98 -27.66
N LYS I 54 8.89 -31.20 -26.36
CA LYS I 54 9.35 -30.18 -25.43
C LYS I 54 10.65 -30.65 -24.80
N MET I 55 11.75 -30.00 -25.17
CA MET I 55 13.08 -30.34 -24.67
C MET I 55 13.70 -29.11 -24.04
N PRO I 56 14.59 -29.28 -23.06
CA PRO I 56 15.31 -28.13 -22.52
C PRO I 56 16.53 -27.78 -23.35
N GLY I 57 16.65 -26.51 -23.73
CA GLY I 57 17.67 -26.11 -24.68
C GLY I 57 18.94 -25.56 -24.07
N GLN I 58 19.36 -24.38 -24.52
CA GLN I 58 20.63 -23.81 -24.09
C GLN I 58 20.50 -23.30 -22.65
N SER I 59 21.61 -23.38 -21.92
CA SER I 59 21.62 -22.93 -20.53
C SER I 59 21.58 -21.42 -20.47
N GLN I 60 20.60 -20.89 -19.74
CA GLN I 60 20.47 -19.45 -19.57
C GLN I 60 21.55 -18.95 -18.62
N SER I 61 21.92 -17.68 -18.77
CA SER I 61 23.01 -17.11 -17.99
C SER I 61 22.60 -16.91 -16.54
N THR I 62 23.60 -16.93 -15.67
CA THR I 62 23.39 -16.86 -14.23
C THR I 62 23.88 -15.51 -13.71
N ASN I 63 23.03 -14.83 -12.94
CA ASN I 63 23.31 -13.48 -12.48
C ASN I 63 23.07 -13.41 -10.98
N ILE I 64 24.04 -12.87 -10.24
CA ILE I 64 24.00 -12.84 -8.79
C ILE I 64 24.24 -11.42 -8.32
N THR I 65 23.31 -10.88 -7.53
CA THR I 65 23.44 -9.55 -6.95
C THR I 65 23.44 -9.68 -5.44
N LEU I 66 24.58 -9.45 -4.81
CA LEU I 66 24.72 -9.65 -3.38
C LEU I 66 25.22 -8.37 -2.71
N ARG I 67 24.66 -8.06 -1.54
CA ARG I 67 24.87 -6.79 -0.87
C ARG I 67 25.96 -6.94 0.19
N LYS I 68 26.28 -5.83 0.85
CA LYS I 68 27.29 -5.76 1.89
C LYS I 68 27.19 -4.41 2.56
N GLY I 69 27.29 -4.38 3.89
CA GLY I 69 27.40 -3.11 4.58
C GLY I 69 28.76 -2.48 4.37
N VAL I 70 28.79 -1.16 4.35
CA VAL I 70 30.04 -0.44 4.17
C VAL I 70 30.82 -0.45 5.47
N PHE I 71 32.06 -0.94 5.42
CA PHE I 71 32.83 -1.09 6.64
C PHE I 71 33.99 -0.11 6.65
N PRO I 72 34.33 0.47 7.80
CA PRO I 72 35.32 1.55 7.84
C PRO I 72 36.75 1.11 7.58
N GLY I 73 37.25 1.42 6.39
CA GLY I 73 38.64 1.14 6.07
C GLY I 73 38.92 -0.20 5.43
N LYS I 74 37.89 -0.96 5.08
CA LYS I 74 38.06 -2.27 4.44
C LYS I 74 37.51 -2.21 3.03
N THR I 75 38.38 -2.32 2.04
CA THR I 75 37.99 -2.31 0.64
C THR I 75 38.26 -3.69 0.06
N GLU I 76 37.24 -4.55 0.08
CA GLU I 76 37.32 -5.82 -0.61
C GLU I 76 36.67 -5.75 -1.99
N LEU I 77 35.47 -5.18 -2.07
CA LEU I 77 34.70 -5.25 -3.30
C LEU I 77 35.22 -4.28 -4.35
N PHE I 78 35.83 -3.17 -3.93
CA PHE I 78 36.31 -2.23 -4.93
C PHE I 78 37.60 -2.70 -5.57
N ASP I 79 38.51 -3.31 -4.79
CA ASP I 79 39.77 -3.77 -5.33
C ASP I 79 39.59 -4.98 -6.25
N TRP I 80 38.44 -5.63 -6.17
CA TRP I 80 38.05 -6.61 -7.17
C TRP I 80 37.70 -5.94 -8.49
N ILE I 81 36.77 -4.99 -8.46
CA ILE I 81 36.27 -4.40 -9.69
C ILE I 81 37.22 -3.34 -10.26
N ASN I 82 38.20 -2.89 -9.47
CA ASN I 82 39.15 -1.91 -10.01
C ASN I 82 40.14 -2.57 -10.96
N SER I 83 40.35 -3.88 -10.81
CA SER I 83 41.32 -4.58 -11.63
C SER I 83 40.80 -4.89 -13.03
N ILE I 84 39.57 -4.51 -13.36
CA ILE I 84 39.06 -4.75 -14.69
C ILE I 84 39.70 -3.77 -15.66
N GLN I 85 40.65 -4.27 -16.44
CA GLN I 85 41.00 -3.64 -17.70
C GLN I 85 40.37 -4.54 -18.76
N LEU I 86 40.66 -4.25 -20.03
CA LEU I 86 39.78 -4.39 -21.23
C LEU I 86 38.87 -5.62 -21.13
N ASN I 87 39.39 -6.82 -20.91
CA ASN I 87 38.56 -7.93 -20.47
C ASN I 87 39.26 -8.83 -19.45
N GLN I 88 40.48 -8.49 -19.04
CA GLN I 88 41.27 -9.34 -18.17
C GLN I 88 40.96 -9.01 -16.72
N VAL I 89 40.04 -9.76 -16.11
CA VAL I 89 39.70 -9.63 -14.71
C VAL I 89 39.95 -10.99 -14.04
N GLU I 90 40.51 -10.96 -12.84
CA GLU I 90 40.65 -12.20 -12.08
C GLU I 90 39.28 -12.72 -11.67
N LYS I 91 39.12 -14.04 -11.77
CA LYS I 91 37.86 -14.70 -11.46
C LYS I 91 38.09 -15.63 -10.28
N LYS I 92 37.14 -15.65 -9.35
CA LYS I 92 37.28 -16.45 -8.14
C LYS I 92 35.95 -17.07 -7.77
N ASP I 93 36.02 -18.24 -7.14
CA ASP I 93 34.82 -19.00 -6.84
C ASP I 93 34.11 -18.45 -5.62
N ILE I 94 32.79 -18.56 -5.63
CA ILE I 94 31.95 -18.12 -4.53
C ILE I 94 31.23 -19.34 -4.00
N THR I 95 31.31 -19.58 -2.69
CA THR I 95 30.60 -20.69 -2.06
C THR I 95 29.65 -20.14 -1.02
N ILE I 96 28.35 -20.22 -1.30
CA ILE I 96 27.31 -19.84 -0.35
C ILE I 96 26.77 -21.11 0.26
N SER I 97 26.77 -21.19 1.59
CA SER I 97 26.37 -22.42 2.25
C SER I 97 25.64 -22.13 3.54
N LEU I 98 24.56 -22.86 3.79
CA LEU I 98 23.78 -22.74 5.01
C LEU I 98 24.36 -23.65 6.07
N THR I 99 24.29 -23.21 7.32
CA THR I 99 24.82 -23.98 8.45
C THR I 99 23.71 -24.36 9.41
N ASN I 100 24.09 -25.10 10.44
CA ASN I 100 23.31 -25.12 11.66
C ASN I 100 23.87 -24.08 12.62
N ASP I 101 23.06 -23.67 13.59
CA ASP I 101 23.39 -22.49 14.39
C ASP I 101 24.54 -22.71 15.36
N ALA I 102 25.01 -23.95 15.53
CA ALA I 102 26.27 -24.15 16.23
C ALA I 102 27.44 -23.59 15.43
N GLY I 103 27.33 -23.58 14.11
CA GLY I 103 28.35 -23.01 13.26
C GLY I 103 29.37 -23.99 12.74
N THR I 104 29.23 -25.27 13.07
CA THR I 104 30.26 -26.24 12.70
C THR I 104 30.01 -26.81 11.31
N GLU I 105 28.83 -27.35 11.07
CA GLU I 105 28.54 -28.10 9.85
C GLU I 105 28.06 -27.17 8.74
N LEU I 106 28.09 -27.70 7.52
CA LEU I 106 27.45 -27.09 6.37
C LEU I 106 26.35 -28.02 5.90
N LEU I 107 25.11 -27.57 5.98
CA LEU I 107 24.00 -28.42 5.61
C LEU I 107 23.84 -28.52 4.10
N MET I 108 23.70 -27.38 3.43
CA MET I 108 23.51 -27.36 1.99
C MET I 108 24.38 -26.26 1.40
N THR I 109 25.15 -26.62 0.37
CA THR I 109 26.22 -25.75 -0.13
C THR I 109 26.03 -25.51 -1.61
N TRP I 110 25.93 -24.25 -2.00
CA TRP I 110 26.06 -23.82 -3.38
C TRP I 110 27.48 -23.37 -3.62
N ASN I 111 28.03 -23.69 -4.79
CA ASN I 111 29.26 -23.04 -5.23
C ASN I 111 29.03 -22.42 -6.59
N VAL I 112 29.59 -21.24 -6.79
CA VAL I 112 29.48 -20.48 -8.01
C VAL I 112 30.86 -20.34 -8.61
N SER I 113 31.09 -20.97 -9.75
CA SER I 113 32.43 -21.11 -10.32
C SER I 113 32.71 -19.98 -11.30
N ASN I 114 33.92 -19.42 -11.20
CA ASN I 114 34.45 -18.39 -12.09
C ASN I 114 33.54 -17.16 -12.13
N ALA I 115 33.46 -16.47 -11.00
CA ALA I 115 32.67 -15.27 -10.87
C ALA I 115 33.54 -14.03 -11.04
N PHE I 116 33.02 -13.05 -11.76
CA PHE I 116 33.67 -11.78 -11.95
C PHE I 116 32.60 -10.71 -11.82
N PRO I 117 32.93 -9.57 -11.21
CA PRO I 117 31.89 -8.58 -10.94
C PRO I 117 31.68 -7.62 -12.08
N THR I 118 30.45 -7.53 -12.59
CA THR I 118 30.16 -6.51 -13.58
C THR I 118 30.06 -5.15 -12.93
N SER I 119 29.16 -4.98 -11.97
CA SER I 119 28.87 -3.67 -11.44
C SER I 119 28.74 -3.74 -9.92
N LEU I 120 29.11 -2.64 -9.26
CA LEU I 120 28.77 -2.45 -7.86
C LEU I 120 28.18 -1.07 -7.69
N THR I 121 27.10 -0.99 -6.91
CA THR I 121 26.38 0.24 -6.68
C THR I 121 26.78 0.80 -5.32
N SER I 122 27.30 2.02 -5.32
CA SER I 122 27.67 2.70 -4.08
C SER I 122 26.41 3.00 -3.26
N PRO I 123 26.54 3.12 -1.93
CA PRO I 123 25.34 3.28 -1.09
C PRO I 123 24.59 4.56 -1.35
N SER I 124 23.27 4.44 -1.45
CA SER I 124 22.39 5.56 -1.72
C SER I 124 22.34 6.44 -0.49
N PHE I 125 23.06 7.56 -0.52
CA PHE I 125 23.11 8.45 0.62
C PHE I 125 21.81 9.24 0.71
N ASP I 126 21.03 8.97 1.74
CA ASP I 126 19.81 9.72 2.03
C ASP I 126 19.93 10.26 3.43
N ALA I 127 20.18 11.56 3.56
CA ALA I 127 20.47 12.17 4.85
C ALA I 127 19.21 12.48 5.66
N THR I 128 18.07 11.90 5.32
CA THR I 128 16.86 11.95 6.12
C THR I 128 16.51 10.60 6.71
N SER I 129 17.51 9.78 7.01
CA SER I 129 17.28 8.44 7.52
C SER I 129 18.37 8.06 8.50
N ASN I 130 18.09 7.04 9.30
CA ASN I 130 19.02 6.52 10.28
C ASN I 130 19.55 5.15 9.89
N ASP I 131 19.43 4.79 8.62
CA ASP I 131 19.73 3.49 8.05
C ASP I 131 21.25 3.35 7.88
N ILE I 132 21.72 2.14 7.51
CA ILE I 132 23.16 1.86 7.42
C ILE I 132 23.59 1.79 5.96
N ALA I 133 24.83 2.19 5.68
CA ALA I 133 25.29 2.28 4.30
C ALA I 133 25.58 0.89 3.75
N VAL I 134 24.82 0.47 2.74
CA VAL I 134 24.95 -0.84 2.12
C VAL I 134 25.24 -0.68 0.64
N GLN I 135 26.15 -1.51 0.12
CA GLN I 135 26.58 -1.41 -1.27
C GLN I 135 26.39 -2.75 -1.96
N GLU I 136 25.59 -2.77 -3.02
CA GLU I 136 25.44 -3.98 -3.81
C GLU I 136 26.68 -4.22 -4.65
N ILE I 137 26.80 -5.43 -5.16
CA ILE I 137 27.74 -5.77 -6.23
C ILE I 137 27.12 -6.91 -7.02
N THR I 138 27.22 -6.83 -8.34
CA THR I 138 26.52 -7.75 -9.23
C THR I 138 27.54 -8.62 -9.93
N LEU I 139 27.72 -9.83 -9.44
CA LEU I 139 28.58 -10.78 -10.12
C LEU I 139 27.84 -11.39 -11.30
N MET I 140 28.59 -12.10 -12.13
CA MET I 140 28.00 -12.86 -13.24
C MET I 140 28.91 -14.04 -13.49
N ALA I 141 28.35 -15.25 -13.45
CA ALA I 141 29.18 -16.43 -13.56
C ALA I 141 28.41 -17.57 -14.19
N ASP I 142 29.11 -18.68 -14.36
CA ASP I 142 28.55 -19.87 -14.96
C ASP I 142 28.67 -21.06 -14.02
N ARG I 143 27.86 -22.08 -14.29
CA ARG I 143 27.94 -23.41 -13.69
C ARG I 143 27.75 -23.37 -12.17
N VAL I 144 26.54 -22.98 -11.78
CA VAL I 144 26.12 -23.02 -10.38
C VAL I 144 25.53 -24.39 -10.10
N ILE I 145 26.15 -25.15 -9.20
CA ILE I 145 25.63 -26.45 -8.79
C ILE I 145 25.50 -26.47 -7.27
N MET I 146 24.59 -27.29 -6.77
CA MET I 146 24.35 -27.44 -5.35
C MET I 146 24.99 -28.74 -4.86
N GLN I 147 25.64 -28.68 -3.71
CA GLN I 147 26.22 -29.86 -3.11
C GLN I 147 25.35 -30.32 -1.94
N ALA I 148 25.85 -31.30 -1.20
CA ALA I 148 25.17 -31.79 -0.01
C ALA I 148 26.16 -32.28 1.02
N ALA J 9 -28.46 -29.97 1.80
CA ALA J 9 -27.01 -30.07 1.57
C ALA J 9 -26.47 -28.75 1.07
N VAL J 10 -25.38 -28.28 1.67
CA VAL J 10 -24.78 -27.01 1.28
C VAL J 10 -23.46 -27.20 0.54
N GLU J 11 -22.63 -28.14 1.01
CA GLU J 11 -21.42 -28.61 0.33
C GLU J 11 -20.42 -27.47 0.08
N TYR J 12 -19.86 -26.99 1.18
CA TYR J 12 -18.86 -25.93 1.15
C TYR J 12 -17.63 -26.35 0.33
N PRO J 13 -16.97 -25.40 -0.33
CA PRO J 13 -15.77 -25.74 -1.08
C PRO J 13 -14.60 -26.08 -0.16
N ILE J 14 -13.76 -26.99 -0.62
CA ILE J 14 -12.66 -27.49 0.19
C ILE J 14 -11.52 -26.47 0.22
N PRO J 15 -10.87 -26.26 1.35
CA PRO J 15 -9.77 -25.30 1.42
C PRO J 15 -8.53 -25.84 0.75
N VAL J 16 -7.55 -24.94 0.59
CA VAL J 16 -6.39 -25.25 -0.24
C VAL J 16 -5.21 -25.75 0.56
N TYR J 17 -5.31 -25.83 1.89
CA TYR J 17 -4.13 -26.21 2.63
C TYR J 17 -3.89 -27.70 2.63
N ARG J 18 -4.87 -28.51 2.27
CA ARG J 18 -4.71 -29.95 2.24
C ARG J 18 -4.60 -30.42 0.80
N PHE J 19 -3.40 -30.83 0.41
CA PHE J 19 -3.21 -31.46 -0.89
C PHE J 19 -1.98 -32.34 -0.81
N ILE J 20 -1.86 -33.25 -1.76
CA ILE J 20 -0.72 -34.16 -1.86
C ILE J 20 -0.10 -33.95 -3.24
N VAL J 21 1.21 -33.77 -3.29
CA VAL J 21 1.93 -33.71 -4.55
C VAL J 21 2.89 -34.88 -4.59
N SER J 22 2.72 -35.77 -5.57
CA SER J 22 3.56 -36.95 -5.73
C SER J 22 4.31 -36.82 -7.04
N VAL J 23 5.61 -36.52 -6.96
CA VAL J 23 6.47 -36.37 -8.11
C VAL J 23 7.07 -37.74 -8.42
N GLY J 24 6.83 -38.23 -9.64
CA GLY J 24 7.34 -39.53 -10.02
C GLY J 24 6.65 -40.64 -9.27
N ASP J 25 7.38 -41.26 -8.34
CA ASP J 25 6.82 -42.31 -7.51
C ASP J 25 6.88 -42.02 -6.01
N GLU J 26 7.61 -40.99 -5.58
CA GLU J 26 7.75 -40.67 -4.17
C GLU J 26 7.00 -39.39 -3.86
N LYS J 27 6.38 -39.37 -2.68
CA LYS J 27 5.67 -38.17 -2.23
C LYS J 27 6.63 -37.26 -1.47
N ILE J 28 6.61 -35.97 -1.82
CA ILE J 28 7.54 -35.01 -1.21
C ILE J 28 6.78 -33.77 -0.76
N PRO J 29 7.16 -33.16 0.35
CA PRO J 29 6.40 -32.00 0.86
C PRO J 29 6.69 -30.71 0.13
N PHE J 30 5.70 -30.21 -0.59
CA PHE J 30 5.82 -28.93 -1.29
C PHE J 30 5.04 -27.86 -0.55
N ASN J 31 5.61 -26.66 -0.50
CA ASN J 31 4.98 -25.56 0.22
C ASN J 31 3.87 -24.93 -0.61
N SER J 32 3.99 -24.96 -1.93
CA SER J 32 3.04 -24.29 -2.80
C SER J 32 3.15 -24.86 -4.20
N VAL J 33 2.01 -24.94 -4.89
CA VAL J 33 1.95 -25.30 -6.30
C VAL J 33 1.05 -24.29 -6.98
N SER J 34 1.53 -23.68 -8.07
CA SER J 34 0.80 -22.64 -8.74
C SER J 34 0.59 -23.01 -10.19
N GLY J 35 -0.23 -22.22 -10.87
CA GLY J 35 -0.46 -22.39 -12.30
C GLY J 35 -1.29 -23.60 -12.65
N LEU J 36 -0.72 -24.48 -13.48
CA LEU J 36 -1.32 -25.71 -14.02
C LEU J 36 -2.71 -25.44 -14.62
N ASP J 37 -2.72 -24.62 -15.66
CA ASP J 37 -3.95 -24.23 -16.33
C ASP J 37 -4.02 -24.85 -17.71
N ILE J 38 -5.20 -25.39 -18.04
CA ILE J 38 -5.48 -25.73 -19.42
C ILE J 38 -5.79 -24.46 -20.17
N SER J 39 -5.15 -24.25 -21.32
CA SER J 39 -5.37 -23.01 -22.04
C SER J 39 -5.45 -23.30 -23.53
N TYR J 40 -6.15 -22.43 -24.24
CA TYR J 40 -6.28 -22.54 -25.68
C TYR J 40 -6.24 -21.16 -26.31
N ASP J 41 -5.85 -21.13 -27.57
CA ASP J 41 -5.87 -19.91 -28.35
C ASP J 41 -7.15 -19.87 -29.16
N THR J 42 -7.54 -18.66 -29.57
CA THR J 42 -8.75 -18.47 -30.35
C THR J 42 -8.41 -18.06 -31.77
N ILE J 43 -9.23 -18.49 -32.72
CA ILE J 43 -9.04 -18.22 -34.12
C ILE J 43 -10.28 -17.51 -34.62
N GLU J 44 -10.09 -16.34 -35.23
CA GLU J 44 -11.21 -15.55 -35.74
C GLU J 44 -11.09 -15.44 -37.25
N TYR J 45 -12.22 -15.58 -37.93
CA TYR J 45 -12.30 -15.43 -39.38
C TYR J 45 -13.48 -14.54 -39.68
N ARG J 46 -13.25 -13.24 -39.79
CA ARG J 46 -14.33 -12.29 -40.03
C ARG J 46 -14.71 -12.36 -41.51
N ASP J 47 -15.98 -12.63 -41.78
CA ASP J 47 -16.43 -12.74 -43.16
C ASP J 47 -16.61 -11.38 -43.79
N GLY J 48 -16.79 -11.38 -45.12
CA GLY J 48 -17.16 -10.16 -45.79
C GLY J 48 -18.63 -9.85 -45.64
N VAL J 49 -19.46 -10.90 -45.56
CA VAL J 49 -20.91 -10.72 -45.46
C VAL J 49 -21.29 -10.20 -44.07
N GLY J 50 -20.61 -10.66 -43.03
CA GLY J 50 -20.81 -10.06 -41.72
C GLY J 50 -20.80 -11.01 -40.54
N ASN J 51 -20.90 -12.31 -40.77
CA ASN J 51 -20.93 -13.22 -39.63
C ASN J 51 -19.52 -13.49 -39.12
N TRP J 52 -19.44 -14.03 -37.91
CA TRP J 52 -18.21 -14.17 -37.18
C TRP J 52 -18.00 -15.62 -36.78
N PHE J 53 -16.78 -16.10 -36.92
CA PHE J 53 -16.42 -17.49 -36.58
C PHE J 53 -15.38 -17.46 -35.48
N LYS J 54 -15.74 -17.97 -34.31
CA LYS J 54 -14.84 -18.03 -33.17
C LYS J 54 -14.64 -19.47 -32.76
N MET J 55 -13.45 -20.01 -33.01
CA MET J 55 -13.11 -21.39 -32.72
C MET J 55 -11.89 -21.43 -31.82
N PRO J 56 -11.75 -22.45 -30.98
CA PRO J 56 -10.51 -22.58 -30.20
C PRO J 56 -9.41 -23.26 -30.98
N GLY J 57 -8.23 -22.66 -31.01
CA GLY J 57 -7.17 -23.13 -31.88
C GLY J 57 -6.15 -24.04 -31.23
N GLN J 58 -4.87 -23.70 -31.37
CA GLN J 58 -3.81 -24.57 -30.87
C GLN J 58 -3.74 -24.50 -29.36
N SER J 59 -3.35 -25.60 -28.75
CA SER J 59 -3.25 -25.66 -27.29
C SER J 59 -2.03 -24.88 -26.82
N GLN J 60 -2.26 -23.94 -25.92
CA GLN J 60 -1.18 -23.14 -25.37
C GLN J 60 -0.39 -23.98 -24.39
N SER J 61 0.89 -23.62 -24.21
CA SER J 61 1.79 -24.41 -23.38
C SER J 61 1.46 -24.25 -21.90
N THR J 62 1.81 -25.27 -21.13
CA THR J 62 1.46 -25.35 -19.71
C THR J 62 2.73 -25.19 -18.89
N ASN J 63 2.69 -24.28 -17.92
CA ASN J 63 3.86 -23.92 -17.12
C ASN J 63 3.51 -23.98 -15.64
N ILE J 64 4.33 -24.68 -14.86
CA ILE J 64 4.04 -24.91 -13.44
C ILE J 64 5.25 -24.49 -12.64
N THR J 65 5.05 -23.59 -11.67
CA THR J 65 6.10 -23.15 -10.77
C THR J 65 5.69 -23.51 -9.35
N LEU J 66 6.37 -24.48 -8.75
CA LEU J 66 6.00 -24.97 -7.43
C LEU J 66 7.19 -24.88 -6.48
N ARG J 67 6.92 -24.49 -5.24
CA ARG J 67 7.95 -24.16 -4.27
C ARG J 67 8.20 -25.36 -3.36
N LYS J 68 9.16 -25.19 -2.45
CA LYS J 68 9.55 -26.21 -1.49
C LYS J 68 10.48 -25.58 -0.47
N GLY J 69 10.30 -25.92 0.80
CA GLY J 69 11.26 -25.51 1.79
C GLY J 69 12.56 -26.30 1.67
N VAL J 70 13.66 -25.65 2.01
CA VAL J 70 14.97 -26.30 1.95
C VAL J 70 15.12 -27.23 3.15
N PHE J 71 15.38 -28.50 2.88
CA PHE J 71 15.44 -29.48 3.96
C PHE J 71 16.88 -29.95 4.17
N PRO J 72 17.30 -30.17 5.40
CA PRO J 72 18.72 -30.46 5.67
C PRO J 72 19.16 -31.84 5.21
N GLY J 73 19.93 -31.89 4.12
CA GLY J 73 20.51 -33.12 3.65
C GLY J 73 19.67 -33.90 2.65
N LYS J 74 18.57 -33.35 2.17
CA LYS J 74 17.70 -34.03 1.20
C LYS J 74 17.73 -33.25 -0.10
N THR J 75 18.29 -33.85 -1.13
CA THR J 75 18.37 -33.25 -2.46
C THR J 75 17.49 -34.05 -3.41
N GLU J 76 16.23 -33.63 -3.55
CA GLU J 76 15.37 -34.20 -4.56
C GLU J 76 15.35 -33.34 -5.82
N LEU J 77 15.20 -32.04 -5.67
CA LEU J 77 14.96 -31.17 -6.82
C LEU J 77 16.24 -30.92 -7.60
N PHE J 78 17.40 -30.95 -6.94
CA PHE J 78 18.62 -30.69 -7.68
C PHE J 78 19.05 -31.89 -8.50
N ASP J 79 18.88 -33.10 -7.97
CA ASP J 79 19.28 -34.30 -8.71
C ASP J 79 18.37 -34.58 -9.90
N TRP J 80 17.20 -33.95 -9.92
CA TRP J 80 16.38 -33.92 -11.13
C TRP J 80 17.00 -33.03 -12.19
N ILE J 81 17.29 -31.77 -11.85
CA ILE J 81 17.74 -30.81 -12.84
C ILE J 81 19.22 -30.97 -13.16
N ASN J 82 19.97 -31.72 -12.35
CA ASN J 82 21.38 -31.92 -12.67
C ASN J 82 21.56 -32.90 -13.81
N SER J 83 20.57 -33.76 -14.03
CA SER J 83 20.66 -34.77 -15.07
C SER J 83 20.42 -34.21 -16.46
N ILE J 84 20.13 -32.92 -16.60
CA ILE J 84 19.91 -32.34 -17.92
C ILE J 84 21.25 -32.21 -18.63
N GLN J 85 21.50 -33.10 -19.57
CA GLN J 85 22.45 -32.84 -20.65
C GLN J 85 21.58 -32.55 -21.85
N LEU J 86 22.22 -32.39 -23.02
CA LEU J 86 21.86 -31.49 -24.15
C LEU J 86 20.35 -31.35 -24.33
N ASN J 87 19.60 -32.44 -24.47
CA ASN J 87 18.15 -32.39 -24.29
C ASN J 87 17.60 -33.64 -23.60
N GLN J 88 18.45 -34.55 -23.19
CA GLN J 88 17.99 -35.83 -22.63
C GLN J 88 17.82 -35.69 -21.13
N VAL J 89 16.59 -35.42 -20.69
CA VAL J 89 16.24 -35.33 -19.29
C VAL J 89 15.14 -36.35 -19.03
N GLU J 90 15.22 -37.05 -17.90
CA GLU J 90 14.14 -37.96 -17.52
C GLU J 90 12.89 -37.15 -17.17
N LYS J 91 11.74 -37.64 -17.62
CA LYS J 91 10.47 -36.98 -17.40
C LYS J 91 9.59 -37.87 -16.54
N LYS J 92 8.89 -37.27 -15.59
CA LYS J 92 8.09 -38.03 -14.65
C LYS J 92 6.79 -37.30 -14.37
N ASP J 93 5.74 -38.07 -14.10
CA ASP J 93 4.40 -37.51 -13.94
C ASP J 93 4.25 -36.86 -12.56
N ILE J 94 3.46 -35.80 -12.51
CA ILE J 94 3.14 -35.09 -11.28
C ILE J 94 1.64 -35.20 -11.06
N THR J 95 1.25 -35.65 -9.87
CA THR J 95 -0.17 -35.74 -9.51
C THR J 95 -0.43 -34.86 -8.31
N ILE J 96 -1.13 -33.76 -8.51
CA ILE J 96 -1.56 -32.88 -7.44
C ILE J 96 -3.02 -33.19 -7.15
N SER J 97 -3.34 -33.48 -5.89
CA SER J 97 -4.69 -33.90 -5.57
C SER J 97 -5.09 -33.40 -4.20
N LEU J 98 -6.32 -32.89 -4.10
CA LEU J 98 -6.88 -32.42 -2.84
C LEU J 98 -7.53 -33.58 -2.10
N THR J 99 -7.44 -33.55 -0.76
CA THR J 99 -8.00 -34.60 0.07
C THR J 99 -9.10 -34.04 0.96
N ASN J 100 -9.71 -34.93 1.73
CA ASN J 100 -10.39 -34.53 2.95
C ASN J 100 -9.41 -34.67 4.11
N ASP J 101 -9.69 -33.98 5.21
CA ASP J 101 -8.70 -33.82 6.27
C ASP J 101 -8.45 -35.08 7.07
N ALA J 102 -9.25 -36.14 6.88
CA ALA J 102 -8.88 -37.44 7.40
C ALA J 102 -7.64 -37.98 6.72
N GLY J 103 -7.43 -37.62 5.46
CA GLY J 103 -6.25 -38.03 4.73
C GLY J 103 -6.41 -39.28 3.91
N THR J 104 -7.59 -39.88 3.88
CA THR J 104 -7.77 -41.15 3.19
C THR J 104 -8.09 -40.95 1.72
N GLU J 105 -9.14 -40.18 1.43
CA GLU J 105 -9.66 -40.07 0.08
C GLU J 105 -8.95 -38.99 -0.71
N LEU J 106 -9.13 -39.04 -2.03
CA LEU J 106 -8.74 -37.97 -2.93
C LEU J 106 -10.01 -37.42 -3.57
N LEU J 107 -10.32 -36.16 -3.29
CA LEU J 107 -11.56 -35.58 -3.80
C LEU J 107 -11.42 -35.20 -5.26
N MET J 108 -10.43 -34.38 -5.59
CA MET J 108 -10.23 -33.92 -6.97
C MET J 108 -8.76 -33.98 -7.30
N THR J 109 -8.43 -34.62 -8.42
CA THR J 109 -7.06 -34.98 -8.73
C THR J 109 -6.67 -34.40 -10.08
N TRP J 110 -5.60 -33.61 -10.11
CA TRP J 110 -4.92 -33.23 -11.34
C TRP J 110 -3.74 -34.16 -11.54
N ASN J 111 -3.47 -34.54 -12.78
CA ASN J 111 -2.21 -35.16 -13.11
C ASN J 111 -1.54 -34.39 -14.23
N VAL J 112 -0.24 -34.24 -14.14
CA VAL J 112 0.56 -33.51 -15.12
C VAL J 112 1.52 -34.49 -15.74
N SER J 113 1.36 -34.77 -17.02
CA SER J 113 2.07 -35.85 -17.68
C SER J 113 3.33 -35.34 -18.34
N ASN J 114 4.42 -36.09 -18.18
CA ASN J 114 5.73 -35.83 -18.79
C ASN J 114 6.26 -34.45 -18.44
N ALA J 115 6.56 -34.26 -17.16
CA ALA J 115 7.11 -33.01 -16.66
C ALA J 115 8.62 -33.09 -16.56
N PHE J 116 9.28 -32.02 -16.95
CA PHE J 116 10.72 -31.88 -16.82
C PHE J 116 11.00 -30.47 -16.34
N PRO J 117 11.97 -30.30 -15.47
CA PRO J 117 12.19 -28.98 -14.87
C PRO J 117 13.09 -28.09 -15.70
N THR J 118 12.59 -26.92 -16.09
CA THR J 118 13.46 -25.96 -16.75
C THR J 118 14.42 -25.33 -15.75
N SER J 119 13.88 -24.67 -14.73
CA SER J 119 14.70 -23.86 -13.84
C SER J 119 14.29 -24.09 -12.40
N LEU J 120 15.26 -23.98 -11.49
CA LEU J 120 14.96 -23.88 -10.07
C LEU J 120 15.74 -22.72 -9.49
N THR J 121 15.07 -21.93 -8.66
CA THR J 121 15.66 -20.75 -8.05
C THR J 121 16.06 -21.07 -6.62
N SER J 122 17.36 -20.89 -6.33
CA SER J 122 17.86 -21.11 -4.98
C SER J 122 17.27 -20.07 -4.03
N PRO J 123 17.19 -20.36 -2.73
CA PRO J 123 16.51 -19.45 -1.80
C PRO J 123 17.22 -18.12 -1.66
N SER J 124 16.42 -17.05 -1.70
CA SER J 124 16.92 -15.69 -1.61
C SER J 124 17.38 -15.44 -0.18
N PHE J 125 18.69 -15.48 0.04
CA PHE J 125 19.23 -15.31 1.38
C PHE J 125 19.16 -13.83 1.75
N ASP J 126 18.33 -13.51 2.72
CA ASP J 126 18.23 -12.16 3.27
C ASP J 126 18.48 -12.28 4.77
N ALA J 127 19.65 -11.86 5.23
CA ALA J 127 20.05 -12.04 6.61
C ALA J 127 19.46 -11.00 7.55
N THR J 128 18.44 -10.25 7.13
CA THR J 128 17.69 -9.36 8.00
C THR J 128 16.27 -9.87 8.23
N SER J 129 16.07 -11.18 8.23
CA SER J 129 14.76 -11.75 8.38
C SER J 129 14.84 -13.06 9.15
N ASN J 130 13.69 -13.49 9.66
CA ASN J 130 13.58 -14.74 10.40
C ASN J 130 12.81 -15.80 9.62
N ASP J 131 12.70 -15.62 8.31
CA ASP J 131 11.90 -16.42 7.40
C ASP J 131 12.64 -17.74 7.10
N ILE J 132 11.97 -18.67 6.39
CA ILE J 132 12.53 -20.00 6.13
C ILE J 132 12.97 -20.12 4.67
N ALA J 133 14.03 -20.89 4.45
CA ALA J 133 14.61 -20.97 3.12
C ALA J 133 13.74 -21.80 2.19
N VAL J 134 13.19 -21.18 1.15
CA VAL J 134 12.29 -21.81 0.20
C VAL J 134 12.86 -21.69 -1.20
N GLN J 135 12.79 -22.78 -1.97
CA GLN J 135 13.36 -22.82 -3.31
C GLN J 135 12.29 -23.19 -4.33
N GLU J 136 12.05 -22.32 -5.30
CA GLU J 136 11.13 -22.64 -6.38
C GLU J 136 11.76 -23.64 -7.33
N ILE J 137 10.93 -24.25 -8.15
CA ILE J 137 11.36 -25.00 -9.32
C ILE J 137 10.25 -24.89 -10.36
N THR J 138 10.62 -24.68 -11.61
CA THR J 138 9.67 -24.37 -12.67
C THR J 138 9.64 -25.54 -13.64
N LEU J 139 8.64 -26.40 -13.51
CA LEU J 139 8.45 -27.47 -14.47
C LEU J 139 7.78 -26.92 -15.72
N MET J 140 7.76 -27.74 -16.76
CA MET J 140 7.04 -27.41 -17.98
C MET J 140 6.59 -28.72 -18.61
N ALA J 141 5.30 -28.85 -18.87
CA ALA J 141 4.80 -30.14 -19.33
C ALA J 141 3.57 -29.93 -20.20
N ASP J 142 3.07 -31.04 -20.71
CA ASP J 142 1.90 -31.07 -21.57
C ASP J 142 0.81 -31.95 -20.98
N ARG J 143 -0.41 -31.72 -21.47
CA ARG J 143 -1.58 -32.58 -21.26
C ARG J 143 -1.94 -32.70 -19.76
N VAL J 144 -2.34 -31.56 -19.20
CA VAL J 144 -2.87 -31.51 -17.85
C VAL J 144 -4.37 -31.75 -17.91
N ILE J 145 -4.83 -32.84 -17.29
CA ILE J 145 -6.26 -33.13 -17.20
C ILE J 145 -6.64 -33.33 -15.75
N MET J 146 -7.90 -33.07 -15.44
CA MET J 146 -8.43 -33.23 -14.10
C MET J 146 -9.25 -34.51 -14.01
N GLN J 147 -9.07 -35.26 -12.93
CA GLN J 147 -9.85 -36.46 -12.70
C GLN J 147 -10.91 -36.19 -11.65
N ALA J 148 -11.60 -37.25 -11.23
CA ALA J 148 -12.59 -37.15 -10.19
C ALA J 148 -12.67 -38.44 -9.38
N ALA K 9 -40.25 8.52 -4.49
CA ALA K 9 -39.52 7.31 -4.82
C ALA K 9 -38.04 7.61 -4.99
N VAL K 10 -37.19 6.81 -4.35
CA VAL K 10 -35.75 7.03 -4.42
C VAL K 10 -35.05 5.97 -5.27
N GLU K 11 -35.46 4.71 -5.13
CA GLU K 11 -35.07 3.58 -5.99
C GLU K 11 -33.55 3.36 -5.99
N TYR K 12 -33.06 2.91 -4.83
CA TYR K 12 -31.65 2.61 -4.64
C TYR K 12 -31.19 1.53 -5.62
N PRO K 13 -29.92 1.58 -6.04
CA PRO K 13 -29.41 0.54 -6.94
C PRO K 13 -29.24 -0.78 -6.22
N ILE K 14 -29.45 -1.87 -6.96
CA ILE K 14 -29.42 -3.20 -6.38
C ILE K 14 -27.98 -3.64 -6.15
N PRO K 15 -27.68 -4.31 -5.05
CA PRO K 15 -26.32 -4.76 -4.80
C PRO K 15 -25.95 -5.96 -5.66
N VAL K 16 -24.67 -6.29 -5.64
CA VAL K 16 -24.14 -7.26 -6.60
C VAL K 16 -24.06 -8.66 -6.04
N TYR K 17 -24.45 -8.88 -4.79
CA TYR K 17 -24.26 -10.21 -4.24
C TYR K 17 -25.36 -11.17 -4.67
N ARG K 18 -26.48 -10.67 -5.16
CA ARG K 18 -27.58 -11.54 -5.59
C ARG K 18 -27.62 -11.57 -7.10
N PHE K 19 -27.25 -12.71 -7.67
CA PHE K 19 -27.40 -12.94 -9.10
C PHE K 19 -27.48 -14.44 -9.34
N ILE K 20 -27.98 -14.81 -10.51
CA ILE K 20 -28.10 -16.19 -10.93
C ILE K 20 -27.33 -16.34 -12.23
N VAL K 21 -26.47 -17.34 -12.31
CA VAL K 21 -25.79 -17.67 -13.56
C VAL K 21 -26.22 -19.06 -13.97
N SER K 22 -26.85 -19.16 -15.14
CA SER K 22 -27.33 -20.43 -15.67
C SER K 22 -26.58 -20.75 -16.94
N VAL K 23 -25.66 -21.70 -16.86
CA VAL K 23 -24.84 -22.13 -17.99
C VAL K 23 -25.59 -23.25 -18.70
N GLY K 24 -25.88 -23.05 -19.97
CA GLY K 24 -26.59 -24.06 -20.73
C GLY K 24 -28.03 -24.20 -20.27
N ASP K 25 -28.33 -25.29 -19.58
CA ASP K 25 -29.65 -25.52 -19.02
C ASP K 25 -29.67 -25.72 -17.52
N GLU K 26 -28.52 -25.91 -16.89
CA GLU K 26 -28.45 -26.14 -15.44
C GLU K 26 -27.87 -24.93 -14.75
N LYS K 27 -28.40 -24.62 -13.57
CA LYS K 27 -27.89 -23.51 -12.76
C LYS K 27 -26.77 -24.01 -11.86
N ILE K 28 -25.66 -23.29 -11.84
CA ILE K 28 -24.49 -23.70 -11.07
C ILE K 28 -23.97 -22.52 -10.25
N PRO K 29 -23.47 -22.76 -9.03
CA PRO K 29 -23.04 -21.64 -8.18
C PRO K 29 -21.67 -21.08 -8.56
N PHE K 30 -21.64 -19.85 -9.06
CA PHE K 30 -20.41 -19.17 -9.39
C PHE K 30 -20.08 -18.13 -8.33
N ASN K 31 -18.80 -18.01 -8.01
CA ASN K 31 -18.38 -17.08 -6.98
C ASN K 31 -18.30 -15.66 -7.53
N SER K 32 -18.01 -15.51 -8.81
CA SER K 32 -17.80 -14.21 -9.42
C SER K 32 -17.93 -14.31 -10.92
N VAL K 33 -18.47 -13.26 -11.52
CA VAL K 33 -18.53 -13.11 -12.98
C VAL K 33 -18.05 -11.70 -13.29
N SER K 34 -17.09 -11.59 -14.21
CA SER K 34 -16.48 -10.31 -14.53
C SER K 34 -16.61 -10.04 -16.01
N GLY K 35 -16.28 -8.82 -16.41
CA GLY K 35 -16.27 -8.43 -17.80
C GLY K 35 -17.64 -8.27 -18.41
N LEU K 36 -17.89 -9.03 -19.48
CA LEU K 36 -19.12 -9.03 -20.29
C LEU K 36 -19.53 -7.61 -20.70
N ASP K 37 -18.66 -6.99 -21.48
CA ASP K 37 -18.86 -5.63 -21.94
C ASP K 37 -19.16 -5.60 -23.43
N ILE K 38 -20.16 -4.82 -23.82
CA ILE K 38 -20.32 -4.49 -25.23
C ILE K 38 -19.30 -3.43 -25.58
N SER K 39 -18.56 -3.65 -26.66
CA SER K 39 -17.53 -2.68 -27.01
C SER K 39 -17.51 -2.47 -28.51
N TYR K 40 -17.04 -1.30 -28.92
CA TYR K 40 -16.92 -0.97 -30.33
C TYR K 40 -15.65 -0.19 -30.55
N ASP K 41 -15.16 -0.26 -31.78
CA ASP K 41 -14.01 0.54 -32.20
C ASP K 41 -14.51 1.80 -32.90
N THR K 42 -13.65 2.81 -32.93
CA THR K 42 -14.00 4.08 -33.56
C THR K 42 -13.19 4.28 -34.83
N ILE K 43 -13.82 4.93 -35.80
CA ILE K 43 -13.22 5.20 -37.10
C ILE K 43 -13.20 6.70 -37.30
N GLU K 44 -12.02 7.25 -37.58
CA GLU K 44 -11.88 8.68 -37.80
C GLU K 44 -11.41 8.94 -39.22
N TYR K 45 -12.01 9.95 -39.84
CA TYR K 45 -11.65 10.37 -41.18
C TYR K 45 -11.50 11.88 -41.15
N ARG K 46 -10.28 12.37 -40.92
CA ARG K 46 -10.03 13.80 -40.83
C ARG K 46 -10.01 14.37 -42.25
N ASP K 47 -10.86 15.36 -42.50
CA ASP K 47 -10.92 15.96 -43.82
C ASP K 47 -9.77 16.91 -44.06
N GLY K 48 -9.63 17.33 -45.31
CA GLY K 48 -8.69 18.39 -45.61
C GLY K 48 -9.25 19.76 -45.29
N VAL K 49 -10.57 19.90 -45.44
CA VAL K 49 -11.21 21.19 -45.19
C VAL K 49 -11.27 21.50 -43.70
N GLY K 50 -11.48 20.50 -42.87
CA GLY K 50 -11.36 20.70 -41.44
C GLY K 50 -12.35 19.99 -40.56
N ASN K 51 -13.43 19.47 -41.12
CA ASN K 51 -14.41 18.81 -40.27
C ASN K 51 -13.97 17.39 -39.95
N TRP K 52 -14.61 16.81 -38.94
CA TRP K 52 -14.21 15.55 -38.35
C TRP K 52 -15.37 14.57 -38.38
N PHE K 53 -15.08 13.32 -38.71
CA PHE K 53 -16.08 12.27 -38.78
C PHE K 53 -15.72 11.18 -37.78
N LYS K 54 -16.56 10.99 -36.77
CA LYS K 54 -16.35 9.98 -35.74
C LYS K 54 -17.51 9.00 -35.76
N MET K 55 -17.26 7.78 -36.22
CA MET K 55 -18.27 6.74 -36.33
C MET K 55 -17.82 5.52 -35.56
N PRO K 56 -18.75 4.72 -35.04
CA PRO K 56 -18.35 3.47 -34.40
C PRO K 56 -18.16 2.35 -35.41
N GLY K 57 -17.02 1.67 -35.35
CA GLY K 57 -16.67 0.72 -36.39
C GLY K 57 -17.01 -0.73 -36.07
N GLN K 58 -16.02 -1.61 -36.19
CA GLN K 58 -16.25 -3.04 -36.02
C GLN K 58 -16.45 -3.36 -34.55
N SER K 59 -17.27 -4.37 -34.28
CA SER K 59 -17.54 -4.76 -32.90
C SER K 59 -16.34 -5.49 -32.32
N GLN K 60 -15.86 -5.00 -31.18
CA GLN K 60 -14.73 -5.62 -30.51
C GLN K 60 -15.19 -6.91 -29.85
N SER K 61 -14.24 -7.83 -29.67
CA SER K 61 -14.57 -9.16 -29.14
C SER K 61 -14.90 -9.08 -27.65
N THR K 62 -15.70 -10.04 -27.21
CA THR K 62 -16.22 -10.07 -25.84
C THR K 62 -15.57 -11.22 -25.09
N ASN K 63 -15.03 -10.93 -23.91
CA ASN K 63 -14.27 -11.88 -23.12
C ASN K 63 -14.80 -11.90 -21.70
N ILE K 64 -15.08 -13.10 -21.18
CA ILE K 64 -15.71 -13.26 -19.87
C ILE K 64 -14.85 -14.22 -19.06
N THR K 65 -14.42 -13.79 -17.87
CA THR K 65 -13.67 -14.62 -16.95
C THR K 65 -14.46 -14.74 -15.67
N LEU K 66 -14.99 -15.93 -15.39
CA LEU K 66 -15.86 -16.13 -14.24
C LEU K 66 -15.33 -17.27 -13.37
N ARG K 67 -15.40 -17.09 -12.06
CA ARG K 67 -14.76 -17.98 -11.11
C ARG K 67 -15.78 -18.97 -10.56
N LYS K 68 -15.32 -19.89 -9.72
CA LYS K 68 -16.13 -20.92 -9.10
C LYS K 68 -15.31 -21.57 -8.00
N GLY K 69 -15.93 -21.85 -6.86
CA GLY K 69 -15.27 -22.64 -5.86
C GLY K 69 -15.20 -24.11 -6.27
N VAL K 70 -14.15 -24.78 -5.83
CA VAL K 70 -13.97 -26.19 -6.15
C VAL K 70 -14.88 -27.02 -5.27
N PHE K 71 -15.74 -27.84 -5.89
CA PHE K 71 -16.70 -28.59 -5.11
C PHE K 71 -16.37 -30.07 -5.14
N PRO K 72 -16.57 -30.79 -4.03
CA PRO K 72 -16.10 -32.17 -3.95
C PRO K 72 -16.89 -33.15 -4.79
N GLY K 73 -16.31 -33.60 -5.89
CA GLY K 73 -16.92 -34.62 -6.72
C GLY K 73 -17.83 -34.12 -7.83
N LYS K 74 -17.87 -32.81 -8.08
CA LYS K 74 -18.70 -32.24 -9.12
C LYS K 74 -17.79 -31.61 -10.18
N THR K 75 -17.78 -32.18 -11.37
CA THR K 75 -16.99 -31.68 -12.49
C THR K 75 -17.94 -31.15 -13.56
N GLU K 76 -18.24 -29.86 -13.49
CA GLU K 76 -18.97 -29.22 -14.57
C GLU K 76 -18.04 -28.52 -15.55
N LEU K 77 -17.07 -27.77 -15.03
CA LEU K 77 -16.27 -26.91 -15.90
C LEU K 77 -15.23 -27.70 -16.67
N PHE K 78 -14.76 -28.82 -16.12
CA PHE K 78 -13.74 -29.57 -16.83
C PHE K 78 -14.35 -30.37 -17.97
N ASP K 79 -15.53 -30.94 -17.77
CA ASP K 79 -16.16 -31.74 -18.83
C ASP K 79 -16.63 -30.88 -19.99
N TRP K 80 -16.74 -29.57 -19.77
CA TRP K 80 -16.93 -28.64 -20.86
C TRP K 80 -15.66 -28.50 -21.69
N ILE K 81 -14.54 -28.16 -21.03
CA ILE K 81 -13.31 -27.88 -21.76
C ILE K 81 -12.58 -29.13 -22.21
N ASN K 82 -12.95 -30.30 -21.68
CA ASN K 82 -12.30 -31.53 -22.12
C ASN K 82 -12.79 -31.94 -23.50
N SER K 83 -13.99 -31.50 -23.89
CA SER K 83 -14.56 -31.88 -25.17
C SER K 83 -13.96 -31.12 -26.34
N ILE K 84 -13.04 -30.20 -26.10
CA ILE K 84 -12.41 -29.47 -27.19
C ILE K 84 -11.45 -30.38 -27.92
N GLN K 85 -11.86 -30.86 -29.09
CA GLN K 85 -10.94 -31.31 -30.11
C GLN K 85 -10.93 -30.20 -31.14
N LEU K 86 -10.23 -30.43 -32.26
CA LEU K 86 -9.46 -29.45 -33.08
C LEU K 86 -10.13 -28.07 -33.12
N ASN K 87 -11.40 -27.96 -33.50
CA ASN K 87 -12.17 -26.76 -33.22
C ASN K 87 -13.62 -27.04 -32.86
N GLN K 88 -14.00 -28.31 -32.76
CA GLN K 88 -15.39 -28.68 -32.54
C GLN K 88 -15.67 -28.76 -31.04
N VAL K 89 -16.19 -27.67 -30.48
CA VAL K 89 -16.59 -27.62 -29.07
C VAL K 89 -18.06 -27.25 -29.03
N GLU K 90 -18.81 -27.90 -28.14
CA GLU K 90 -20.20 -27.51 -27.94
C GLU K 90 -20.27 -26.12 -27.32
N LYS K 91 -21.21 -25.32 -27.80
CA LYS K 91 -21.40 -23.96 -27.34
C LYS K 91 -22.77 -23.84 -26.69
N LYS K 92 -22.83 -23.13 -25.57
CA LYS K 92 -24.07 -23.02 -24.82
C LYS K 92 -24.22 -21.62 -24.27
N ASP K 93 -25.47 -21.18 -24.16
CA ASP K 93 -25.75 -19.80 -23.76
C ASP K 93 -25.58 -19.62 -22.26
N ILE K 94 -25.14 -18.42 -21.87
CA ILE K 94 -24.96 -18.05 -20.48
C ILE K 94 -25.90 -16.90 -20.19
N THR K 95 -26.71 -17.02 -19.14
CA THR K 95 -27.62 -15.94 -18.74
C THR K 95 -27.27 -15.52 -17.32
N ILE K 96 -26.70 -14.34 -17.18
CA ILE K 96 -26.42 -13.74 -15.88
C ILE K 96 -27.51 -12.72 -15.59
N SER K 97 -28.16 -12.84 -14.45
CA SER K 97 -29.30 -11.98 -14.15
C SER K 97 -29.36 -11.66 -12.67
N LEU K 98 -29.63 -10.40 -12.37
CA LEU K 98 -29.78 -9.94 -10.99
C LEU K 98 -31.23 -10.13 -10.55
N THR K 99 -31.42 -10.44 -9.28
CA THR K 99 -32.74 -10.67 -8.72
C THR K 99 -33.04 -9.64 -7.64
N ASN K 100 -34.25 -9.73 -7.09
CA ASN K 100 -34.52 -9.20 -5.77
C ASN K 100 -34.34 -10.32 -4.76
N ASP K 101 -34.13 -9.94 -3.49
CA ASP K 101 -33.68 -10.91 -2.50
C ASP K 101 -34.74 -11.92 -2.08
N ALA K 102 -35.99 -11.74 -2.51
CA ALA K 102 -36.97 -12.81 -2.37
C ALA K 102 -36.60 -13.99 -3.26
N GLY K 103 -35.96 -13.74 -4.39
CA GLY K 103 -35.52 -14.78 -5.28
C GLY K 103 -36.48 -15.13 -6.39
N THR K 104 -37.59 -14.42 -6.50
CA THR K 104 -38.60 -14.77 -7.49
C THR K 104 -38.32 -14.11 -8.83
N GLU K 105 -38.20 -12.79 -8.84
CA GLU K 105 -38.13 -12.02 -10.08
C GLU K 105 -36.70 -11.92 -10.59
N LEU K 106 -36.59 -11.54 -11.86
CA LEU K 106 -35.32 -11.15 -12.46
C LEU K 106 -35.43 -9.68 -12.83
N LEU K 107 -34.62 -8.84 -12.21
CA LEU K 107 -34.70 -7.41 -12.47
C LEU K 107 -34.03 -7.04 -13.78
N MET K 108 -32.76 -7.40 -13.94
CA MET K 108 -32.02 -7.06 -15.14
C MET K 108 -31.22 -8.27 -15.57
N THR K 109 -31.34 -8.65 -16.85
CA THR K 109 -30.83 -9.92 -17.34
C THR K 109 -29.89 -9.69 -18.51
N TRP K 110 -28.66 -10.18 -18.38
CA TRP K 110 -27.75 -10.31 -19.52
C TRP K 110 -27.84 -11.73 -20.02
N ASN K 111 -27.77 -11.91 -21.35
CA ASN K 111 -27.54 -13.23 -21.91
C ASN K 111 -26.34 -13.17 -22.82
N VAL K 112 -25.52 -14.21 -22.77
CA VAL K 112 -24.31 -14.32 -23.57
C VAL K 112 -24.48 -15.52 -24.48
N SER K 113 -24.55 -15.26 -25.78
CA SER K 113 -24.92 -16.27 -26.76
C SER K 113 -23.69 -16.94 -27.34
N ASN K 114 -23.76 -18.27 -27.44
CA ASN K 114 -22.73 -19.12 -28.05
C ASN K 114 -21.37 -18.94 -27.38
N ALA K 115 -21.30 -19.35 -26.12
CA ALA K 115 -20.08 -19.28 -25.34
C ALA K 115 -19.36 -20.61 -25.35
N PHE K 116 -18.05 -20.55 -25.49
CA PHE K 116 -17.19 -21.71 -25.43
C PHE K 116 -15.96 -21.34 -24.59
N PRO K 117 -15.48 -22.25 -23.77
CA PRO K 117 -14.40 -21.88 -22.86
C PRO K 117 -13.02 -22.03 -23.49
N THR K 118 -12.24 -20.95 -23.51
CA THR K 118 -10.87 -21.07 -23.94
C THR K 118 -10.03 -21.75 -22.87
N SER K 119 -9.97 -21.16 -21.68
CA SER K 119 -9.04 -21.62 -20.66
C SER K 119 -9.74 -21.68 -19.30
N LEU K 120 -9.30 -22.62 -18.46
CA LEU K 120 -9.65 -22.59 -17.05
C LEU K 120 -8.39 -22.78 -16.24
N THR K 121 -8.26 -21.99 -15.18
CA THR K 121 -7.09 -22.00 -14.32
C THR K 121 -7.41 -22.79 -13.07
N SER K 122 -6.64 -23.85 -12.81
CA SER K 122 -6.80 -24.65 -11.61
C SER K 122 -6.44 -23.81 -10.37
N PRO K 123 -6.99 -24.15 -9.20
CA PRO K 123 -6.79 -23.30 -8.02
C PRO K 123 -5.34 -23.25 -7.57
N SER K 124 -4.88 -22.04 -7.27
CA SER K 124 -3.51 -21.79 -6.85
C SER K 124 -3.34 -22.34 -5.44
N PHE K 125 -2.72 -23.51 -5.32
CA PHE K 125 -2.54 -24.14 -4.03
C PHE K 125 -1.44 -23.41 -3.26
N ASP K 126 -1.81 -22.74 -2.19
CA ASP K 126 -0.86 -22.09 -1.29
C ASP K 126 -1.11 -22.64 0.10
N ALA K 127 -0.22 -23.51 0.57
CA ALA K 127 -0.43 -24.21 1.83
C ALA K 127 -0.06 -23.39 3.06
N THR K 128 0.07 -22.07 2.92
CA THR K 128 0.23 -21.16 4.04
C THR K 128 -0.99 -20.26 4.21
N SER K 129 -2.17 -20.77 3.88
CA SER K 129 -3.38 -19.96 3.94
C SER K 129 -4.55 -20.85 4.33
N ASN K 130 -5.63 -20.20 4.78
CA ASN K 130 -6.85 -20.88 5.17
C ASN K 130 -7.98 -20.60 4.18
N ASP K 131 -7.65 -20.17 2.98
CA ASP K 131 -8.55 -19.72 1.93
C ASP K 131 -9.18 -20.94 1.25
N ILE K 132 -10.17 -20.72 0.36
CA ILE K 132 -10.92 -21.80 -0.29
C ILE K 132 -10.48 -21.95 -1.75
N ALA K 133 -10.51 -23.17 -2.24
CA ALA K 133 -10.00 -23.44 -3.58
C ALA K 133 -10.99 -22.94 -4.63
N VAL K 134 -10.55 -21.96 -5.43
CA VAL K 134 -11.37 -21.34 -6.46
C VAL K 134 -10.70 -21.48 -7.81
N GLN K 135 -11.47 -21.80 -8.84
CA GLN K 135 -10.94 -22.05 -10.18
C GLN K 135 -11.63 -21.14 -11.18
N GLU K 136 -10.85 -20.31 -11.86
CA GLU K 136 -11.41 -19.47 -12.92
C GLU K 136 -11.70 -20.32 -14.15
N ILE K 137 -12.49 -19.77 -15.05
CA ILE K 137 -12.64 -20.27 -16.41
C ILE K 137 -12.96 -19.09 -17.30
N THR K 138 -12.33 -19.04 -18.48
CA THR K 138 -12.39 -17.87 -19.34
C THR K 138 -13.17 -18.24 -20.59
N LEU K 139 -14.44 -17.86 -20.63
CA LEU K 139 -15.23 -18.05 -21.83
C LEU K 139 -14.90 -16.97 -22.84
N MET K 140 -15.39 -17.15 -24.06
CA MET K 140 -15.26 -16.14 -25.10
C MET K 140 -16.45 -16.31 -26.03
N ALA K 141 -17.22 -15.24 -26.22
CA ALA K 141 -18.44 -15.36 -26.98
C ALA K 141 -18.76 -14.06 -27.68
N ASP K 142 -19.84 -14.09 -28.43
CA ASP K 142 -20.33 -12.95 -29.20
C ASP K 142 -21.75 -12.59 -28.80
N ARG K 143 -22.13 -11.36 -29.13
CA ARG K 143 -23.50 -10.85 -29.07
C ARG K 143 -24.07 -10.89 -27.66
N VAL K 144 -23.46 -10.10 -26.79
CA VAL K 144 -23.97 -9.89 -25.44
C VAL K 144 -24.97 -8.74 -25.46
N ILE K 145 -26.22 -9.01 -25.12
CA ILE K 145 -27.24 -7.98 -25.03
C ILE K 145 -27.89 -8.05 -23.66
N MET K 146 -28.43 -6.92 -23.21
CA MET K 146 -29.10 -6.82 -21.92
C MET K 146 -30.60 -6.79 -22.14
N GLN K 147 -31.33 -7.53 -21.31
CA GLN K 147 -32.78 -7.53 -21.37
C GLN K 147 -33.33 -6.70 -20.21
N ALA K 148 -34.65 -6.75 -20.06
CA ALA K 148 -35.31 -6.06 -18.96
C ALA K 148 -36.56 -6.80 -18.53
N ALA L 9 -13.68 39.04 0.61
CA ALA L 9 -14.21 37.88 -0.09
C ALA L 9 -13.15 36.81 -0.27
N VAL L 10 -13.48 35.57 0.08
CA VAL L 10 -12.50 34.48 -0.02
C VAL L 10 -12.84 33.53 -1.17
N GLU L 11 -14.13 33.22 -1.35
CA GLU L 11 -14.67 32.49 -2.51
C GLU L 11 -14.05 31.10 -2.66
N TYR L 12 -14.37 30.24 -1.70
CA TYR L 12 -13.91 28.86 -1.70
C TYR L 12 -14.35 28.12 -2.95
N PRO L 13 -13.56 27.17 -3.43
CA PRO L 13 -13.96 26.38 -4.60
C PRO L 13 -15.08 25.43 -4.28
N ILE L 14 -15.95 25.21 -5.27
CA ILE L 14 -17.15 24.40 -5.07
C ILE L 14 -16.78 22.92 -5.08
N PRO L 15 -17.38 22.12 -4.20
CA PRO L 15 -17.07 20.69 -4.17
C PRO L 15 -17.69 19.96 -5.36
N VAL L 16 -17.28 18.70 -5.51
CA VAL L 16 -17.60 17.96 -6.72
C VAL L 16 -18.83 17.08 -6.57
N TYR L 17 -19.45 17.05 -5.39
CA TYR L 17 -20.56 16.12 -5.24
C TYR L 17 -21.85 16.65 -5.83
N ARG L 18 -21.95 17.94 -6.11
CA ARG L 18 -23.16 18.52 -6.67
C ARG L 18 -22.92 18.83 -8.13
N PHE L 19 -23.55 18.06 -9.02
CA PHE L 19 -23.54 18.36 -10.44
C PHE L 19 -24.77 17.71 -11.06
N ILE L 20 -25.11 18.19 -12.26
CA ILE L 20 -26.24 17.67 -13.02
C ILE L 20 -25.69 17.21 -14.36
N VAL L 21 -26.03 15.99 -14.76
CA VAL L 21 -25.70 15.50 -16.10
C VAL L 21 -27.01 15.25 -16.84
N SER L 22 -27.20 15.96 -17.94
CA SER L 22 -28.40 15.83 -18.76
C SER L 22 -28.01 15.29 -20.13
N VAL L 23 -28.31 14.02 -20.36
CA VAL L 23 -28.01 13.35 -21.62
C VAL L 23 -29.19 13.54 -22.55
N GLY L 24 -28.95 14.14 -23.70
CA GLY L 24 -30.01 14.38 -24.65
C GLY L 24 -30.98 15.44 -24.15
N ASP L 25 -32.17 15.00 -23.76
CA ASP L 25 -33.18 15.88 -23.20
C ASP L 25 -33.64 15.50 -21.81
N GLU L 26 -33.29 14.32 -21.32
CA GLU L 26 -33.74 13.86 -20.02
C GLU L 26 -32.56 13.84 -19.05
N LYS L 27 -32.82 14.21 -17.80
CA LYS L 27 -31.80 14.18 -16.77
C LYS L 27 -31.78 12.81 -16.11
N ILE L 28 -30.59 12.24 -15.97
CA ILE L 28 -30.45 10.89 -15.41
C ILE L 28 -29.36 10.87 -14.34
N PRO L 29 -29.53 10.11 -13.26
CA PRO L 29 -28.53 10.12 -12.19
C PRO L 29 -27.27 9.33 -12.48
N PHE L 30 -26.15 10.02 -12.63
CA PHE L 30 -24.87 9.39 -12.85
C PHE L 30 -24.04 9.43 -11.58
N ASN L 31 -23.32 8.35 -11.31
CA ASN L 31 -22.51 8.26 -10.10
C ASN L 31 -21.20 9.02 -10.26
N SER L 32 -20.68 9.09 -11.47
CA SER L 32 -19.38 9.69 -11.71
C SER L 32 -19.24 10.05 -13.18
N VAL L 33 -18.56 11.15 -13.44
CA VAL L 33 -18.17 11.56 -14.79
C VAL L 33 -16.71 11.93 -14.75
N SER L 34 -15.92 11.35 -15.66
CA SER L 34 -14.49 11.55 -15.66
C SER L 34 -14.05 12.10 -17.01
N GLY L 35 -12.78 12.51 -17.08
CA GLY L 35 -12.20 12.96 -18.32
C GLY L 35 -12.67 14.33 -18.78
N LEU L 36 -13.23 14.36 -19.99
CA LEU L 36 -13.73 15.55 -20.69
C LEU L 36 -12.71 16.70 -20.68
N ASP L 37 -11.58 16.44 -21.32
CA ASP L 37 -10.48 17.38 -21.37
C ASP L 37 -10.32 17.94 -22.78
N ILE L 38 -10.15 19.25 -22.88
CA ILE L 38 -9.69 19.83 -24.13
C ILE L 38 -8.21 19.56 -24.25
N SER L 39 -7.78 19.06 -25.39
CA SER L 39 -6.37 18.74 -25.55
C SER L 39 -5.89 19.13 -26.93
N TYR L 40 -4.60 19.40 -27.04
CA TYR L 40 -4.00 19.75 -28.31
C TYR L 40 -2.62 19.11 -28.41
N ASP L 41 -2.17 18.91 -29.63
CA ASP L 41 -0.84 18.43 -29.90
C ASP L 41 0.07 19.62 -30.19
N THR L 42 1.37 19.41 -30.01
CA THR L 42 2.35 20.46 -30.26
C THR L 42 3.18 20.14 -31.48
N ILE L 43 3.58 21.18 -32.19
CA ILE L 43 4.37 21.07 -33.41
C ILE L 43 5.66 21.84 -33.20
N GLU L 44 6.79 21.19 -33.40
CA GLU L 44 8.08 21.82 -33.23
C GLU L 44 8.81 21.85 -34.55
N TYR L 45 9.44 22.98 -34.84
CA TYR L 45 10.24 23.15 -36.04
C TYR L 45 11.57 23.78 -35.63
N ARG L 46 12.57 22.95 -35.35
CA ARG L 46 13.86 23.45 -34.90
C ARG L 46 14.61 23.99 -36.11
N ASP L 47 15.03 25.25 -36.02
CA ASP L 47 15.74 25.87 -37.13
C ASP L 47 17.19 25.43 -37.18
N GLY L 48 17.85 25.75 -38.28
CA GLY L 48 19.28 25.57 -38.35
C GLY L 48 20.03 26.67 -37.63
N VAL L 49 19.48 27.88 -37.65
CA VAL L 49 20.15 29.02 -37.02
C VAL L 49 20.08 28.93 -35.50
N GLY L 50 18.99 28.44 -34.96
CA GLY L 50 18.95 28.15 -33.54
C GLY L 50 17.65 28.46 -32.82
N ASN L 51 16.75 29.21 -33.43
CA ASN L 51 15.52 29.54 -32.73
C ASN L 51 14.53 28.39 -32.83
N TRP L 52 13.51 28.44 -31.97
CA TRP L 52 12.58 27.35 -31.77
C TRP L 52 11.17 27.84 -31.97
N PHE L 53 10.36 27.03 -32.66
CA PHE L 53 8.96 27.37 -32.94
C PHE L 53 8.07 26.33 -32.29
N LYS L 54 7.28 26.74 -31.32
CA LYS L 54 6.36 25.83 -30.62
C LYS L 54 4.94 26.33 -30.82
N MET L 55 4.16 25.60 -31.61
CA MET L 55 2.79 25.95 -31.92
C MET L 55 1.87 24.80 -31.54
N PRO L 56 0.61 25.08 -31.19
CA PRO L 56 -0.32 23.98 -30.94
C PRO L 56 -0.95 23.46 -32.23
N GLY L 57 -0.91 22.15 -32.42
CA GLY L 57 -1.31 21.58 -33.70
C GLY L 57 -2.73 21.08 -33.76
N GLN L 58 -2.90 19.82 -34.18
CA GLN L 58 -4.23 19.27 -34.38
C GLN L 58 -4.90 18.99 -33.05
N SER L 59 -6.21 19.11 -33.01
CA SER L 59 -6.95 18.87 -31.77
C SER L 59 -7.01 17.38 -31.48
N GLN L 60 -6.58 17.00 -30.29
CA GLN L 60 -6.60 15.61 -29.88
C GLN L 60 -8.04 15.21 -29.56
N SER L 61 -8.33 13.91 -29.70
CA SER L 61 -9.69 13.42 -29.52
C SER L 61 -10.10 13.44 -28.05
N THR L 62 -11.40 13.55 -27.83
CA THR L 62 -11.97 13.70 -26.49
C THR L 62 -12.71 12.42 -26.12
N ASN L 63 -12.40 11.88 -24.94
CA ASN L 63 -12.93 10.61 -24.50
C ASN L 63 -13.51 10.76 -23.11
N ILE L 64 -14.74 10.29 -22.90
CA ILE L 64 -15.47 10.47 -21.64
C ILE L 64 -15.96 9.12 -21.18
N THR L 65 -15.59 8.74 -19.95
CA THR L 65 -16.06 7.50 -19.34
C THR L 65 -16.83 7.85 -18.08
N LEU L 66 -18.14 7.66 -18.10
CA LEU L 66 -18.99 8.06 -17.00
C LEU L 66 -19.81 6.86 -16.50
N ARG L 67 -19.95 6.76 -15.19
CA ARG L 67 -20.53 5.58 -14.55
C ARG L 67 -21.99 5.84 -14.23
N LYS L 68 -22.66 4.82 -13.69
CA LYS L 68 -24.07 4.86 -13.32
C LYS L 68 -24.38 3.62 -12.50
N GLY L 69 -25.14 3.78 -11.43
CA GLY L 69 -25.65 2.62 -10.72
C GLY L 69 -26.74 1.92 -11.51
N VAL L 70 -26.80 0.60 -11.35
CA VAL L 70 -27.80 -0.19 -12.05
C VAL L 70 -29.15 -0.02 -11.35
N PHE L 71 -30.15 0.41 -12.12
CA PHE L 71 -31.44 0.70 -11.51
C PHE L 71 -32.48 -0.32 -11.95
N PRO L 72 -33.38 -0.74 -11.07
CA PRO L 72 -34.29 -1.85 -11.39
C PRO L 72 -35.36 -1.50 -12.42
N GLY L 73 -35.20 -1.99 -13.64
CA GLY L 73 -36.21 -1.83 -14.66
C GLY L 73 -36.06 -0.60 -15.54
N LYS L 74 -34.96 0.14 -15.41
CA LYS L 74 -34.73 1.34 -16.22
C LYS L 74 -33.53 1.10 -17.12
N THR L 75 -33.77 1.04 -18.43
CA THR L 75 -32.71 0.84 -19.41
C THR L 75 -32.58 2.12 -20.23
N GLU L 76 -31.70 3.01 -19.81
CA GLU L 76 -31.35 4.16 -20.63
C GLU L 76 -30.09 3.92 -21.43
N LEU L 77 -29.04 3.39 -20.80
CA LEU L 77 -27.75 3.32 -21.46
C LEU L 77 -27.69 2.19 -22.47
N PHE L 78 -28.47 1.13 -22.27
CA PHE L 78 -28.40 0.03 -23.23
C PHE L 78 -29.16 0.36 -24.51
N ASP L 79 -30.31 1.04 -24.39
CA ASP L 79 -31.09 1.37 -25.58
C ASP L 79 -30.42 2.43 -26.43
N TRP L 80 -29.45 3.13 -25.85
CA TRP L 80 -28.57 3.99 -26.65
C TRP L 80 -27.61 3.15 -27.49
N ILE L 81 -26.86 2.25 -26.84
CA ILE L 81 -25.82 1.49 -27.54
C ILE L 81 -26.39 0.34 -28.35
N ASN L 82 -27.64 -0.04 -28.14
CA ASN L 82 -28.22 -1.12 -28.94
C ASN L 82 -28.56 -0.64 -30.34
N SER L 83 -28.76 0.66 -30.51
CA SER L 83 -29.14 1.21 -31.80
C SER L 83 -27.97 1.32 -32.77
N ILE L 84 -26.75 0.96 -32.36
CA ILE L 84 -25.60 1.02 -33.25
C ILE L 84 -25.70 -0.11 -34.26
N GLN L 85 -26.08 0.23 -35.48
CA GLN L 85 -25.76 -0.58 -36.65
C GLN L 85 -24.65 0.17 -37.34
N LEU L 86 -24.24 -0.30 -38.52
CA LEU L 86 -22.87 -0.29 -39.09
C LEU L 86 -22.09 0.97 -38.73
N ASN L 87 -22.61 2.17 -38.96
CA ASN L 87 -22.09 3.37 -38.33
C ASN L 87 -23.17 4.37 -37.96
N GLN L 88 -24.43 4.04 -38.18
CA GLN L 88 -25.52 4.98 -37.98
C GLN L 88 -26.02 4.87 -36.54
N VAL L 89 -25.52 5.74 -35.67
CA VAL L 89 -25.96 5.83 -34.28
C VAL L 89 -26.46 7.25 -34.04
N GLU L 90 -27.56 7.38 -33.32
CA GLU L 90 -28.03 8.70 -32.93
C GLU L 90 -27.05 9.34 -31.95
N LYS L 91 -26.80 10.62 -32.14
CA LYS L 91 -25.86 11.37 -31.32
C LYS L 91 -26.62 12.45 -30.58
N LYS L 92 -26.29 12.64 -29.30
CA LYS L 92 -27.01 13.59 -28.47
C LYS L 92 -26.04 14.32 -27.55
N ASP L 93 -26.37 15.57 -27.24
CA ASP L 93 -25.48 16.42 -26.47
C ASP L 93 -25.52 16.06 -25.00
N ILE L 94 -24.38 16.21 -24.33
CA ILE L 94 -24.25 15.98 -22.89
C ILE L 94 -23.85 17.29 -22.26
N THR L 95 -24.59 17.71 -21.23
CA THR L 95 -24.27 18.93 -20.49
C THR L 95 -24.01 18.57 -19.04
N ILE L 96 -22.75 18.66 -18.62
CA ILE L 96 -22.36 18.47 -17.23
C ILE L 96 -22.17 19.83 -16.61
N SER L 97 -22.84 20.09 -15.50
CA SER L 97 -22.80 21.43 -14.91
C SER L 97 -22.86 21.35 -13.40
N LEU L 98 -22.03 22.15 -12.74
CA LEU L 98 -21.99 22.23 -11.29
C LEU L 98 -23.01 23.27 -10.83
N THR L 99 -23.61 23.02 -9.67
CA THR L 99 -24.61 23.91 -9.10
C THR L 99 -24.14 24.46 -7.78
N ASN L 100 -24.97 25.33 -7.20
CA ASN L 100 -24.93 25.56 -5.77
C ASN L 100 -25.94 24.65 -5.11
N ASP L 101 -25.77 24.42 -3.80
CA ASP L 101 -26.51 23.35 -3.14
C ASP L 101 -28.00 23.66 -2.94
N ALA L 102 -28.43 24.89 -3.21
CA ALA L 102 -29.86 25.14 -3.31
C ALA L 102 -30.48 24.42 -4.50
N GLY L 103 -29.70 24.22 -5.57
CA GLY L 103 -30.15 23.50 -6.72
C GLY L 103 -30.72 24.36 -7.82
N THR L 104 -30.72 25.67 -7.66
CA THR L 104 -31.37 26.54 -8.65
C THR L 104 -30.41 26.91 -9.77
N GLU L 105 -29.25 27.46 -9.44
CA GLU L 105 -28.35 28.04 -10.42
C GLU L 105 -27.41 26.99 -10.98
N LEU L 106 -26.79 27.33 -12.11
CA LEU L 106 -25.67 26.58 -12.66
C LEU L 106 -24.45 27.49 -12.63
N LEU L 107 -23.44 27.10 -11.85
CA LEU L 107 -22.27 27.94 -11.71
C LEU L 107 -21.34 27.82 -12.92
N MET L 108 -20.93 26.61 -13.25
CA MET L 108 -20.02 26.39 -14.36
C MET L 108 -20.50 25.19 -15.16
N THR L 109 -20.63 25.36 -16.46
CA THR L 109 -21.31 24.39 -17.32
C THR L 109 -20.39 23.94 -18.44
N TRP L 110 -20.17 22.63 -18.54
CA TRP L 110 -19.57 22.02 -19.72
C TRP L 110 -20.68 21.49 -20.58
N ASN L 111 -20.54 21.61 -21.90
CA ASN L 111 -21.39 20.86 -22.82
C ASN L 111 -20.51 20.06 -23.76
N VAL L 112 -20.95 18.83 -24.05
CA VAL L 112 -20.23 17.92 -24.92
C VAL L 112 -21.13 17.64 -26.11
N SER L 113 -20.70 18.09 -27.28
CA SER L 113 -21.54 18.09 -28.47
C SER L 113 -21.32 16.83 -29.29
N ASN L 114 -22.44 16.24 -29.74
CA ASN L 114 -22.46 15.07 -30.61
C ASN L 114 -21.72 13.89 -30.01
N ALA L 115 -22.27 13.37 -28.92
CA ALA L 115 -21.70 12.22 -28.23
C ALA L 115 -22.41 10.95 -28.64
N PHE L 116 -21.62 9.90 -28.85
CA PHE L 116 -22.13 8.58 -29.15
C PHE L 116 -21.34 7.57 -28.34
N PRO L 117 -21.98 6.54 -27.83
CA PRO L 117 -21.27 5.64 -26.92
C PRO L 117 -20.53 4.53 -27.65
N THR L 118 -19.23 4.42 -27.43
CA THR L 118 -18.50 3.28 -27.97
C THR L 118 -18.81 2.03 -27.18
N SER L 119 -18.54 2.03 -25.88
CA SER L 119 -18.62 0.83 -25.08
C SER L 119 -19.29 1.11 -23.76
N LEU L 120 -19.99 0.11 -23.23
CA LEU L 120 -20.43 0.14 -21.85
C LEU L 120 -20.07 -1.17 -21.18
N THR L 121 -19.55 -1.10 -19.97
CA THR L 121 -19.10 -2.26 -19.23
C THR L 121 -20.17 -2.63 -18.20
N SER L 122 -20.66 -3.86 -18.30
CA SER L 122 -21.64 -4.37 -17.35
C SER L 122 -21.01 -4.50 -15.96
N PRO L 123 -21.80 -4.44 -14.89
CA PRO L 123 -21.22 -4.42 -13.54
C PRO L 123 -20.49 -5.71 -13.18
N SER L 124 -19.31 -5.53 -12.61
CA SER L 124 -18.45 -6.65 -12.23
C SER L 124 -19.08 -7.35 -11.03
N PHE L 125 -19.73 -8.49 -11.26
CA PHE L 125 -20.40 -9.21 -10.20
C PHE L 125 -19.36 -9.92 -9.35
N ASP L 126 -19.22 -9.48 -8.11
CA ASP L 126 -18.35 -10.13 -7.14
C ASP L 126 -19.21 -10.47 -5.93
N ALA L 127 -19.53 -11.75 -5.77
CA ALA L 127 -20.47 -12.17 -4.74
C ALA L 127 -19.82 -12.31 -3.36
N THR L 128 -18.64 -11.74 -3.15
CA THR L 128 -18.02 -11.63 -1.84
C THR L 128 -17.98 -10.20 -1.35
N SER L 129 -18.96 -9.39 -1.73
CA SER L 129 -18.96 -7.98 -1.36
C SER L 129 -20.39 -7.51 -1.15
N ASN L 130 -20.52 -6.37 -0.49
CA ASN L 130 -21.82 -5.75 -0.21
C ASN L 130 -22.01 -4.47 -1.01
N ASP L 131 -21.22 -4.30 -2.07
CA ASP L 131 -21.14 -3.11 -2.89
C ASP L 131 -22.36 -3.06 -3.84
N ILE L 132 -22.52 -1.93 -4.57
CA ILE L 132 -23.68 -1.72 -5.43
C ILE L 132 -23.30 -1.87 -6.89
N ALA L 133 -24.23 -2.37 -7.71
CA ALA L 133 -23.92 -2.66 -9.10
C ALA L 133 -23.83 -1.38 -9.91
N VAL L 134 -22.63 -1.09 -10.43
CA VAL L 134 -22.37 0.12 -11.21
C VAL L 134 -21.86 -0.26 -12.60
N GLN L 135 -22.35 0.44 -13.62
CA GLN L 135 -22.00 0.14 -15.00
C GLN L 135 -21.43 1.37 -15.68
N GLU L 136 -20.19 1.27 -16.15
CA GLU L 136 -19.61 2.36 -16.92
C GLU L 136 -20.21 2.43 -18.30
N ILE L 137 -20.02 3.55 -18.98
CA ILE L 137 -20.26 3.69 -20.40
C ILE L 137 -19.27 4.74 -20.92
N THR L 138 -18.68 4.46 -22.08
CA THR L 138 -17.58 5.27 -22.59
C THR L 138 -18.06 5.99 -23.84
N LEU L 139 -18.43 7.25 -23.69
CA LEU L 139 -18.77 8.06 -24.84
C LEU L 139 -17.51 8.52 -25.54
N MET L 140 -17.68 9.08 -26.74
CA MET L 140 -16.59 9.69 -27.47
C MET L 140 -17.17 10.79 -28.33
N ALA L 141 -16.67 12.01 -28.18
CA ALA L 141 -17.28 13.13 -28.87
C ALA L 141 -16.24 14.20 -29.17
N ASP L 142 -16.72 15.25 -29.82
CA ASP L 142 -15.88 16.36 -30.22
C ASP L 142 -16.43 17.67 -29.65
N ARG L 143 -15.55 18.67 -29.60
CA ARG L 143 -15.88 20.07 -29.32
C ARG L 143 -16.50 20.25 -27.94
N VAL L 144 -15.68 19.97 -26.93
CA VAL L 144 -16.05 20.23 -25.54
C VAL L 144 -15.63 21.65 -25.19
N ILE L 145 -16.60 22.50 -24.86
CA ILE L 145 -16.31 23.86 -24.43
C ILE L 145 -16.98 24.10 -23.08
N MET L 146 -16.43 25.02 -22.31
CA MET L 146 -16.95 25.39 -21.01
C MET L 146 -17.69 26.72 -21.11
N GLN L 147 -18.85 26.79 -20.46
CA GLN L 147 -19.62 28.03 -20.42
C GLN L 147 -19.45 28.68 -19.06
N ALA L 148 -20.23 29.73 -18.83
CA ALA L 148 -20.23 30.42 -17.55
C ALA L 148 -21.60 31.01 -17.25
#